data_6CUM
# 
_entry.id   6CUM 
# 
_audit_conform.dict_name       mmcif_pdbx.dic 
_audit_conform.dict_version    5.389 
_audit_conform.dict_location   http://mmcif.pdb.org/dictionaries/ascii/mmcif_pdbx.dic 
# 
loop_
_database_2.database_id 
_database_2.database_code 
_database_2.pdbx_database_accession 
_database_2.pdbx_DOI 
PDB   6CUM         pdb_00006cum 10.2210/pdb6cum/pdb 
WWPDB D_1000233421 ?            ?                   
# 
loop_
_pdbx_audit_revision_history.ordinal 
_pdbx_audit_revision_history.data_content_type 
_pdbx_audit_revision_history.major_revision 
_pdbx_audit_revision_history.minor_revision 
_pdbx_audit_revision_history.revision_date 
1 'Structure model' 1 0 2018-04-11 
2 'Structure model' 1 1 2018-09-12 
3 'Structure model' 1 2 2018-09-26 
4 'Structure model' 1 3 2024-03-13 
5 'Structure model' 1 4 2024-04-03 
# 
_pdbx_audit_revision_details.ordinal             1 
_pdbx_audit_revision_details.revision_ordinal    1 
_pdbx_audit_revision_details.data_content_type   'Structure model' 
_pdbx_audit_revision_details.provider            repository 
_pdbx_audit_revision_details.type                'Initial release' 
_pdbx_audit_revision_details.description         ? 
_pdbx_audit_revision_details.details             ? 
# 
loop_
_pdbx_audit_revision_group.ordinal 
_pdbx_audit_revision_group.revision_ordinal 
_pdbx_audit_revision_group.data_content_type 
_pdbx_audit_revision_group.group 
1 2 'Structure model' 'Data collection'        
2 2 'Structure model' 'Database references'    
3 2 'Structure model' 'Derived calculations'   
4 2 'Structure model' 'Structure summary'      
5 3 'Structure model' 'Data collection'        
6 3 'Structure model' 'Database references'    
7 4 'Structure model' 'Data collection'        
8 4 'Structure model' 'Database references'    
9 5 'Structure model' 'Refinement description' 
# 
loop_
_pdbx_audit_revision_category.ordinal 
_pdbx_audit_revision_category.revision_ordinal 
_pdbx_audit_revision_category.data_content_type 
_pdbx_audit_revision_category.category 
1  2 'Structure model' chem_comp                     
2  2 'Structure model' citation                      
3  2 'Structure model' citation_author               
4  2 'Structure model' entity                        
5  2 'Structure model' pdbx_entity_nonpoly           
6  3 'Structure model' citation                      
7  4 'Structure model' chem_comp_atom                
8  4 'Structure model' chem_comp_bond                
9  4 'Structure model' database_2                    
10 5 'Structure model' pdbx_initial_refinement_model 
# 
loop_
_pdbx_audit_revision_item.ordinal 
_pdbx_audit_revision_item.revision_ordinal 
_pdbx_audit_revision_item.data_content_type 
_pdbx_audit_revision_item.item 
1  2 'Structure model' '_chem_comp.name'                     
2  2 'Structure model' '_citation.country'                   
3  2 'Structure model' '_citation.journal_abbrev'            
4  2 'Structure model' '_citation.journal_id_ASTM'           
5  2 'Structure model' '_citation.journal_id_CSD'            
6  2 'Structure model' '_citation.journal_id_ISSN'           
7  2 'Structure model' '_citation.journal_volume'            
8  2 'Structure model' '_citation.pdbx_database_id_DOI'      
9  2 'Structure model' '_citation.title'                     
10 2 'Structure model' '_citation.year'                      
11 2 'Structure model' '_entity.pdbx_description'            
12 2 'Structure model' '_pdbx_entity_nonpoly.name'           
13 3 'Structure model' '_citation.journal_abbrev'            
14 3 'Structure model' '_citation.page_first'                
15 3 'Structure model' '_citation.page_last'                 
16 3 'Structure model' '_citation.pdbx_database_id_PubMed'   
17 3 'Structure model' '_citation.title'                     
18 4 'Structure model' '_database_2.pdbx_DOI'                
19 4 'Structure model' '_database_2.pdbx_database_accession' 
# 
_pdbx_database_status.status_code                     REL 
_pdbx_database_status.status_code_sf                  REL 
_pdbx_database_status.status_code_mr                  ? 
_pdbx_database_status.entry_id                        6CUM 
_pdbx_database_status.recvd_initial_deposition_date   2018-03-26 
_pdbx_database_status.SG_entry                        Y 
_pdbx_database_status.deposit_site                    RCSB 
_pdbx_database_status.process_site                    RCSB 
_pdbx_database_status.status_code_cs                  ? 
_pdbx_database_status.methods_development_category    ? 
_pdbx_database_status.pdb_format_compatible           Y 
_pdbx_database_status.status_code_nmr_data            ? 
# 
_pdbx_database_related.db_name        TargetTrack 
_pdbx_database_related.details        . 
_pdbx_database_related.db_id          SSGCID-MysmA.00200.a 
_pdbx_database_related.content_type   unspecified 
# 
_audit_author.name               'Seattle Structural Genomics Center for Infectious Disease (SSGCID)' 
_audit_author.pdbx_ordinal       1 
_audit_author.identifier_ORCID   ? 
# 
_citation.abstract                  ? 
_citation.abstract_id_CAS           ? 
_citation.book_id_ISBN              ? 
_citation.book_publisher            ? 
_citation.book_publisher_city       ? 
_citation.book_title                ? 
_citation.coordinate_linkage        ? 
_citation.country                   US 
_citation.database_id_Medline       ? 
_citation.details                   ? 
_citation.id                        primary 
_citation.journal_abbrev            'Acta Crystallogr F Struct Biol Commun' 
_citation.journal_id_ASTM           ACSFEN 
_citation.journal_id_CSD            ? 
_citation.journal_id_ISSN           2053-230X 
_citation.journal_full              ? 
_citation.journal_issue             ? 
_citation.journal_volume            74 
_citation.language                  ? 
_citation.page_first                530 
_citation.page_last                 535 
_citation.title                     'Ab initio structure solution of a proteolytic fragment using ARCIMBOLDO.' 
_citation.year                      2018 
_citation.database_id_CSD           ? 
_citation.pdbx_database_id_DOI      10.1107/S2053230X18010063 
_citation.pdbx_database_id_PubMed   30198884 
_citation.unpublished_flag          ? 
# 
loop_
_citation_author.citation_id 
_citation_author.name 
_citation_author.ordinal 
_citation_author.identifier_ORCID 
primary 'Abendroth, J.' 1 ? 
primary 'Sankaran, B.'  2 ? 
primary 'Myler, P.J.'   3 ? 
primary 'Lorimer, D.D.' 4 ? 
primary 'Edwards, T.E.' 5 ? 
# 
loop_
_entity.id 
_entity.type 
_entity.src_method 
_entity.pdbx_description 
_entity.formula_weight 
_entity.pdbx_number_of_molecules 
_entity.pdbx_ec 
_entity.pdbx_mutation 
_entity.pdbx_fragment 
_entity.details 
1 polymer     man 'LAO/AO transport system ATPase' 32667.145 1  2.7.-.- ? ? ? 
2 non-polymer syn 1,2-ETHANEDIOL                   62.068    2  ?       ? ? ? 
3 water       nat water                            18.015    74 ?       ? ? ? 
# 
_entity_poly.entity_id                      1 
_entity_poly.type                           'polypeptide(L)' 
_entity_poly.nstd_linkage                   no 
_entity_poly.nstd_monomer                   no 
_entity_poly.pdbx_seq_one_letter_code       
;MAHHHHHHMGTLEAQTQGPGSMPHGVVDVPELITVARGGSMRAVGRLLTLVESDRRGEVLAALGPATPRVIGVTGPPGAG
KSTTVGAMVGAYRERGLRVAVLAVDPSSPYSGGALLGDRIRMAAHINDPDVLIRSMAARGHLGGLAAAVPAAIRLLAALS
YDLIVLETVGVGQSEIEIAAIADPTVVILNPGAGDAVQAAKAGVLEVADLVVVNKADRDGADQTVRDLRAETDVPVLKLV
AAQGDGLHELIEAIEAHQRADTPERRRARARSQILSLAQTLLRNHADLDRLSAAVADGSSDAYTAAERLFAGSVD
;
_entity_poly.pdbx_seq_one_letter_code_can   
;MAHHHHHHMGTLEAQTQGPGSMPHGVVDVPELITVARGGSMRAVGRLLTLVESDRRGEVLAALGPATPRVIGVTGPPGAG
KSTTVGAMVGAYRERGLRVAVLAVDPSSPYSGGALLGDRIRMAAHINDPDVLIRSMAARGHLGGLAAAVPAAIRLLAALS
YDLIVLETVGVGQSEIEIAAIADPTVVILNPGAGDAVQAAKAGVLEVADLVVVNKADRDGADQTVRDLRAETDVPVLKLV
AAQGDGLHELIEAIEAHQRADTPERRRARARSQILSLAQTLLRNHADLDRLSAAVADGSSDAYTAAERLFAGSVD
;
_entity_poly.pdbx_strand_id                 A 
_entity_poly.pdbx_target_identifier         SSGCID-MysmA.00200.a 
# 
loop_
_pdbx_entity_nonpoly.entity_id 
_pdbx_entity_nonpoly.name 
_pdbx_entity_nonpoly.comp_id 
2 1,2-ETHANEDIOL EDO 
3 water          HOH 
# 
loop_
_entity_poly_seq.entity_id 
_entity_poly_seq.num 
_entity_poly_seq.mon_id 
_entity_poly_seq.hetero 
1 1   MET n 
1 2   ALA n 
1 3   HIS n 
1 4   HIS n 
1 5   HIS n 
1 6   HIS n 
1 7   HIS n 
1 8   HIS n 
1 9   MET n 
1 10  GLY n 
1 11  THR n 
1 12  LEU n 
1 13  GLU n 
1 14  ALA n 
1 15  GLN n 
1 16  THR n 
1 17  GLN n 
1 18  GLY n 
1 19  PRO n 
1 20  GLY n 
1 21  SER n 
1 22  MET n 
1 23  PRO n 
1 24  HIS n 
1 25  GLY n 
1 26  VAL n 
1 27  VAL n 
1 28  ASP n 
1 29  VAL n 
1 30  PRO n 
1 31  GLU n 
1 32  LEU n 
1 33  ILE n 
1 34  THR n 
1 35  VAL n 
1 36  ALA n 
1 37  ARG n 
1 38  GLY n 
1 39  GLY n 
1 40  SER n 
1 41  MET n 
1 42  ARG n 
1 43  ALA n 
1 44  VAL n 
1 45  GLY n 
1 46  ARG n 
1 47  LEU n 
1 48  LEU n 
1 49  THR n 
1 50  LEU n 
1 51  VAL n 
1 52  GLU n 
1 53  SER n 
1 54  ASP n 
1 55  ARG n 
1 56  ARG n 
1 57  GLY n 
1 58  GLU n 
1 59  VAL n 
1 60  LEU n 
1 61  ALA n 
1 62  ALA n 
1 63  LEU n 
1 64  GLY n 
1 65  PRO n 
1 66  ALA n 
1 67  THR n 
1 68  PRO n 
1 69  ARG n 
1 70  VAL n 
1 71  ILE n 
1 72  GLY n 
1 73  VAL n 
1 74  THR n 
1 75  GLY n 
1 76  PRO n 
1 77  PRO n 
1 78  GLY n 
1 79  ALA n 
1 80  GLY n 
1 81  LYS n 
1 82  SER n 
1 83  THR n 
1 84  THR n 
1 85  VAL n 
1 86  GLY n 
1 87  ALA n 
1 88  MET n 
1 89  VAL n 
1 90  GLY n 
1 91  ALA n 
1 92  TYR n 
1 93  ARG n 
1 94  GLU n 
1 95  ARG n 
1 96  GLY n 
1 97  LEU n 
1 98  ARG n 
1 99  VAL n 
1 100 ALA n 
1 101 VAL n 
1 102 LEU n 
1 103 ALA n 
1 104 VAL n 
1 105 ASP n 
1 106 PRO n 
1 107 SER n 
1 108 SER n 
1 109 PRO n 
1 110 TYR n 
1 111 SER n 
1 112 GLY n 
1 113 GLY n 
1 114 ALA n 
1 115 LEU n 
1 116 LEU n 
1 117 GLY n 
1 118 ASP n 
1 119 ARG n 
1 120 ILE n 
1 121 ARG n 
1 122 MET n 
1 123 ALA n 
1 124 ALA n 
1 125 HIS n 
1 126 ILE n 
1 127 ASN n 
1 128 ASP n 
1 129 PRO n 
1 130 ASP n 
1 131 VAL n 
1 132 LEU n 
1 133 ILE n 
1 134 ARG n 
1 135 SER n 
1 136 MET n 
1 137 ALA n 
1 138 ALA n 
1 139 ARG n 
1 140 GLY n 
1 141 HIS n 
1 142 LEU n 
1 143 GLY n 
1 144 GLY n 
1 145 LEU n 
1 146 ALA n 
1 147 ALA n 
1 148 ALA n 
1 149 VAL n 
1 150 PRO n 
1 151 ALA n 
1 152 ALA n 
1 153 ILE n 
1 154 ARG n 
1 155 LEU n 
1 156 LEU n 
1 157 ALA n 
1 158 ALA n 
1 159 LEU n 
1 160 SER n 
1 161 TYR n 
1 162 ASP n 
1 163 LEU n 
1 164 ILE n 
1 165 VAL n 
1 166 LEU n 
1 167 GLU n 
1 168 THR n 
1 169 VAL n 
1 170 GLY n 
1 171 VAL n 
1 172 GLY n 
1 173 GLN n 
1 174 SER n 
1 175 GLU n 
1 176 ILE n 
1 177 GLU n 
1 178 ILE n 
1 179 ALA n 
1 180 ALA n 
1 181 ILE n 
1 182 ALA n 
1 183 ASP n 
1 184 PRO n 
1 185 THR n 
1 186 VAL n 
1 187 VAL n 
1 188 ILE n 
1 189 LEU n 
1 190 ASN n 
1 191 PRO n 
1 192 GLY n 
1 193 ALA n 
1 194 GLY n 
1 195 ASP n 
1 196 ALA n 
1 197 VAL n 
1 198 GLN n 
1 199 ALA n 
1 200 ALA n 
1 201 LYS n 
1 202 ALA n 
1 203 GLY n 
1 204 VAL n 
1 205 LEU n 
1 206 GLU n 
1 207 VAL n 
1 208 ALA n 
1 209 ASP n 
1 210 LEU n 
1 211 VAL n 
1 212 VAL n 
1 213 VAL n 
1 214 ASN n 
1 215 LYS n 
1 216 ALA n 
1 217 ASP n 
1 218 ARG n 
1 219 ASP n 
1 220 GLY n 
1 221 ALA n 
1 222 ASP n 
1 223 GLN n 
1 224 THR n 
1 225 VAL n 
1 226 ARG n 
1 227 ASP n 
1 228 LEU n 
1 229 ARG n 
1 230 ALA n 
1 231 GLU n 
1 232 THR n 
1 233 ASP n 
1 234 VAL n 
1 235 PRO n 
1 236 VAL n 
1 237 LEU n 
1 238 LYS n 
1 239 LEU n 
1 240 VAL n 
1 241 ALA n 
1 242 ALA n 
1 243 GLN n 
1 244 GLY n 
1 245 ASP n 
1 246 GLY n 
1 247 LEU n 
1 248 HIS n 
1 249 GLU n 
1 250 LEU n 
1 251 ILE n 
1 252 GLU n 
1 253 ALA n 
1 254 ILE n 
1 255 GLU n 
1 256 ALA n 
1 257 HIS n 
1 258 GLN n 
1 259 ARG n 
1 260 ALA n 
1 261 ASP n 
1 262 THR n 
1 263 PRO n 
1 264 GLU n 
1 265 ARG n 
1 266 ARG n 
1 267 ARG n 
1 268 ALA n 
1 269 ARG n 
1 270 ALA n 
1 271 ARG n 
1 272 SER n 
1 273 GLN n 
1 274 ILE n 
1 275 LEU n 
1 276 SER n 
1 277 LEU n 
1 278 ALA n 
1 279 GLN n 
1 280 THR n 
1 281 LEU n 
1 282 LEU n 
1 283 ARG n 
1 284 ASN n 
1 285 HIS n 
1 286 ALA n 
1 287 ASP n 
1 288 LEU n 
1 289 ASP n 
1 290 ARG n 
1 291 LEU n 
1 292 SER n 
1 293 ALA n 
1 294 ALA n 
1 295 VAL n 
1 296 ALA n 
1 297 ASP n 
1 298 GLY n 
1 299 SER n 
1 300 SER n 
1 301 ASP n 
1 302 ALA n 
1 303 TYR n 
1 304 THR n 
1 305 ALA n 
1 306 ALA n 
1 307 GLU n 
1 308 ARG n 
1 309 LEU n 
1 310 PHE n 
1 311 ALA n 
1 312 GLY n 
1 313 SER n 
1 314 VAL n 
1 315 ASP n 
# 
_entity_src_gen.entity_id                          1 
_entity_src_gen.pdbx_src_id                        1 
_entity_src_gen.pdbx_alt_source_flag               sample 
_entity_src_gen.pdbx_seq_type                      'Biological sequence' 
_entity_src_gen.pdbx_beg_seq_num                   1 
_entity_src_gen.pdbx_end_seq_num                   315 
_entity_src_gen.gene_src_common_name               ? 
_entity_src_gen.gene_src_genus                     ? 
_entity_src_gen.pdbx_gene_src_gene                 MSMEG_4869 
_entity_src_gen.gene_src_species                   ? 
_entity_src_gen.gene_src_strain                    'ATCC 700084 / mc(2)155' 
_entity_src_gen.gene_src_tissue                    ? 
_entity_src_gen.gene_src_tissue_fraction           ? 
_entity_src_gen.gene_src_details                   ? 
_entity_src_gen.pdbx_gene_src_fragment             ? 
_entity_src_gen.pdbx_gene_src_scientific_name      'Mycobacterium smegmatis (strain ATCC 700084 / mc(2)155)' 
_entity_src_gen.pdbx_gene_src_ncbi_taxonomy_id     246196 
_entity_src_gen.pdbx_gene_src_variant              ? 
_entity_src_gen.pdbx_gene_src_cell_line            ? 
_entity_src_gen.pdbx_gene_src_atcc                 7000084 
_entity_src_gen.pdbx_gene_src_organ                ? 
_entity_src_gen.pdbx_gene_src_organelle            ? 
_entity_src_gen.pdbx_gene_src_cell                 ? 
_entity_src_gen.pdbx_gene_src_cellular_location    ? 
_entity_src_gen.host_org_common_name               ? 
_entity_src_gen.pdbx_host_org_scientific_name      
;Escherichia coli 'BL21-Gold(DE3)pLysS AG'
;
_entity_src_gen.pdbx_host_org_ncbi_taxonomy_id     866768 
_entity_src_gen.host_org_genus                     ? 
_entity_src_gen.pdbx_host_org_gene                 ? 
_entity_src_gen.pdbx_host_org_organ                ? 
_entity_src_gen.host_org_species                   ? 
_entity_src_gen.pdbx_host_org_tissue               ? 
_entity_src_gen.pdbx_host_org_tissue_fraction      ? 
_entity_src_gen.pdbx_host_org_strain               'BL21(DE3)' 
_entity_src_gen.pdbx_host_org_variant              ? 
_entity_src_gen.pdbx_host_org_cell_line            ? 
_entity_src_gen.pdbx_host_org_atcc                 ? 
_entity_src_gen.pdbx_host_org_culture_collection   ? 
_entity_src_gen.pdbx_host_org_cell                 ? 
_entity_src_gen.pdbx_host_org_organelle            ? 
_entity_src_gen.pdbx_host_org_cellular_location    ? 
_entity_src_gen.pdbx_host_org_vector_type          plasmid 
_entity_src_gen.pdbx_host_org_vector               ? 
_entity_src_gen.host_org_details                   ? 
_entity_src_gen.expression_system_id               ? 
_entity_src_gen.plasmid_name                       MysmA.00200.a.A1 
_entity_src_gen.plasmid_details                    ? 
_entity_src_gen.pdbx_description                   ? 
# 
loop_
_chem_comp.id 
_chem_comp.type 
_chem_comp.mon_nstd_flag 
_chem_comp.name 
_chem_comp.pdbx_synonyms 
_chem_comp.formula 
_chem_comp.formula_weight 
ALA 'L-peptide linking' y ALANINE         ?                 'C3 H7 N O2'     89.093  
ARG 'L-peptide linking' y ARGININE        ?                 'C6 H15 N4 O2 1' 175.209 
ASN 'L-peptide linking' y ASPARAGINE      ?                 'C4 H8 N2 O3'    132.118 
ASP 'L-peptide linking' y 'ASPARTIC ACID' ?                 'C4 H7 N O4'     133.103 
EDO non-polymer         . 1,2-ETHANEDIOL  'ETHYLENE GLYCOL' 'C2 H6 O2'       62.068  
GLN 'L-peptide linking' y GLUTAMINE       ?                 'C5 H10 N2 O3'   146.144 
GLU 'L-peptide linking' y 'GLUTAMIC ACID' ?                 'C5 H9 N O4'     147.129 
GLY 'peptide linking'   y GLYCINE         ?                 'C2 H5 N O2'     75.067  
HIS 'L-peptide linking' y HISTIDINE       ?                 'C6 H10 N3 O2 1' 156.162 
HOH non-polymer         . WATER           ?                 'H2 O'           18.015  
ILE 'L-peptide linking' y ISOLEUCINE      ?                 'C6 H13 N O2'    131.173 
LEU 'L-peptide linking' y LEUCINE         ?                 'C6 H13 N O2'    131.173 
LYS 'L-peptide linking' y LYSINE          ?                 'C6 H15 N2 O2 1' 147.195 
MET 'L-peptide linking' y METHIONINE      ?                 'C5 H11 N O2 S'  149.211 
PHE 'L-peptide linking' y PHENYLALANINE   ?                 'C9 H11 N O2'    165.189 
PRO 'L-peptide linking' y PROLINE         ?                 'C5 H9 N O2'     115.130 
SER 'L-peptide linking' y SERINE          ?                 'C3 H7 N O3'     105.093 
THR 'L-peptide linking' y THREONINE       ?                 'C4 H9 N O3'     119.119 
TYR 'L-peptide linking' y TYROSINE        ?                 'C9 H11 N O3'    181.189 
VAL 'L-peptide linking' y VALINE          ?                 'C5 H11 N O2'    117.146 
# 
loop_
_pdbx_poly_seq_scheme.asym_id 
_pdbx_poly_seq_scheme.entity_id 
_pdbx_poly_seq_scheme.seq_id 
_pdbx_poly_seq_scheme.mon_id 
_pdbx_poly_seq_scheme.ndb_seq_num 
_pdbx_poly_seq_scheme.pdb_seq_num 
_pdbx_poly_seq_scheme.auth_seq_num 
_pdbx_poly_seq_scheme.pdb_mon_id 
_pdbx_poly_seq_scheme.auth_mon_id 
_pdbx_poly_seq_scheme.pdb_strand_id 
_pdbx_poly_seq_scheme.pdb_ins_code 
_pdbx_poly_seq_scheme.hetero 
A 1 1   MET 1   -20 ?   ?   ?   A . n 
A 1 2   ALA 2   -19 ?   ?   ?   A . n 
A 1 3   HIS 3   -18 ?   ?   ?   A . n 
A 1 4   HIS 4   -17 ?   ?   ?   A . n 
A 1 5   HIS 5   -16 ?   ?   ?   A . n 
A 1 6   HIS 6   -15 ?   ?   ?   A . n 
A 1 7   HIS 7   -14 ?   ?   ?   A . n 
A 1 8   HIS 8   -13 ?   ?   ?   A . n 
A 1 9   MET 9   -12 ?   ?   ?   A . n 
A 1 10  GLY 10  -11 ?   ?   ?   A . n 
A 1 11  THR 11  -10 ?   ?   ?   A . n 
A 1 12  LEU 12  -9  ?   ?   ?   A . n 
A 1 13  GLU 13  -8  ?   ?   ?   A . n 
A 1 14  ALA 14  -7  ?   ?   ?   A . n 
A 1 15  GLN 15  -6  ?   ?   ?   A . n 
A 1 16  THR 16  -5  ?   ?   ?   A . n 
A 1 17  GLN 17  -4  ?   ?   ?   A . n 
A 1 18  GLY 18  -3  ?   ?   ?   A . n 
A 1 19  PRO 19  -2  ?   ?   ?   A . n 
A 1 20  GLY 20  -1  ?   ?   ?   A . n 
A 1 21  SER 21  0   ?   ?   ?   A . n 
A 1 22  MET 22  1   ?   ?   ?   A . n 
A 1 23  PRO 23  2   ?   ?   ?   A . n 
A 1 24  HIS 24  3   ?   ?   ?   A . n 
A 1 25  GLY 25  4   ?   ?   ?   A . n 
A 1 26  VAL 26  5   ?   ?   ?   A . n 
A 1 27  VAL 27  6   ?   ?   ?   A . n 
A 1 28  ASP 28  7   ?   ?   ?   A . n 
A 1 29  VAL 29  8   ?   ?   ?   A . n 
A 1 30  PRO 30  9   ?   ?   ?   A . n 
A 1 31  GLU 31  10  ?   ?   ?   A . n 
A 1 32  LEU 32  11  ?   ?   ?   A . n 
A 1 33  ILE 33  12  ?   ?   ?   A . n 
A 1 34  THR 34  13  ?   ?   ?   A . n 
A 1 35  VAL 35  14  ?   ?   ?   A . n 
A 1 36  ALA 36  15  ?   ?   ?   A . n 
A 1 37  ARG 37  16  ?   ?   ?   A . n 
A 1 38  GLY 38  17  ?   ?   ?   A . n 
A 1 39  GLY 39  18  ?   ?   ?   A . n 
A 1 40  SER 40  19  ?   ?   ?   A . n 
A 1 41  MET 41  20  ?   ?   ?   A . n 
A 1 42  ARG 42  21  ?   ?   ?   A . n 
A 1 43  ALA 43  22  ?   ?   ?   A . n 
A 1 44  VAL 44  23  ?   ?   ?   A . n 
A 1 45  GLY 45  24  ?   ?   ?   A . n 
A 1 46  ARG 46  25  ?   ?   ?   A . n 
A 1 47  LEU 47  26  ?   ?   ?   A . n 
A 1 48  LEU 48  27  ?   ?   ?   A . n 
A 1 49  THR 49  28  ?   ?   ?   A . n 
A 1 50  LEU 50  29  ?   ?   ?   A . n 
A 1 51  VAL 51  30  ?   ?   ?   A . n 
A 1 52  GLU 52  31  ?   ?   ?   A . n 
A 1 53  SER 53  32  ?   ?   ?   A . n 
A 1 54  ASP 54  33  ?   ?   ?   A . n 
A 1 55  ARG 55  34  ?   ?   ?   A . n 
A 1 56  ARG 56  35  ?   ?   ?   A . n 
A 1 57  GLY 57  36  ?   ?   ?   A . n 
A 1 58  GLU 58  37  ?   ?   ?   A . n 
A 1 59  VAL 59  38  ?   ?   ?   A . n 
A 1 60  LEU 60  39  ?   ?   ?   A . n 
A 1 61  ALA 61  40  ?   ?   ?   A . n 
A 1 62  ALA 62  41  ?   ?   ?   A . n 
A 1 63  LEU 63  42  ?   ?   ?   A . n 
A 1 64  GLY 64  43  ?   ?   ?   A . n 
A 1 65  PRO 65  44  ?   ?   ?   A . n 
A 1 66  ALA 66  45  ?   ?   ?   A . n 
A 1 67  THR 67  46  ?   ?   ?   A . n 
A 1 68  PRO 68  47  ?   ?   ?   A . n 
A 1 69  ARG 69  48  ?   ?   ?   A . n 
A 1 70  VAL 70  49  ?   ?   ?   A . n 
A 1 71  ILE 71  50  ?   ?   ?   A . n 
A 1 72  GLY 72  51  ?   ?   ?   A . n 
A 1 73  VAL 73  52  ?   ?   ?   A . n 
A 1 74  THR 74  53  ?   ?   ?   A . n 
A 1 75  GLY 75  54  ?   ?   ?   A . n 
A 1 76  PRO 76  55  ?   ?   ?   A . n 
A 1 77  PRO 77  56  ?   ?   ?   A . n 
A 1 78  GLY 78  57  ?   ?   ?   A . n 
A 1 79  ALA 79  58  ?   ?   ?   A . n 
A 1 80  GLY 80  59  ?   ?   ?   A . n 
A 1 81  LYS 81  60  ?   ?   ?   A . n 
A 1 82  SER 82  61  ?   ?   ?   A . n 
A 1 83  THR 83  62  ?   ?   ?   A . n 
A 1 84  THR 84  63  ?   ?   ?   A . n 
A 1 85  VAL 85  64  ?   ?   ?   A . n 
A 1 86  GLY 86  65  ?   ?   ?   A . n 
A 1 87  ALA 87  66  ?   ?   ?   A . n 
A 1 88  MET 88  67  ?   ?   ?   A . n 
A 1 89  VAL 89  68  ?   ?   ?   A . n 
A 1 90  GLY 90  69  ?   ?   ?   A . n 
A 1 91  ALA 91  70  ?   ?   ?   A . n 
A 1 92  TYR 92  71  ?   ?   ?   A . n 
A 1 93  ARG 93  72  ?   ?   ?   A . n 
A 1 94  GLU 94  73  ?   ?   ?   A . n 
A 1 95  ARG 95  74  ?   ?   ?   A . n 
A 1 96  GLY 96  75  ?   ?   ?   A . n 
A 1 97  LEU 97  76  ?   ?   ?   A . n 
A 1 98  ARG 98  77  ?   ?   ?   A . n 
A 1 99  VAL 99  78  ?   ?   ?   A . n 
A 1 100 ALA 100 79  ?   ?   ?   A . n 
A 1 101 VAL 101 80  ?   ?   ?   A . n 
A 1 102 LEU 102 81  ?   ?   ?   A . n 
A 1 103 ALA 103 82  ?   ?   ?   A . n 
A 1 104 VAL 104 83  ?   ?   ?   A . n 
A 1 105 ASP 105 84  ?   ?   ?   A . n 
A 1 106 PRO 106 85  ?   ?   ?   A . n 
A 1 107 SER 107 86  ?   ?   ?   A . n 
A 1 108 SER 108 87  ?   ?   ?   A . n 
A 1 109 PRO 109 88  ?   ?   ?   A . n 
A 1 110 TYR 110 89  ?   ?   ?   A . n 
A 1 111 SER 111 90  ?   ?   ?   A . n 
A 1 112 GLY 112 91  ?   ?   ?   A . n 
A 1 113 GLY 113 92  ?   ?   ?   A . n 
A 1 114 ALA 114 93  ?   ?   ?   A . n 
A 1 115 LEU 115 94  ?   ?   ?   A . n 
A 1 116 LEU 116 95  ?   ?   ?   A . n 
A 1 117 GLY 117 96  ?   ?   ?   A . n 
A 1 118 ASP 118 97  ?   ?   ?   A . n 
A 1 119 ARG 119 98  ?   ?   ?   A . n 
A 1 120 ILE 120 99  ?   ?   ?   A . n 
A 1 121 ARG 121 100 ?   ?   ?   A . n 
A 1 122 MET 122 101 ?   ?   ?   A . n 
A 1 123 ALA 123 102 ?   ?   ?   A . n 
A 1 124 ALA 124 103 ?   ?   ?   A . n 
A 1 125 HIS 125 104 ?   ?   ?   A . n 
A 1 126 ILE 126 105 ?   ?   ?   A . n 
A 1 127 ASN 127 106 ?   ?   ?   A . n 
A 1 128 ASP 128 107 ?   ?   ?   A . n 
A 1 129 PRO 129 108 ?   ?   ?   A . n 
A 1 130 ASP 130 109 ?   ?   ?   A . n 
A 1 131 VAL 131 110 ?   ?   ?   A . n 
A 1 132 LEU 132 111 ?   ?   ?   A . n 
A 1 133 ILE 133 112 ?   ?   ?   A . n 
A 1 134 ARG 134 113 ?   ?   ?   A . n 
A 1 135 SER 135 114 ?   ?   ?   A . n 
A 1 136 MET 136 115 ?   ?   ?   A . n 
A 1 137 ALA 137 116 ?   ?   ?   A . n 
A 1 138 ALA 138 117 ?   ?   ?   A . n 
A 1 139 ARG 139 118 ?   ?   ?   A . n 
A 1 140 GLY 140 119 ?   ?   ?   A . n 
A 1 141 HIS 141 120 ?   ?   ?   A . n 
A 1 142 LEU 142 121 ?   ?   ?   A . n 
A 1 143 GLY 143 122 ?   ?   ?   A . n 
A 1 144 GLY 144 123 ?   ?   ?   A . n 
A 1 145 LEU 145 124 ?   ?   ?   A . n 
A 1 146 ALA 146 125 ?   ?   ?   A . n 
A 1 147 ALA 147 126 ?   ?   ?   A . n 
A 1 148 ALA 148 127 ?   ?   ?   A . n 
A 1 149 VAL 149 128 ?   ?   ?   A . n 
A 1 150 PRO 150 129 ?   ?   ?   A . n 
A 1 151 ALA 151 130 ?   ?   ?   A . n 
A 1 152 ALA 152 131 ?   ?   ?   A . n 
A 1 153 ILE 153 132 ?   ?   ?   A . n 
A 1 154 ARG 154 133 ?   ?   ?   A . n 
A 1 155 LEU 155 134 ?   ?   ?   A . n 
A 1 156 LEU 156 135 ?   ?   ?   A . n 
A 1 157 ALA 157 136 ?   ?   ?   A . n 
A 1 158 ALA 158 137 ?   ?   ?   A . n 
A 1 159 LEU 159 138 ?   ?   ?   A . n 
A 1 160 SER 160 139 ?   ?   ?   A . n 
A 1 161 TYR 161 140 ?   ?   ?   A . n 
A 1 162 ASP 162 141 ?   ?   ?   A . n 
A 1 163 LEU 163 142 ?   ?   ?   A . n 
A 1 164 ILE 164 143 ?   ?   ?   A . n 
A 1 165 VAL 165 144 ?   ?   ?   A . n 
A 1 166 LEU 166 145 ?   ?   ?   A . n 
A 1 167 GLU 167 146 ?   ?   ?   A . n 
A 1 168 THR 168 147 ?   ?   ?   A . n 
A 1 169 VAL 169 148 ?   ?   ?   A . n 
A 1 170 GLY 170 149 ?   ?   ?   A . n 
A 1 171 VAL 171 150 ?   ?   ?   A . n 
A 1 172 GLY 172 151 ?   ?   ?   A . n 
A 1 173 GLN 173 152 ?   ?   ?   A . n 
A 1 174 SER 174 153 ?   ?   ?   A . n 
A 1 175 GLU 175 154 ?   ?   ?   A . n 
A 1 176 ILE 176 155 ?   ?   ?   A . n 
A 1 177 GLU 177 156 ?   ?   ?   A . n 
A 1 178 ILE 178 157 ?   ?   ?   A . n 
A 1 179 ALA 179 158 ?   ?   ?   A . n 
A 1 180 ALA 180 159 ?   ?   ?   A . n 
A 1 181 ILE 181 160 ?   ?   ?   A . n 
A 1 182 ALA 182 161 ?   ?   ?   A . n 
A 1 183 ASP 183 162 ?   ?   ?   A . n 
A 1 184 PRO 184 163 ?   ?   ?   A . n 
A 1 185 THR 185 164 ?   ?   ?   A . n 
A 1 186 VAL 186 165 ?   ?   ?   A . n 
A 1 187 VAL 187 166 ?   ?   ?   A . n 
A 1 188 ILE 188 167 ?   ?   ?   A . n 
A 1 189 LEU 189 168 ?   ?   ?   A . n 
A 1 190 ASN 190 169 ?   ?   ?   A . n 
A 1 191 PRO 191 170 ?   ?   ?   A . n 
A 1 192 GLY 192 171 ?   ?   ?   A . n 
A 1 193 ALA 193 172 ?   ?   ?   A . n 
A 1 194 GLY 194 173 ?   ?   ?   A . n 
A 1 195 ASP 195 174 ?   ?   ?   A . n 
A 1 196 ALA 196 175 ?   ?   ?   A . n 
A 1 197 VAL 197 176 ?   ?   ?   A . n 
A 1 198 GLN 198 177 ?   ?   ?   A . n 
A 1 199 ALA 199 178 ?   ?   ?   A . n 
A 1 200 ALA 200 179 ?   ?   ?   A . n 
A 1 201 LYS 201 180 ?   ?   ?   A . n 
A 1 202 ALA 202 181 ?   ?   ?   A . n 
A 1 203 GLY 203 182 ?   ?   ?   A . n 
A 1 204 VAL 204 183 ?   ?   ?   A . n 
A 1 205 LEU 205 184 ?   ?   ?   A . n 
A 1 206 GLU 206 185 ?   ?   ?   A . n 
A 1 207 VAL 207 186 ?   ?   ?   A . n 
A 1 208 ALA 208 187 ?   ?   ?   A . n 
A 1 209 ASP 209 188 ?   ?   ?   A . n 
A 1 210 LEU 210 189 ?   ?   ?   A . n 
A 1 211 VAL 211 190 ?   ?   ?   A . n 
A 1 212 VAL 212 191 ?   ?   ?   A . n 
A 1 213 VAL 213 192 ?   ?   ?   A . n 
A 1 214 ASN 214 193 ?   ?   ?   A . n 
A 1 215 LYS 215 194 ?   ?   ?   A . n 
A 1 216 ALA 216 195 ?   ?   ?   A . n 
A 1 217 ASP 217 196 ?   ?   ?   A . n 
A 1 218 ARG 218 197 ?   ?   ?   A . n 
A 1 219 ASP 219 198 ?   ?   ?   A . n 
A 1 220 GLY 220 199 ?   ?   ?   A . n 
A 1 221 ALA 221 200 ?   ?   ?   A . n 
A 1 222 ASP 222 201 ?   ?   ?   A . n 
A 1 223 GLN 223 202 ?   ?   ?   A . n 
A 1 224 THR 224 203 ?   ?   ?   A . n 
A 1 225 VAL 225 204 ?   ?   ?   A . n 
A 1 226 ARG 226 205 ?   ?   ?   A . n 
A 1 227 ASP 227 206 ?   ?   ?   A . n 
A 1 228 LEU 228 207 ?   ?   ?   A . n 
A 1 229 ARG 229 208 ?   ?   ?   A . n 
A 1 230 ALA 230 209 ?   ?   ?   A . n 
A 1 231 GLU 231 210 ?   ?   ?   A . n 
A 1 232 THR 232 211 ?   ?   ?   A . n 
A 1 233 ASP 233 212 ?   ?   ?   A . n 
A 1 234 VAL 234 213 ?   ?   ?   A . n 
A 1 235 PRO 235 214 ?   ?   ?   A . n 
A 1 236 VAL 236 215 ?   ?   ?   A . n 
A 1 237 LEU 237 216 ?   ?   ?   A . n 
A 1 238 LYS 238 217 ?   ?   ?   A . n 
A 1 239 LEU 239 218 ?   ?   ?   A . n 
A 1 240 VAL 240 219 ?   ?   ?   A . n 
A 1 241 ALA 241 220 ?   ?   ?   A . n 
A 1 242 ALA 242 221 ?   ?   ?   A . n 
A 1 243 GLN 243 222 ?   ?   ?   A . n 
A 1 244 GLY 244 223 ?   ?   ?   A . n 
A 1 245 ASP 245 224 ?   ?   ?   A . n 
A 1 246 GLY 246 225 ?   ?   ?   A . n 
A 1 247 LEU 247 226 ?   ?   ?   A . n 
A 1 248 HIS 248 227 ?   ?   ?   A . n 
A 1 249 GLU 249 228 ?   ?   ?   A . n 
A 1 250 LEU 250 229 ?   ?   ?   A . n 
A 1 251 ILE 251 230 ?   ?   ?   A . n 
A 1 252 GLU 252 231 ?   ?   ?   A . n 
A 1 253 ALA 253 232 ?   ?   ?   A . n 
A 1 254 ILE 254 233 ?   ?   ?   A . n 
A 1 255 GLU 255 234 ?   ?   ?   A . n 
A 1 256 ALA 256 235 ?   ?   ?   A . n 
A 1 257 HIS 257 236 ?   ?   ?   A . n 
A 1 258 GLN 258 237 ?   ?   ?   A . n 
A 1 259 ARG 259 238 ?   ?   ?   A . n 
A 1 260 ALA 260 239 ?   ?   ?   A . n 
A 1 261 ASP 261 240 240 ASP ASP A . n 
A 1 262 THR 262 241 241 THR THR A . n 
A 1 263 PRO 263 242 242 PRO PRO A . n 
A 1 264 GLU 264 243 243 GLU GLU A . n 
A 1 265 ARG 265 244 244 ARG ARG A . n 
A 1 266 ARG 266 245 245 ARG ARG A . n 
A 1 267 ARG 267 246 246 ARG ARG A . n 
A 1 268 ALA 268 247 247 ALA ALA A . n 
A 1 269 ARG 269 248 248 ARG ARG A . n 
A 1 270 ALA 270 249 249 ALA ALA A . n 
A 1 271 ARG 271 250 250 ARG ARG A . n 
A 1 272 SER 272 251 251 SER SER A . n 
A 1 273 GLN 273 252 252 GLN GLN A . n 
A 1 274 ILE 274 253 253 ILE ILE A . n 
A 1 275 LEU 275 254 254 LEU LEU A . n 
A 1 276 SER 276 255 255 SER SER A . n 
A 1 277 LEU 277 256 256 LEU LEU A . n 
A 1 278 ALA 278 257 257 ALA ALA A . n 
A 1 279 GLN 279 258 258 GLN GLN A . n 
A 1 280 THR 280 259 259 THR THR A . n 
A 1 281 LEU 281 260 260 LEU LEU A . n 
A 1 282 LEU 282 261 261 LEU LEU A . n 
A 1 283 ARG 283 262 262 ARG ARG A . n 
A 1 284 ASN 284 263 263 ASN ASN A . n 
A 1 285 HIS 285 264 264 HIS HIS A . n 
A 1 286 ALA 286 265 265 ALA ALA A . n 
A 1 287 ASP 287 266 266 ASP ASP A . n 
A 1 288 LEU 288 267 267 LEU LEU A . n 
A 1 289 ASP 289 268 268 ASP ASP A . n 
A 1 290 ARG 290 269 269 ARG ARG A . n 
A 1 291 LEU 291 270 270 LEU LEU A . n 
A 1 292 SER 292 271 271 SER SER A . n 
A 1 293 ALA 293 272 272 ALA ALA A . n 
A 1 294 ALA 294 273 273 ALA ALA A . n 
A 1 295 VAL 295 274 274 VAL VAL A . n 
A 1 296 ALA 296 275 275 ALA ALA A . n 
A 1 297 ASP 297 276 276 ASP ASP A . n 
A 1 298 GLY 298 277 277 GLY GLY A . n 
A 1 299 SER 299 278 278 SER SER A . n 
A 1 300 SER 300 279 279 SER SER A . n 
A 1 301 ASP 301 280 280 ASP ASP A . n 
A 1 302 ALA 302 281 281 ALA ALA A . n 
A 1 303 TYR 303 282 282 TYR TYR A . n 
A 1 304 THR 304 283 283 THR THR A . n 
A 1 305 ALA 305 284 284 ALA ALA A . n 
A 1 306 ALA 306 285 285 ALA ALA A . n 
A 1 307 GLU 307 286 286 GLU GLU A . n 
A 1 308 ARG 308 287 287 ARG ARG A . n 
A 1 309 LEU 309 288 288 LEU LEU A . n 
A 1 310 PHE 310 289 289 PHE PHE A . n 
A 1 311 ALA 311 290 290 ALA ALA A . n 
A 1 312 GLY 312 291 ?   ?   ?   A . n 
A 1 313 SER 313 292 ?   ?   ?   A . n 
A 1 314 VAL 314 293 ?   ?   ?   A . n 
A 1 315 ASP 315 294 ?   ?   ?   A . n 
# 
loop_
_pdbx_nonpoly_scheme.asym_id 
_pdbx_nonpoly_scheme.entity_id 
_pdbx_nonpoly_scheme.mon_id 
_pdbx_nonpoly_scheme.ndb_seq_num 
_pdbx_nonpoly_scheme.pdb_seq_num 
_pdbx_nonpoly_scheme.auth_seq_num 
_pdbx_nonpoly_scheme.pdb_mon_id 
_pdbx_nonpoly_scheme.auth_mon_id 
_pdbx_nonpoly_scheme.pdb_strand_id 
_pdbx_nonpoly_scheme.pdb_ins_code 
B 2 EDO 1  301 3  EDO EDO A . 
C 2 EDO 1  302 5  EDO EDO A . 
D 3 HOH 1  401 86 HOH HOH A . 
D 3 HOH 2  402 28 HOH HOH A . 
D 3 HOH 3  403 44 HOH HOH A . 
D 3 HOH 4  404 35 HOH HOH A . 
D 3 HOH 5  405 19 HOH HOH A . 
D 3 HOH 6  406 54 HOH HOH A . 
D 3 HOH 7  407 67 HOH HOH A . 
D 3 HOH 8  408 47 HOH HOH A . 
D 3 HOH 9  409 43 HOH HOH A . 
D 3 HOH 10 410 39 HOH HOH A . 
D 3 HOH 11 411 45 HOH HOH A . 
D 3 HOH 12 412 37 HOH HOH A . 
D 3 HOH 13 413 11 HOH HOH A . 
D 3 HOH 14 414 22 HOH HOH A . 
D 3 HOH 15 415 4  HOH HOH A . 
D 3 HOH 16 416 1  HOH HOH A . 
D 3 HOH 17 417 9  HOH HOH A . 
D 3 HOH 18 418 23 HOH HOH A . 
D 3 HOH 19 419 2  HOH HOH A . 
D 3 HOH 20 420 24 HOH HOH A . 
D 3 HOH 21 421 3  HOH HOH A . 
D 3 HOH 22 422 14 HOH HOH A . 
D 3 HOH 23 423 38 HOH HOH A . 
D 3 HOH 24 424 77 HOH HOH A . 
D 3 HOH 25 425 17 HOH HOH A . 
D 3 HOH 26 426 49 HOH HOH A . 
D 3 HOH 27 427 29 HOH HOH A . 
D 3 HOH 28 428 89 HOH HOH A . 
D 3 HOH 29 429 5  HOH HOH A . 
D 3 HOH 30 430 13 HOH HOH A . 
D 3 HOH 31 431 8  HOH HOH A . 
D 3 HOH 32 432 16 HOH HOH A . 
D 3 HOH 33 433 46 HOH HOH A . 
D 3 HOH 34 434 12 HOH HOH A . 
D 3 HOH 35 435 27 HOH HOH A . 
D 3 HOH 36 436 20 HOH HOH A . 
D 3 HOH 37 437 10 HOH HOH A . 
D 3 HOH 38 438 42 HOH HOH A . 
D 3 HOH 39 439 88 HOH HOH A . 
D 3 HOH 40 440 82 HOH HOH A . 
D 3 HOH 41 441 94 HOH HOH A . 
D 3 HOH 42 442 52 HOH HOH A . 
D 3 HOH 43 443 72 HOH HOH A . 
D 3 HOH 44 444 60 HOH HOH A . 
D 3 HOH 45 445 93 HOH HOH A . 
D 3 HOH 46 446 75 HOH HOH A . 
D 3 HOH 47 447 32 HOH HOH A . 
D 3 HOH 48 448 83 HOH HOH A . 
D 3 HOH 49 449 92 HOH HOH A . 
D 3 HOH 50 450 78 HOH HOH A . 
D 3 HOH 51 451 80 HOH HOH A . 
D 3 HOH 52 452 30 HOH HOH A . 
D 3 HOH 53 453 50 HOH HOH A . 
D 3 HOH 54 454 58 HOH HOH A . 
D 3 HOH 55 455 59 HOH HOH A . 
D 3 HOH 56 456 57 HOH HOH A . 
D 3 HOH 57 457 33 HOH HOH A . 
D 3 HOH 58 458 56 HOH HOH A . 
D 3 HOH 59 459 18 HOH HOH A . 
D 3 HOH 60 460 69 HOH HOH A . 
D 3 HOH 61 461 91 HOH HOH A . 
D 3 HOH 62 462 7  HOH HOH A . 
D 3 HOH 63 463 36 HOH HOH A . 
D 3 HOH 64 464 68 HOH HOH A . 
D 3 HOH 65 465 21 HOH HOH A . 
D 3 HOH 66 466 63 HOH HOH A . 
D 3 HOH 67 467 62 HOH HOH A . 
D 3 HOH 68 468 95 HOH HOH A . 
D 3 HOH 69 469 81 HOH HOH A . 
D 3 HOH 70 470 79 HOH HOH A . 
D 3 HOH 71 471 70 HOH HOH A . 
D 3 HOH 72 472 90 HOH HOH A . 
D 3 HOH 73 473 15 HOH HOH A . 
D 3 HOH 74 474 34 HOH HOH A . 
# 
loop_
_pdbx_unobs_or_zero_occ_atoms.id 
_pdbx_unobs_or_zero_occ_atoms.PDB_model_num 
_pdbx_unobs_or_zero_occ_atoms.polymer_flag 
_pdbx_unobs_or_zero_occ_atoms.occupancy_flag 
_pdbx_unobs_or_zero_occ_atoms.auth_asym_id 
_pdbx_unobs_or_zero_occ_atoms.auth_comp_id 
_pdbx_unobs_or_zero_occ_atoms.auth_seq_id 
_pdbx_unobs_or_zero_occ_atoms.PDB_ins_code 
_pdbx_unobs_or_zero_occ_atoms.auth_atom_id 
_pdbx_unobs_or_zero_occ_atoms.label_alt_id 
_pdbx_unobs_or_zero_occ_atoms.label_asym_id 
_pdbx_unobs_or_zero_occ_atoms.label_comp_id 
_pdbx_unobs_or_zero_occ_atoms.label_seq_id 
_pdbx_unobs_or_zero_occ_atoms.label_atom_id 
1 1 Y 1 A ASP 240 ? CG  ? A ASP 261 CG  
2 1 Y 1 A ASP 240 ? OD1 ? A ASP 261 OD1 
3 1 Y 1 A ASP 240 ? OD2 ? A ASP 261 OD2 
4 1 Y 1 A ARG 244 ? CG  ? A ARG 265 CG  
5 1 Y 1 A ARG 244 ? CD  ? A ARG 265 CD  
6 1 Y 1 A ARG 244 ? NE  ? A ARG 265 NE  
7 1 Y 1 A ARG 244 ? CZ  ? A ARG 265 CZ  
8 1 Y 1 A ARG 244 ? NH1 ? A ARG 265 NH1 
9 1 Y 1 A ARG 244 ? NH2 ? A ARG 265 NH2 
# 
loop_
_software.citation_id 
_software.classification 
_software.compiler_name 
_software.compiler_version 
_software.contact_author 
_software.contact_author_email 
_software.date 
_software.description 
_software.dependencies 
_software.hardware 
_software.language 
_software.location 
_software.mods 
_software.name 
_software.os 
_software.os_version 
_software.type 
_software.version 
_software.pdbx_ordinal 
? 'data reduction'  ? ? ? ? ? ? ? ? ? ? ? XDS         ? ? ? .            1 
? 'data scaling'    ? ? ? ? ? ? ? ? ? ? ? XSCALE      ? ? ? .            2 
? refinement        ? ? ? ? ? ? ? ? ? ? ? PHENIX      ? ? ? '(dev_3063)' 3 
? 'data extraction' ? ? ? ? ? ? ? ? ? ? ? PDB_EXTRACT ? ? ? 3.24         4 
? phasing           ? ? ? ? ? ? ? ? ? ? ? Arcimboldo  ? ? ? .            5 
? phasing           ? ? ? ? ? ? ? ? ? ? ? PHASER      ? ? ? .            6 
? 'model building'  ? ? ? ? ? ? ? ? ? ? ? ARP/wARP    ? ? ? .            7 
? 'model building'  ? ? ? ? ? ? ? ? ? ? ? Coot        ? ? ? .            8 
# 
_cell.angle_alpha                  90.000 
_cell.angle_alpha_esd              ? 
_cell.angle_beta                   90.000 
_cell.angle_beta_esd               ? 
_cell.angle_gamma                  120.000 
_cell.angle_gamma_esd              ? 
_cell.entry_id                     6CUM 
_cell.details                      ? 
_cell.formula_units_Z              ? 
_cell.length_a                     48.530 
_cell.length_a_esd                 ? 
_cell.length_b                     48.530 
_cell.length_b_esd                 ? 
_cell.length_c                     54.820 
_cell.length_c_esd                 ? 
_cell.volume                       ? 
_cell.volume_esd                   ? 
_cell.Z_PDB                        6 
_cell.reciprocal_angle_alpha       ? 
_cell.reciprocal_angle_beta        ? 
_cell.reciprocal_angle_gamma       ? 
_cell.reciprocal_angle_alpha_esd   ? 
_cell.reciprocal_angle_beta_esd    ? 
_cell.reciprocal_angle_gamma_esd   ? 
_cell.reciprocal_length_a          ? 
_cell.reciprocal_length_b          ? 
_cell.reciprocal_length_c          ? 
_cell.reciprocal_length_a_esd      ? 
_cell.reciprocal_length_b_esd      ? 
_cell.reciprocal_length_c_esd      ? 
_cell.pdbx_unique_axis             ? 
# 
_symmetry.entry_id                         6CUM 
_symmetry.cell_setting                     ? 
_symmetry.Int_Tables_number                152 
_symmetry.space_group_name_Hall            ? 
_symmetry.space_group_name_H-M             'P 31 2 1' 
_symmetry.pdbx_full_space_group_name_H-M   ? 
# 
_exptl.absorpt_coefficient_mu     ? 
_exptl.absorpt_correction_T_max   ? 
_exptl.absorpt_correction_T_min   ? 
_exptl.absorpt_correction_type    ? 
_exptl.absorpt_process_details    ? 
_exptl.entry_id                   6CUM 
_exptl.crystals_number            1 
_exptl.details                    ? 
_exptl.method                     'X-RAY DIFFRACTION' 
_exptl.method_details             ? 
# 
_exptl_crystal.colour                      ? 
_exptl_crystal.density_diffrn              ? 
_exptl_crystal.density_Matthews            3.01 
_exptl_crystal.density_method              ? 
_exptl_crystal.density_percent_sol         59 
_exptl_crystal.description                 ? 
_exptl_crystal.F_000                       ? 
_exptl_crystal.id                          1 
_exptl_crystal.preparation                 ? 
_exptl_crystal.size_max                    ? 
_exptl_crystal.size_mid                    ? 
_exptl_crystal.size_min                    ? 
_exptl_crystal.size_rad                    ? 
_exptl_crystal.colour_lustre               ? 
_exptl_crystal.colour_modifier             ? 
_exptl_crystal.colour_primary              ? 
_exptl_crystal.density_meas                ? 
_exptl_crystal.density_meas_esd            ? 
_exptl_crystal.density_meas_gt             ? 
_exptl_crystal.density_meas_lt             ? 
_exptl_crystal.density_meas_temp           ? 
_exptl_crystal.density_meas_temp_esd       ? 
_exptl_crystal.density_meas_temp_gt        ? 
_exptl_crystal.density_meas_temp_lt        ? 
_exptl_crystal.pdbx_crystal_image_url      ? 
_exptl_crystal.pdbx_crystal_image_format   ? 
_exptl_crystal.pdbx_mosaicity              ? 
_exptl_crystal.pdbx_mosaicity_esd          ? 
# 
_exptl_crystal_grow.apparatus       ? 
_exptl_crystal_grow.atmosphere      ? 
_exptl_crystal_grow.crystal_id      1 
_exptl_crystal_grow.details         ? 
_exptl_crystal_grow.method          'VAPOR DIFFUSION, SITTING DROP' 
_exptl_crystal_grow.method_ref      ? 
_exptl_crystal_grow.pH              7.0 
_exptl_crystal_grow.pressure        ? 
_exptl_crystal_grow.pressure_esd    ? 
_exptl_crystal_grow.seeding         ? 
_exptl_crystal_grow.seeding_ref     ? 
_exptl_crystal_grow.temp            290 
_exptl_crystal_grow.temp_details    ? 
_exptl_crystal_grow.temp_esd        ? 
_exptl_crystal_grow.time            ? 
_exptl_crystal_grow.pdbx_details    
;RigakuReagents JCSG+ screen, condition G7: 15% PEG 3350, 100mM succinic acid / NaOH pH 7.0: MysmA.00200.a.A1.PS00535 at 60.5mg/ml: cryo: 25% EG: tray: 215267 G7: puck DZB0-10: no protease was intentionally added
;
_exptl_crystal_grow.pdbx_pH_range   ? 
# 
_diffrn.ambient_environment    ? 
_diffrn.ambient_temp           100 
_diffrn.ambient_temp_details   ? 
_diffrn.ambient_temp_esd       ? 
_diffrn.crystal_id             1 
_diffrn.crystal_support        ? 
_diffrn.crystal_treatment      ? 
_diffrn.details                ? 
_diffrn.id                     1 
_diffrn.ambient_pressure       ? 
_diffrn.ambient_pressure_esd   ? 
_diffrn.ambient_pressure_gt    ? 
_diffrn.ambient_pressure_lt    ? 
_diffrn.ambient_temp_gt        ? 
_diffrn.ambient_temp_lt        ? 
# 
_diffrn_detector.details                      ? 
_diffrn_detector.detector                     CCD 
_diffrn_detector.diffrn_id                    1 
_diffrn_detector.type                         'ADSC QUANTUM 315r' 
_diffrn_detector.area_resol_mean              ? 
_diffrn_detector.dtime                        ? 
_diffrn_detector.pdbx_frames_total            ? 
_diffrn_detector.pdbx_collection_time_total   ? 
_diffrn_detector.pdbx_collection_date         2010-07-10 
# 
_diffrn_radiation.collimation                      ? 
_diffrn_radiation.diffrn_id                        1 
_diffrn_radiation.filter_edge                      ? 
_diffrn_radiation.inhomogeneity                    ? 
_diffrn_radiation.monochromator                    ? 
_diffrn_radiation.polarisn_norm                    ? 
_diffrn_radiation.polarisn_ratio                   ? 
_diffrn_radiation.probe                            ? 
_diffrn_radiation.type                             ? 
_diffrn_radiation.xray_symbol                      ? 
_diffrn_radiation.wavelength_id                    1 
_diffrn_radiation.pdbx_monochromatic_or_laue_m_l   M 
_diffrn_radiation.pdbx_wavelength_list             ? 
_diffrn_radiation.pdbx_wavelength                  ? 
_diffrn_radiation.pdbx_diffrn_protocol             'SINGLE WAVELENGTH' 
_diffrn_radiation.pdbx_analyzer                    ? 
_diffrn_radiation.pdbx_scattering_type             x-ray 
# 
_diffrn_radiation_wavelength.id           1 
_diffrn_radiation_wavelength.wavelength   0.9999 
_diffrn_radiation_wavelength.wt           1.0 
# 
_diffrn_source.current                     ? 
_diffrn_source.details                     ? 
_diffrn_source.diffrn_id                   1 
_diffrn_source.power                       ? 
_diffrn_source.size                        ? 
_diffrn_source.source                      SYNCHROTRON 
_diffrn_source.target                      ? 
_diffrn_source.type                        'ALS BEAMLINE 5.0.2' 
_diffrn_source.voltage                     ? 
_diffrn_source.take-off_angle              ? 
_diffrn_source.pdbx_wavelength_list        0.9999 
_diffrn_source.pdbx_wavelength             ? 
_diffrn_source.pdbx_synchrotron_beamline   5.0.2 
_diffrn_source.pdbx_synchrotron_site       ALS 
# 
_reflns.B_iso_Wilson_estimate            22.030 
_reflns.entry_id                         6CUM 
_reflns.data_reduction_details           ? 
_reflns.data_reduction_method            ? 
_reflns.d_resolution_high                1.600 
_reflns.d_resolution_low                 19.622 
_reflns.details                          ? 
_reflns.limit_h_max                      ? 
_reflns.limit_h_min                      ? 
_reflns.limit_k_max                      ? 
_reflns.limit_k_min                      ? 
_reflns.limit_l_max                      ? 
_reflns.limit_l_min                      ? 
_reflns.number_all                       ? 
_reflns.number_obs                       10171 
_reflns.observed_criterion               ? 
_reflns.observed_criterion_F_max         ? 
_reflns.observed_criterion_F_min         ? 
_reflns.observed_criterion_I_max         ? 
_reflns.observed_criterion_I_min         ? 
_reflns.observed_criterion_sigma_F       ? 
_reflns.observed_criterion_sigma_I       ? 
_reflns.percent_possible_obs             99.100 
_reflns.R_free_details                   ? 
_reflns.Rmerge_F_all                     ? 
_reflns.Rmerge_F_obs                     ? 
_reflns.Friedel_coverage                 ? 
_reflns.number_gt                        ? 
_reflns.threshold_expression             ? 
_reflns.pdbx_redundancy                  4.624 
_reflns.pdbx_Rmerge_I_obs                0.033 
_reflns.pdbx_Rmerge_I_all                ? 
_reflns.pdbx_Rsym_value                  ? 
_reflns.pdbx_netI_over_av_sigmaI         ? 
_reflns.pdbx_netI_over_sigmaI            24.590 
_reflns.pdbx_res_netI_over_av_sigmaI_2   ? 
_reflns.pdbx_res_netI_over_sigmaI_2      ? 
_reflns.pdbx_chi_squared                 0.959 
_reflns.pdbx_scaling_rejects             ? 
_reflns.pdbx_d_res_high_opt              ? 
_reflns.pdbx_d_res_low_opt               ? 
_reflns.pdbx_d_res_opt_method            ? 
_reflns.phase_calculation_details        ? 
_reflns.pdbx_Rrim_I_all                  0.037 
_reflns.pdbx_Rpim_I_all                  ? 
_reflns.pdbx_d_opt                       ? 
_reflns.pdbx_number_measured_all         ? 
_reflns.pdbx_diffrn_id                   1 
_reflns.pdbx_ordinal                     1 
_reflns.pdbx_CC_half                     1.000 
_reflns.pdbx_R_split                     ? 
# 
loop_
_reflns_shell.d_res_high 
_reflns_shell.d_res_low 
_reflns_shell.meanI_over_sigI_all 
_reflns_shell.meanI_over_sigI_obs 
_reflns_shell.number_measured_all 
_reflns_shell.number_measured_obs 
_reflns_shell.number_possible 
_reflns_shell.number_unique_all 
_reflns_shell.number_unique_obs 
_reflns_shell.percent_possible_all 
_reflns_shell.percent_possible_obs 
_reflns_shell.Rmerge_F_all 
_reflns_shell.Rmerge_F_obs 
_reflns_shell.Rmerge_I_all 
_reflns_shell.Rmerge_I_obs 
_reflns_shell.meanI_over_sigI_gt 
_reflns_shell.meanI_over_uI_all 
_reflns_shell.meanI_over_uI_gt 
_reflns_shell.number_measured_gt 
_reflns_shell.number_unique_gt 
_reflns_shell.percent_possible_gt 
_reflns_shell.Rmerge_F_gt 
_reflns_shell.Rmerge_I_gt 
_reflns_shell.pdbx_redundancy 
_reflns_shell.pdbx_Rsym_value 
_reflns_shell.pdbx_chi_squared 
_reflns_shell.pdbx_netI_over_sigmaI_all 
_reflns_shell.pdbx_netI_over_sigmaI_obs 
_reflns_shell.pdbx_Rrim_I_all 
_reflns_shell.pdbx_Rpim_I_all 
_reflns_shell.pdbx_rejects 
_reflns_shell.pdbx_ordinal 
_reflns_shell.pdbx_diffrn_id 
_reflns_shell.pdbx_CC_half 
_reflns_shell.pdbx_R_split 
1.600 1.640  ? 2.750  ? ? ? ? 762 99.700  ? ? ? ? 0.468 ? ? ? ? ? ? ? ? 4.681 ? ? ? ? 0.527 ? ? 1  1 0.937 ? 
1.640 1.690  ? 3.850  ? ? ? ? 717 99.900  ? ? ? ? 0.328 ? ? ? ? ? ? ? ? 4.639 ? ? ? ? 0.370 ? ? 2  1 0.983 ? 
1.690 1.740  ? 4.320  ? ? ? ? 696 99.900  ? ? ? ? 0.286 ? ? ? ? ? ? ? ? 4.668 ? ? ? ? 0.322 ? ? 3  1 0.985 ? 
1.740 1.790  ? 5.290  ? ? ? ? 700 100.000 ? ? ? ? 0.221 ? ? ? ? ? ? ? ? 4.720 ? ? ? ? 0.249 ? ? 4  1 0.988 ? 
1.790 1.850  ? 6.760  ? ? ? ? 645 99.400  ? ? ? ? 0.180 ? ? ? ? ? ? ? ? 4.710 ? ? ? ? 0.202 ? ? 5  1 0.992 ? 
1.850 1.910  ? 7.790  ? ? ? ? 642 99.400  ? ? ? ? 0.152 ? ? ? ? ? ? ? ? 4.664 ? ? ? ? 0.172 ? ? 6  1 0.996 ? 
1.910 1.980  ? 12.660 ? ? ? ? 613 99.200  ? ? ? ? 0.094 ? ? ? ? ? ? ? ? 4.744 ? ? ? ? 0.106 ? ? 7  1 0.997 ? 
1.980 2.070  ? 15.680 ? ? ? ? 601 99.800  ? ? ? ? 0.075 ? ? ? ? ? ? ? ? 4.674 ? ? ? ? 0.085 ? ? 8  1 0.998 ? 
2.070 2.160  ? 22.230 ? ? ? ? 581 100.000 ? ? ? ? 0.053 ? ? ? ? ? ? ? ? 4.690 ? ? ? ? 0.059 ? ? 9  1 0.998 ? 
2.160 2.260  ? 28.500 ? ? ? ? 551 99.300  ? ? ? ? 0.040 ? ? ? ? ? ? ? ? 4.506 ? ? ? ? 0.045 ? ? 10 1 0.999 ? 
2.260 2.390  ? 30.710 ? ? ? ? 509 95.900  ? ? ? ? 0.041 ? ? ? ? ? ? ? ? 4.489 ? ? ? ? 0.046 ? ? 11 1 0.999 ? 
2.390 2.530  ? 37.380 ? ? ? ? 496 99.200  ? ? ? ? 0.032 ? ? ? ? ? ? ? ? 4.647 ? ? ? ? 0.035 ? ? 12 1 0.999 ? 
2.530 2.700  ? 42.240 ? ? ? ? 480 100.000 ? ? ? ? 0.027 ? ? ? ? ? ? ? ? 4.637 ? ? ? ? 0.030 ? ? 13 1 0.999 ? 
2.700 2.920  ? 47.700 ? ? ? ? 435 100.000 ? ? ? ? 0.025 ? ? ? ? ? ? ? ? 4.609 ? ? ? ? 0.028 ? ? 14 1 0.999 ? 
2.920 3.200  ? 53.260 ? ? ? ? 405 98.800  ? ? ? ? 0.023 ? ? ? ? ? ? ? ? 4.457 ? ? ? ? 0.026 ? ? 15 1 0.999 ? 
3.200 3.580  ? 60.040 ? ? ? ? 378 99.200  ? ? ? ? 0.020 ? ? ? ? ? ? ? ? 4.444 ? ? ? ? 0.022 ? ? 16 1 0.999 ? 
3.580 4.130  ? 68.270 ? ? ? ? 332 99.700  ? ? ? ? 0.018 ? ? ? ? ? ? ? ? 4.614 ? ? ? ? 0.020 ? ? 17 1 0.999 ? 
4.130 5.060  ? 67.960 ? ? ? ? 283 98.300  ? ? ? ? 0.019 ? ? ? ? ? ? ? ? 4.597 ? ? ? ? 0.021 ? ? 18 1 0.999 ? 
5.060 7.160  ? 62.800 ? ? ? ? 225 97.000  ? ? ? ? 0.018 ? ? ? ? ? ? ? ? 4.507 ? ? ? ? 0.020 ? ? 19 1 0.999 ? 
7.160 19.622 ? 66.080 ? ? ? ? 120 81.600  ? ? ? ? 0.018 ? ? ? ? ? ? ? ? 3.992 ? ? ? ? 0.021 ? ? 20 1 0.999 ? 
# 
_refine.aniso_B[1][1]                            ? 
_refine.aniso_B[1][2]                            ? 
_refine.aniso_B[1][3]                            ? 
_refine.aniso_B[2][2]                            ? 
_refine.aniso_B[2][3]                            ? 
_refine.aniso_B[3][3]                            ? 
_refine.B_iso_max                                70.110 
_refine.B_iso_mean                               32.4202 
_refine.B_iso_min                                18.980 
_refine.correlation_coeff_Fo_to_Fc               ? 
_refine.correlation_coeff_Fo_to_Fc_free          ? 
_refine.details                                  ? 
_refine.diff_density_max                         ? 
_refine.diff_density_max_esd                     ? 
_refine.diff_density_min                         ? 
_refine.diff_density_min_esd                     ? 
_refine.diff_density_rms                         ? 
_refine.diff_density_rms_esd                     ? 
_refine.entry_id                                 6CUM 
_refine.pdbx_refine_id                           'X-RAY DIFFRACTION' 
_refine.ls_abs_structure_details                 ? 
_refine.ls_abs_structure_Flack                   ? 
_refine.ls_abs_structure_Flack_esd               ? 
_refine.ls_abs_structure_Rogers                  ? 
_refine.ls_abs_structure_Rogers_esd              ? 
_refine.ls_d_res_high                            1.6000 
_refine.ls_d_res_low                             19.6220 
_refine.ls_extinction_coef                       ? 
_refine.ls_extinction_coef_esd                   ? 
_refine.ls_extinction_expression                 ? 
_refine.ls_extinction_method                     ? 
_refine.ls_goodness_of_fit_all                   ? 
_refine.ls_goodness_of_fit_all_esd               ? 
_refine.ls_goodness_of_fit_obs                   ? 
_refine.ls_goodness_of_fit_obs_esd               ? 
_refine.ls_hydrogen_treatment                    ? 
_refine.ls_matrix_type                           ? 
_refine.ls_number_constraints                    ? 
_refine.ls_number_parameters                     ? 
_refine.ls_number_reflns_all                     ? 
_refine.ls_number_reflns_obs                     10103 
_refine.ls_number_reflns_R_free                  979 
_refine.ls_number_reflns_R_work                  ? 
_refine.ls_number_restraints                     ? 
_refine.ls_percent_reflns_obs                    98.7000 
_refine.ls_percent_reflns_R_free                 9.6900 
_refine.ls_R_factor_all                          ? 
_refine.ls_R_factor_obs                          0.1774 
_refine.ls_R_factor_R_free                       0.2080 
_refine.ls_R_factor_R_free_error                 ? 
_refine.ls_R_factor_R_free_error_details         ? 
_refine.ls_R_factor_R_work                       0.1744 
_refine.ls_R_Fsqd_factor_obs                     ? 
_refine.ls_R_I_factor_obs                        ? 
_refine.ls_redundancy_reflns_all                 ? 
_refine.ls_redundancy_reflns_obs                 ? 
_refine.ls_restrained_S_all                      ? 
_refine.ls_restrained_S_obs                      ? 
_refine.ls_shift_over_esd_max                    ? 
_refine.ls_shift_over_esd_mean                   ? 
_refine.ls_structure_factor_coef                 ? 
_refine.ls_weighting_details                     ? 
_refine.ls_weighting_scheme                      ? 
_refine.ls_wR_factor_all                         ? 
_refine.ls_wR_factor_obs                         ? 
_refine.ls_wR_factor_R_free                      ? 
_refine.ls_wR_factor_R_work                      ? 
_refine.occupancy_max                            ? 
_refine.occupancy_min                            ? 
_refine.solvent_model_details                    ? 
_refine.solvent_model_param_bsol                 ? 
_refine.solvent_model_param_ksol                 ? 
_refine.ls_R_factor_gt                           ? 
_refine.ls_goodness_of_fit_gt                    ? 
_refine.ls_goodness_of_fit_ref                   ? 
_refine.ls_shift_over_su_max                     ? 
_refine.ls_shift_over_su_max_lt                  ? 
_refine.ls_shift_over_su_mean                    ? 
_refine.ls_shift_over_su_mean_lt                 ? 
_refine.pdbx_ls_sigma_I                          ? 
_refine.pdbx_ls_sigma_F                          1.340 
_refine.pdbx_ls_sigma_Fsqd                       ? 
_refine.pdbx_data_cutoff_high_absF               ? 
_refine.pdbx_data_cutoff_high_rms_absF           ? 
_refine.pdbx_data_cutoff_low_absF                ? 
_refine.pdbx_isotropic_thermal_model             ? 
_refine.pdbx_ls_cross_valid_method               THROUGHOUT 
_refine.pdbx_method_to_determine_struct          'MOLECULAR REPLACEMENT' 
_refine.pdbx_starting_model                      '2x 10-residue helices via Acrimboldo' 
_refine.pdbx_stereochemistry_target_values       ? 
_refine.pdbx_R_Free_selection_details            ? 
_refine.pdbx_stereochem_target_val_spec_case     ? 
_refine.pdbx_overall_ESU_R                       ? 
_refine.pdbx_overall_ESU_R_Free                  ? 
_refine.pdbx_solvent_vdw_probe_radii             1.1100 
_refine.pdbx_solvent_ion_probe_radii             ? 
_refine.pdbx_solvent_shrinkage_radii             0.9000 
_refine.pdbx_real_space_R                        ? 
_refine.pdbx_density_correlation                 ? 
_refine.pdbx_pd_number_of_powder_patterns        ? 
_refine.pdbx_pd_number_of_points                 ? 
_refine.pdbx_pd_meas_number_of_points            ? 
_refine.pdbx_pd_proc_ls_prof_R_factor            ? 
_refine.pdbx_pd_proc_ls_prof_wR_factor           ? 
_refine.pdbx_pd_Marquardt_correlation_coeff      ? 
_refine.pdbx_pd_Fsqrd_R_factor                   ? 
_refine.pdbx_pd_ls_matrix_band_width             ? 
_refine.pdbx_overall_phase_error                 22.9000 
_refine.pdbx_overall_SU_R_free_Cruickshank_DPI   ? 
_refine.pdbx_overall_SU_R_free_Blow_DPI          ? 
_refine.pdbx_overall_SU_R_Blow_DPI               ? 
_refine.pdbx_TLS_residual_ADP_flag               ? 
_refine.pdbx_diffrn_id                           1 
_refine.overall_SU_B                             ? 
_refine.overall_SU_ML                            0.1200 
_refine.overall_SU_R_Cruickshank_DPI             ? 
_refine.overall_SU_R_free                        ? 
_refine.overall_FOM_free_R_set                   ? 
_refine.overall_FOM_work_R_set                   ? 
_refine.pdbx_average_fsc_overall                 ? 
_refine.pdbx_average_fsc_work                    ? 
_refine.pdbx_average_fsc_free                    ? 
# 
_refine_hist.cycle_id                         final 
_refine_hist.pdbx_refine_id                   'X-RAY DIFFRACTION' 
_refine_hist.d_res_high                       1.6000 
_refine_hist.d_res_low                        19.6220 
_refine_hist.pdbx_number_atoms_ligand         8 
_refine_hist.number_atoms_solvent             75 
_refine_hist.number_atoms_total               467 
_refine_hist.pdbx_number_residues_total       51 
_refine_hist.pdbx_B_iso_mean_ligand           40.63 
_refine_hist.pdbx_B_iso_mean_solvent          44.79 
_refine_hist.pdbx_number_atoms_protein        384 
_refine_hist.pdbx_number_atoms_nucleic_acid   0 
# 
loop_
_refine_ls_shell.pdbx_refine_id 
_refine_ls_shell.d_res_high 
_refine_ls_shell.d_res_low 
_refine_ls_shell.number_reflns_all 
_refine_ls_shell.number_reflns_obs 
_refine_ls_shell.number_reflns_R_free 
_refine_ls_shell.number_reflns_R_work 
_refine_ls_shell.percent_reflns_obs 
_refine_ls_shell.percent_reflns_R_free 
_refine_ls_shell.R_factor_all 
_refine_ls_shell.R_factor_obs 
_refine_ls_shell.R_factor_R_free 
_refine_ls_shell.R_factor_R_free_error 
_refine_ls_shell.R_factor_R_work 
_refine_ls_shell.redundancy_reflns_all 
_refine_ls_shell.redundancy_reflns_obs 
_refine_ls_shell.wR_factor_all 
_refine_ls_shell.wR_factor_obs 
_refine_ls_shell.wR_factor_R_free 
_refine_ls_shell.wR_factor_R_work 
_refine_ls_shell.pdbx_total_number_of_bins_used 
_refine_ls_shell.pdbx_phase_error 
_refine_ls_shell.pdbx_fsc_work 
_refine_ls_shell.pdbx_fsc_free 
'X-RAY DIFFRACTION' 1.6001 1.6844  1427 . 139 1288 99.0000  . . . 0.2715 0.0000 0.2431 . . . . . . 7 . . . 
'X-RAY DIFFRACTION' 1.6844 1.7899  1425 . 147 1278 99.0000  . . . 0.2775 0.0000 0.2163 . . . . . . 7 . . . 
'X-RAY DIFFRACTION' 1.7899 1.9279  1419 . 162 1257 99.0000  . . . 0.2367 0.0000 0.2063 . . . . . . 7 . . . 
'X-RAY DIFFRACTION' 1.9279 2.1217  1418 . 114 1304 99.0000  . . . 0.2259 0.0000 0.1760 . . . . . . 7 . . . 
'X-RAY DIFFRACTION' 2.1217 2.4283  1436 . 144 1292 98.0000  . . . 0.1999 0.0000 0.1729 . . . . . . 7 . . . 
'X-RAY DIFFRACTION' 2.4283 3.0575  1468 . 147 1321 100.0000 . . . 0.2267 0.0000 0.1637 . . . . . . 7 . . . 
'X-RAY DIFFRACTION' 3.0575 19.6233 1510 . 126 1384 98.0000  . . . 0.1767 0.0000 0.1653 . . . . . . 7 . . . 
# 
_struct.entry_id                     6CUM 
_struct.title                        
;Crystal structure of a C-terminal proteolytic fragment of a protein annotated as an LAO/AO transport system ATPase but likely MeaB and MMAA-like GTPase from Mycobacterium smegmatis
;
_struct.pdbx_model_details           ? 
_struct.pdbx_formula_weight          ? 
_struct.pdbx_formula_weight_method   ? 
_struct.pdbx_model_type_details      ? 
_struct.pdbx_CASP_flag               N 
# 
_struct_keywords.entry_id        6CUM 
_struct_keywords.text            
'SSGCID, proteolytic fragment, Structural Genomics, Seattle Structural Genomics Center for Infectious Disease, TRANSFERASE' 
_struct_keywords.pdbx_keywords   TRANSFERASE 
# 
loop_
_struct_asym.id 
_struct_asym.pdbx_blank_PDB_chainid_flag 
_struct_asym.pdbx_modified 
_struct_asym.entity_id 
_struct_asym.details 
A N N 1 ? 
B N N 2 ? 
C N N 2 ? 
D N N 3 ? 
# 
_struct_ref.id                         1 
_struct_ref.db_name                    UNP 
_struct_ref.db_code                    A0R1T8_MYCS2 
_struct_ref.pdbx_db_accession          A0R1T8 
_struct_ref.pdbx_db_isoform            ? 
_struct_ref.entity_id                  1 
_struct_ref.pdbx_seq_one_letter_code   
;MPHGVVDVPELITVARGGSMRAVGRLLTLVESDRRGEVLAALGPATPRVIGVTGPPGAGKSTTVGAMVGAYRERGLRVAV
LAVDPSSPYSGGALLGDRIRMAAHINDPDVLIRSMAARGHLGGLAAAVPAAIRLLAALSYDLIVLETVGVGQSEIEIAAI
ADPTVVILNPGAGDAVQAAKAGVLEVADLVVVNKADRDGADQTVRDLRAETDVPVLKLVAAQGDGLHELIEAIEAHQRAD
TPERRRARARSQILSLAQTLLRNHADLDRLSAAVADGSSDAYTAAERLFAGSVD
;
_struct_ref.pdbx_align_begin           1 
# 
_struct_ref_seq.align_id                      1 
_struct_ref_seq.ref_id                        1 
_struct_ref_seq.pdbx_PDB_id_code              6CUM 
_struct_ref_seq.pdbx_strand_id                A 
_struct_ref_seq.seq_align_beg                 22 
_struct_ref_seq.pdbx_seq_align_beg_ins_code   ? 
_struct_ref_seq.seq_align_end                 315 
_struct_ref_seq.pdbx_seq_align_end_ins_code   ? 
_struct_ref_seq.pdbx_db_accession             A0R1T8 
_struct_ref_seq.db_align_beg                  1 
_struct_ref_seq.pdbx_db_align_beg_ins_code    ? 
_struct_ref_seq.db_align_end                  294 
_struct_ref_seq.pdbx_db_align_end_ins_code    ? 
_struct_ref_seq.pdbx_auth_seq_align_beg       1 
_struct_ref_seq.pdbx_auth_seq_align_end       294 
# 
loop_
_struct_ref_seq_dif.align_id 
_struct_ref_seq_dif.pdbx_pdb_id_code 
_struct_ref_seq_dif.mon_id 
_struct_ref_seq_dif.pdbx_pdb_strand_id 
_struct_ref_seq_dif.seq_num 
_struct_ref_seq_dif.pdbx_pdb_ins_code 
_struct_ref_seq_dif.pdbx_seq_db_name 
_struct_ref_seq_dif.pdbx_seq_db_accession_code 
_struct_ref_seq_dif.db_mon_id 
_struct_ref_seq_dif.pdbx_seq_db_seq_num 
_struct_ref_seq_dif.details 
_struct_ref_seq_dif.pdbx_auth_seq_num 
_struct_ref_seq_dif.pdbx_ordinal 
1 6CUM MET A 1  ? UNP A0R1T8 ? ? 'initiating methionine' -20 1  
1 6CUM ALA A 2  ? UNP A0R1T8 ? ? 'expression tag'        -19 2  
1 6CUM HIS A 3  ? UNP A0R1T8 ? ? 'expression tag'        -18 3  
1 6CUM HIS A 4  ? UNP A0R1T8 ? ? 'expression tag'        -17 4  
1 6CUM HIS A 5  ? UNP A0R1T8 ? ? 'expression tag'        -16 5  
1 6CUM HIS A 6  ? UNP A0R1T8 ? ? 'expression tag'        -15 6  
1 6CUM HIS A 7  ? UNP A0R1T8 ? ? 'expression tag'        -14 7  
1 6CUM HIS A 8  ? UNP A0R1T8 ? ? 'expression tag'        -13 8  
1 6CUM MET A 9  ? UNP A0R1T8 ? ? 'expression tag'        -12 9  
1 6CUM GLY A 10 ? UNP A0R1T8 ? ? 'expression tag'        -11 10 
1 6CUM THR A 11 ? UNP A0R1T8 ? ? 'expression tag'        -10 11 
1 6CUM LEU A 12 ? UNP A0R1T8 ? ? 'expression tag'        -9  12 
1 6CUM GLU A 13 ? UNP A0R1T8 ? ? 'expression tag'        -8  13 
1 6CUM ALA A 14 ? UNP A0R1T8 ? ? 'expression tag'        -7  14 
1 6CUM GLN A 15 ? UNP A0R1T8 ? ? 'expression tag'        -6  15 
1 6CUM THR A 16 ? UNP A0R1T8 ? ? 'expression tag'        -5  16 
1 6CUM GLN A 17 ? UNP A0R1T8 ? ? 'expression tag'        -4  17 
1 6CUM GLY A 18 ? UNP A0R1T8 ? ? 'expression tag'        -3  18 
1 6CUM PRO A 19 ? UNP A0R1T8 ? ? 'expression tag'        -2  19 
1 6CUM GLY A 20 ? UNP A0R1T8 ? ? 'expression tag'        -1  20 
1 6CUM SER A 21 ? UNP A0R1T8 ? ? 'expression tag'        0   21 
# 
_pdbx_struct_assembly.id                   1 
_pdbx_struct_assembly.details              author_defined_assembly 
_pdbx_struct_assembly.method_details       ? 
_pdbx_struct_assembly.oligomeric_details   dimeric 
_pdbx_struct_assembly.oligomeric_count     2 
# 
loop_
_pdbx_struct_assembly_prop.biol_id 
_pdbx_struct_assembly_prop.type 
_pdbx_struct_assembly_prop.value 
_pdbx_struct_assembly_prop.details 
1 'ABSA (A^2)' 3470 ? 
1 MORE         -12  ? 
1 'SSA (A^2)'  6150 ? 
# 
_pdbx_struct_assembly_gen.assembly_id       1 
_pdbx_struct_assembly_gen.oper_expression   1,2 
_pdbx_struct_assembly_gen.asym_id_list      A,B,C,D 
# 
_pdbx_struct_assembly_auth_evidence.id                     1 
_pdbx_struct_assembly_auth_evidence.assembly_id            1 
_pdbx_struct_assembly_auth_evidence.experimental_support   none 
_pdbx_struct_assembly_auth_evidence.details                'proteolytic cleavage had happened in the crystallization drop' 
# 
loop_
_pdbx_struct_oper_list.id 
_pdbx_struct_oper_list.type 
_pdbx_struct_oper_list.name 
_pdbx_struct_oper_list.symmetry_operation 
_pdbx_struct_oper_list.matrix[1][1] 
_pdbx_struct_oper_list.matrix[1][2] 
_pdbx_struct_oper_list.matrix[1][3] 
_pdbx_struct_oper_list.vector[1] 
_pdbx_struct_oper_list.matrix[2][1] 
_pdbx_struct_oper_list.matrix[2][2] 
_pdbx_struct_oper_list.matrix[2][3] 
_pdbx_struct_oper_list.vector[2] 
_pdbx_struct_oper_list.matrix[3][1] 
_pdbx_struct_oper_list.matrix[3][2] 
_pdbx_struct_oper_list.matrix[3][3] 
_pdbx_struct_oper_list.vector[3] 
1 'identity operation'         1_555 x,y,z  1.0000000000 0.0000000000 0.0000000000  0.0000000000  0.0000000000 1.0000000000  0.0000000000  0.0000000000 0.0000000000  0.0000000000  1.0000000000  0.0000000000  
2 'crystal symmetry operation' 4_555 y,x,-z 0.7271287998 0.2416873418 -0.6425503384 -0.4168898572 0.2416873418 -0.9661792617 -0.0899158669 0.7704249920 -0.6425503384 -0.0899158669 -0.7609495381 -0.8307839541 
# 
loop_
_struct_conf.conf_type_id 
_struct_conf.id 
_struct_conf.pdbx_PDB_helix_id 
_struct_conf.beg_label_comp_id 
_struct_conf.beg_label_asym_id 
_struct_conf.beg_label_seq_id 
_struct_conf.pdbx_beg_PDB_ins_code 
_struct_conf.end_label_comp_id 
_struct_conf.end_label_asym_id 
_struct_conf.end_label_seq_id 
_struct_conf.pdbx_end_PDB_ins_code 
_struct_conf.beg_auth_comp_id 
_struct_conf.beg_auth_asym_id 
_struct_conf.beg_auth_seq_id 
_struct_conf.end_auth_comp_id 
_struct_conf.end_auth_asym_id 
_struct_conf.end_auth_seq_id 
_struct_conf.pdbx_PDB_helix_class 
_struct_conf.details 
_struct_conf.pdbx_PDB_helix_length 
HELX_P HELX_P1 AA1 THR A 262 ? ASN A 284 ? THR A 241 ASN A 263 1 ? 23 
HELX_P HELX_P2 AA2 ASP A 287 ? ASP A 297 ? ASP A 266 ASP A 276 1 ? 11 
HELX_P HELX_P3 AA3 ASP A 301 ? LEU A 309 ? ASP A 280 LEU A 288 1 ? 9  
# 
_struct_conf_type.id          HELX_P 
_struct_conf_type.criteria    ? 
_struct_conf_type.reference   ? 
# 
loop_
_struct_site.id 
_struct_site.pdbx_evidence_code 
_struct_site.pdbx_auth_asym_id 
_struct_site.pdbx_auth_comp_id 
_struct_site.pdbx_auth_seq_id 
_struct_site.pdbx_auth_ins_code 
_struct_site.pdbx_num_residues 
_struct_site.details 
AC1 Software A EDO 301 ? 8 'binding site for residue EDO A 301' 
AC2 Software A EDO 302 ? 5 'binding site for residue EDO A 302' 
# 
loop_
_struct_site_gen.id 
_struct_site_gen.site_id 
_struct_site_gen.pdbx_num_res 
_struct_site_gen.label_comp_id 
_struct_site_gen.label_asym_id 
_struct_site_gen.label_seq_id 
_struct_site_gen.pdbx_auth_ins_code 
_struct_site_gen.auth_comp_id 
_struct_site_gen.auth_asym_id 
_struct_site_gen.auth_seq_id 
_struct_site_gen.label_atom_id 
_struct_site_gen.label_alt_id 
_struct_site_gen.symmetry 
_struct_site_gen.details 
1  AC1 8 ARG A 271 ? ARG A 250 . ? 4_555 ? 
2  AC1 8 GLN A 273 ? GLN A 252 . ? 5_564 ? 
3  AC1 8 ASP A 289 ? ASP A 268 . ? 1_555 ? 
4  AC1 8 VAL A 295 ? VAL A 274 . ? 3_564 ? 
5  AC1 8 ASP A 301 ? ASP A 280 . ? 3_564 ? 
6  AC1 8 ALA A 302 ? ALA A 281 . ? 3_564 ? 
7  AC1 8 HOH D .   ? HOH A 409 . ? 1_555 ? 
8  AC1 8 HOH D .   ? HOH A 441 . ? 1_555 ? 
9  AC2 5 ARG A 290 ? ARG A 269 . ? 1_555 ? 
10 AC2 5 ALA A 294 ? ALA A 273 . ? 1_555 ? 
11 AC2 5 ASP A 297 ? ASP A 276 . ? 1_555 ? 
12 AC2 5 SER A 299 ? SER A 278 . ? 1_555 ? 
13 AC2 5 TYR A 303 ? TYR A 282 . ? 3_564 ? 
# 
_pdbx_SG_project.id                    1 
_pdbx_SG_project.project_name          'NIAID, National Institute of Allergy and Infectious Diseases' 
_pdbx_SG_project.full_name_of_center   'Seattle Structural Genomics Center for Infectious Disease' 
_pdbx_SG_project.initial_of_center     SSGCID 
# 
loop_
_pdbx_refine_tls.pdbx_refine_id 
_pdbx_refine_tls.id 
_pdbx_refine_tls.details 
_pdbx_refine_tls.method 
_pdbx_refine_tls.origin_x 
_pdbx_refine_tls.origin_y 
_pdbx_refine_tls.origin_z 
_pdbx_refine_tls.T[1][1] 
_pdbx_refine_tls.T[2][2] 
_pdbx_refine_tls.T[3][3] 
_pdbx_refine_tls.T[1][2] 
_pdbx_refine_tls.T[1][3] 
_pdbx_refine_tls.T[2][3] 
_pdbx_refine_tls.L[1][1] 
_pdbx_refine_tls.L[2][2] 
_pdbx_refine_tls.L[3][3] 
_pdbx_refine_tls.L[1][2] 
_pdbx_refine_tls.L[1][3] 
_pdbx_refine_tls.L[2][3] 
_pdbx_refine_tls.S[1][1] 
_pdbx_refine_tls.S[2][2] 
_pdbx_refine_tls.S[3][3] 
_pdbx_refine_tls.S[1][2] 
_pdbx_refine_tls.S[1][3] 
_pdbx_refine_tls.S[2][3] 
_pdbx_refine_tls.S[2][1] 
_pdbx_refine_tls.S[3][1] 
_pdbx_refine_tls.S[3][2] 
'X-RAY DIFFRACTION' 1 ? refined -0.8437 6.5545  -11.9467 0.1982 0.1786 0.2482 -0.0398 0.0430 0.0198  4.4502 3.8949 7.2670 1.1917  1.2750 0.9324  -0.2969 0.2487 0.1140 0.6354  0.2094  -0.2033 -0.3944 -0.3978 0.4240  
'X-RAY DIFFRACTION' 2 ? refined -0.0380 -5.4290 9.5393   0.1888 0.1688 0.1736 -0.0043 0.0119 -0.0251 2.6033 4.0947 4.6696 -0.6728 1.8682 -0.6388 -0.0611 0.0599 0.0090 -0.1406 -0.0266 0.0441  0.2828  -0.0350 -0.0707 
# 
loop_
_pdbx_refine_tls_group.pdbx_refine_id 
_pdbx_refine_tls_group.id 
_pdbx_refine_tls_group.refine_tls_id 
_pdbx_refine_tls_group.beg_auth_asym_id 
_pdbx_refine_tls_group.beg_auth_seq_id 
_pdbx_refine_tls_group.end_auth_asym_id 
_pdbx_refine_tls_group.end_auth_seq_id 
_pdbx_refine_tls_group.selection_details 
_pdbx_refine_tls_group.beg_label_asym_id 
_pdbx_refine_tls_group.beg_label_seq_id 
_pdbx_refine_tls_group.end_label_asym_id 
_pdbx_refine_tls_group.end_label_seq_id 
_pdbx_refine_tls_group.selection 
'X-RAY DIFFRACTION' 1 1 A 240 A 262 
;chain 'A' and (resid 240 through 262 )
;
? ? ? ? ? 
'X-RAY DIFFRACTION' 2 2 A 263 A 290 
;chain 'A' and (resid 263 through 290 )
;
? ? ? ? ? 
# 
loop_
_pdbx_unobs_or_zero_occ_residues.id 
_pdbx_unobs_or_zero_occ_residues.PDB_model_num 
_pdbx_unobs_or_zero_occ_residues.polymer_flag 
_pdbx_unobs_or_zero_occ_residues.occupancy_flag 
_pdbx_unobs_or_zero_occ_residues.auth_asym_id 
_pdbx_unobs_or_zero_occ_residues.auth_comp_id 
_pdbx_unobs_or_zero_occ_residues.auth_seq_id 
_pdbx_unobs_or_zero_occ_residues.PDB_ins_code 
_pdbx_unobs_or_zero_occ_residues.label_asym_id 
_pdbx_unobs_or_zero_occ_residues.label_comp_id 
_pdbx_unobs_or_zero_occ_residues.label_seq_id 
1   1 Y 1 A MET -20 ? A MET 1   
2   1 Y 1 A ALA -19 ? A ALA 2   
3   1 Y 1 A HIS -18 ? A HIS 3   
4   1 Y 1 A HIS -17 ? A HIS 4   
5   1 Y 1 A HIS -16 ? A HIS 5   
6   1 Y 1 A HIS -15 ? A HIS 6   
7   1 Y 1 A HIS -14 ? A HIS 7   
8   1 Y 1 A HIS -13 ? A HIS 8   
9   1 Y 1 A MET -12 ? A MET 9   
10  1 Y 1 A GLY -11 ? A GLY 10  
11  1 Y 1 A THR -10 ? A THR 11  
12  1 Y 1 A LEU -9  ? A LEU 12  
13  1 Y 1 A GLU -8  ? A GLU 13  
14  1 Y 1 A ALA -7  ? A ALA 14  
15  1 Y 1 A GLN -6  ? A GLN 15  
16  1 Y 1 A THR -5  ? A THR 16  
17  1 Y 1 A GLN -4  ? A GLN 17  
18  1 Y 1 A GLY -3  ? A GLY 18  
19  1 Y 1 A PRO -2  ? A PRO 19  
20  1 Y 1 A GLY -1  ? A GLY 20  
21  1 Y 1 A SER 0   ? A SER 21  
22  1 Y 1 A MET 1   ? A MET 22  
23  1 Y 1 A PRO 2   ? A PRO 23  
24  1 Y 1 A HIS 3   ? A HIS 24  
25  1 Y 1 A GLY 4   ? A GLY 25  
26  1 Y 1 A VAL 5   ? A VAL 26  
27  1 Y 1 A VAL 6   ? A VAL 27  
28  1 Y 1 A ASP 7   ? A ASP 28  
29  1 Y 1 A VAL 8   ? A VAL 29  
30  1 Y 1 A PRO 9   ? A PRO 30  
31  1 Y 1 A GLU 10  ? A GLU 31  
32  1 Y 1 A LEU 11  ? A LEU 32  
33  1 Y 1 A ILE 12  ? A ILE 33  
34  1 Y 1 A THR 13  ? A THR 34  
35  1 Y 1 A VAL 14  ? A VAL 35  
36  1 Y 1 A ALA 15  ? A ALA 36  
37  1 Y 1 A ARG 16  ? A ARG 37  
38  1 Y 1 A GLY 17  ? A GLY 38  
39  1 Y 1 A GLY 18  ? A GLY 39  
40  1 Y 1 A SER 19  ? A SER 40  
41  1 Y 1 A MET 20  ? A MET 41  
42  1 Y 1 A ARG 21  ? A ARG 42  
43  1 Y 1 A ALA 22  ? A ALA 43  
44  1 Y 1 A VAL 23  ? A VAL 44  
45  1 Y 1 A GLY 24  ? A GLY 45  
46  1 Y 1 A ARG 25  ? A ARG 46  
47  1 Y 1 A LEU 26  ? A LEU 47  
48  1 Y 1 A LEU 27  ? A LEU 48  
49  1 Y 1 A THR 28  ? A THR 49  
50  1 Y 1 A LEU 29  ? A LEU 50  
51  1 Y 1 A VAL 30  ? A VAL 51  
52  1 Y 1 A GLU 31  ? A GLU 52  
53  1 Y 1 A SER 32  ? A SER 53  
54  1 Y 1 A ASP 33  ? A ASP 54  
55  1 Y 1 A ARG 34  ? A ARG 55  
56  1 Y 1 A ARG 35  ? A ARG 56  
57  1 Y 1 A GLY 36  ? A GLY 57  
58  1 Y 1 A GLU 37  ? A GLU 58  
59  1 Y 1 A VAL 38  ? A VAL 59  
60  1 Y 1 A LEU 39  ? A LEU 60  
61  1 Y 1 A ALA 40  ? A ALA 61  
62  1 Y 1 A ALA 41  ? A ALA 62  
63  1 Y 1 A LEU 42  ? A LEU 63  
64  1 Y 1 A GLY 43  ? A GLY 64  
65  1 Y 1 A PRO 44  ? A PRO 65  
66  1 Y 1 A ALA 45  ? A ALA 66  
67  1 Y 1 A THR 46  ? A THR 67  
68  1 Y 1 A PRO 47  ? A PRO 68  
69  1 Y 1 A ARG 48  ? A ARG 69  
70  1 Y 1 A VAL 49  ? A VAL 70  
71  1 Y 1 A ILE 50  ? A ILE 71  
72  1 Y 1 A GLY 51  ? A GLY 72  
73  1 Y 1 A VAL 52  ? A VAL 73  
74  1 Y 1 A THR 53  ? A THR 74  
75  1 Y 1 A GLY 54  ? A GLY 75  
76  1 Y 1 A PRO 55  ? A PRO 76  
77  1 Y 1 A PRO 56  ? A PRO 77  
78  1 Y 1 A GLY 57  ? A GLY 78  
79  1 Y 1 A ALA 58  ? A ALA 79  
80  1 Y 1 A GLY 59  ? A GLY 80  
81  1 Y 1 A LYS 60  ? A LYS 81  
82  1 Y 1 A SER 61  ? A SER 82  
83  1 Y 1 A THR 62  ? A THR 83  
84  1 Y 1 A THR 63  ? A THR 84  
85  1 Y 1 A VAL 64  ? A VAL 85  
86  1 Y 1 A GLY 65  ? A GLY 86  
87  1 Y 1 A ALA 66  ? A ALA 87  
88  1 Y 1 A MET 67  ? A MET 88  
89  1 Y 1 A VAL 68  ? A VAL 89  
90  1 Y 1 A GLY 69  ? A GLY 90  
91  1 Y 1 A ALA 70  ? A ALA 91  
92  1 Y 1 A TYR 71  ? A TYR 92  
93  1 Y 1 A ARG 72  ? A ARG 93  
94  1 Y 1 A GLU 73  ? A GLU 94  
95  1 Y 1 A ARG 74  ? A ARG 95  
96  1 Y 1 A GLY 75  ? A GLY 96  
97  1 Y 1 A LEU 76  ? A LEU 97  
98  1 Y 1 A ARG 77  ? A ARG 98  
99  1 Y 1 A VAL 78  ? A VAL 99  
100 1 Y 1 A ALA 79  ? A ALA 100 
101 1 Y 1 A VAL 80  ? A VAL 101 
102 1 Y 1 A LEU 81  ? A LEU 102 
103 1 Y 1 A ALA 82  ? A ALA 103 
104 1 Y 1 A VAL 83  ? A VAL 104 
105 1 Y 1 A ASP 84  ? A ASP 105 
106 1 Y 1 A PRO 85  ? A PRO 106 
107 1 Y 1 A SER 86  ? A SER 107 
108 1 Y 1 A SER 87  ? A SER 108 
109 1 Y 1 A PRO 88  ? A PRO 109 
110 1 Y 1 A TYR 89  ? A TYR 110 
111 1 Y 1 A SER 90  ? A SER 111 
112 1 Y 1 A GLY 91  ? A GLY 112 
113 1 Y 1 A GLY 92  ? A GLY 113 
114 1 Y 1 A ALA 93  ? A ALA 114 
115 1 Y 1 A LEU 94  ? A LEU 115 
116 1 Y 1 A LEU 95  ? A LEU 116 
117 1 Y 1 A GLY 96  ? A GLY 117 
118 1 Y 1 A ASP 97  ? A ASP 118 
119 1 Y 1 A ARG 98  ? A ARG 119 
120 1 Y 1 A ILE 99  ? A ILE 120 
121 1 Y 1 A ARG 100 ? A ARG 121 
122 1 Y 1 A MET 101 ? A MET 122 
123 1 Y 1 A ALA 102 ? A ALA 123 
124 1 Y 1 A ALA 103 ? A ALA 124 
125 1 Y 1 A HIS 104 ? A HIS 125 
126 1 Y 1 A ILE 105 ? A ILE 126 
127 1 Y 1 A ASN 106 ? A ASN 127 
128 1 Y 1 A ASP 107 ? A ASP 128 
129 1 Y 1 A PRO 108 ? A PRO 129 
130 1 Y 1 A ASP 109 ? A ASP 130 
131 1 Y 1 A VAL 110 ? A VAL 131 
132 1 Y 1 A LEU 111 ? A LEU 132 
133 1 Y 1 A ILE 112 ? A ILE 133 
134 1 Y 1 A ARG 113 ? A ARG 134 
135 1 Y 1 A SER 114 ? A SER 135 
136 1 Y 1 A MET 115 ? A MET 136 
137 1 Y 1 A ALA 116 ? A ALA 137 
138 1 Y 1 A ALA 117 ? A ALA 138 
139 1 Y 1 A ARG 118 ? A ARG 139 
140 1 Y 1 A GLY 119 ? A GLY 140 
141 1 Y 1 A HIS 120 ? A HIS 141 
142 1 Y 1 A LEU 121 ? A LEU 142 
143 1 Y 1 A GLY 122 ? A GLY 143 
144 1 Y 1 A GLY 123 ? A GLY 144 
145 1 Y 1 A LEU 124 ? A LEU 145 
146 1 Y 1 A ALA 125 ? A ALA 146 
147 1 Y 1 A ALA 126 ? A ALA 147 
148 1 Y 1 A ALA 127 ? A ALA 148 
149 1 Y 1 A VAL 128 ? A VAL 149 
150 1 Y 1 A PRO 129 ? A PRO 150 
151 1 Y 1 A ALA 130 ? A ALA 151 
152 1 Y 1 A ALA 131 ? A ALA 152 
153 1 Y 1 A ILE 132 ? A ILE 153 
154 1 Y 1 A ARG 133 ? A ARG 154 
155 1 Y 1 A LEU 134 ? A LEU 155 
156 1 Y 1 A LEU 135 ? A LEU 156 
157 1 Y 1 A ALA 136 ? A ALA 157 
158 1 Y 1 A ALA 137 ? A ALA 158 
159 1 Y 1 A LEU 138 ? A LEU 159 
160 1 Y 1 A SER 139 ? A SER 160 
161 1 Y 1 A TYR 140 ? A TYR 161 
162 1 Y 1 A ASP 141 ? A ASP 162 
163 1 Y 1 A LEU 142 ? A LEU 163 
164 1 Y 1 A ILE 143 ? A ILE 164 
165 1 Y 1 A VAL 144 ? A VAL 165 
166 1 Y 1 A LEU 145 ? A LEU 166 
167 1 Y 1 A GLU 146 ? A GLU 167 
168 1 Y 1 A THR 147 ? A THR 168 
169 1 Y 1 A VAL 148 ? A VAL 169 
170 1 Y 1 A GLY 149 ? A GLY 170 
171 1 Y 1 A VAL 150 ? A VAL 171 
172 1 Y 1 A GLY 151 ? A GLY 172 
173 1 Y 1 A GLN 152 ? A GLN 173 
174 1 Y 1 A SER 153 ? A SER 174 
175 1 Y 1 A GLU 154 ? A GLU 175 
176 1 Y 1 A ILE 155 ? A ILE 176 
177 1 Y 1 A GLU 156 ? A GLU 177 
178 1 Y 1 A ILE 157 ? A ILE 178 
179 1 Y 1 A ALA 158 ? A ALA 179 
180 1 Y 1 A ALA 159 ? A ALA 180 
181 1 Y 1 A ILE 160 ? A ILE 181 
182 1 Y 1 A ALA 161 ? A ALA 182 
183 1 Y 1 A ASP 162 ? A ASP 183 
184 1 Y 1 A PRO 163 ? A PRO 184 
185 1 Y 1 A THR 164 ? A THR 185 
186 1 Y 1 A VAL 165 ? A VAL 186 
187 1 Y 1 A VAL 166 ? A VAL 187 
188 1 Y 1 A ILE 167 ? A ILE 188 
189 1 Y 1 A LEU 168 ? A LEU 189 
190 1 Y 1 A ASN 169 ? A ASN 190 
191 1 Y 1 A PRO 170 ? A PRO 191 
192 1 Y 1 A GLY 171 ? A GLY 192 
193 1 Y 1 A ALA 172 ? A ALA 193 
194 1 Y 1 A GLY 173 ? A GLY 194 
195 1 Y 1 A ASP 174 ? A ASP 195 
196 1 Y 1 A ALA 175 ? A ALA 196 
197 1 Y 1 A VAL 176 ? A VAL 197 
198 1 Y 1 A GLN 177 ? A GLN 198 
199 1 Y 1 A ALA 178 ? A ALA 199 
200 1 Y 1 A ALA 179 ? A ALA 200 
201 1 Y 1 A LYS 180 ? A LYS 201 
202 1 Y 1 A ALA 181 ? A ALA 202 
203 1 Y 1 A GLY 182 ? A GLY 203 
204 1 Y 1 A VAL 183 ? A VAL 204 
205 1 Y 1 A LEU 184 ? A LEU 205 
206 1 Y 1 A GLU 185 ? A GLU 206 
207 1 Y 1 A VAL 186 ? A VAL 207 
208 1 Y 1 A ALA 187 ? A ALA 208 
209 1 Y 1 A ASP 188 ? A ASP 209 
210 1 Y 1 A LEU 189 ? A LEU 210 
211 1 Y 1 A VAL 190 ? A VAL 211 
212 1 Y 1 A VAL 191 ? A VAL 212 
213 1 Y 1 A VAL 192 ? A VAL 213 
214 1 Y 1 A ASN 193 ? A ASN 214 
215 1 Y 1 A LYS 194 ? A LYS 215 
216 1 Y 1 A ALA 195 ? A ALA 216 
217 1 Y 1 A ASP 196 ? A ASP 217 
218 1 Y 1 A ARG 197 ? A ARG 218 
219 1 Y 1 A ASP 198 ? A ASP 219 
220 1 Y 1 A GLY 199 ? A GLY 220 
221 1 Y 1 A ALA 200 ? A ALA 221 
222 1 Y 1 A ASP 201 ? A ASP 222 
223 1 Y 1 A GLN 202 ? A GLN 223 
224 1 Y 1 A THR 203 ? A THR 224 
225 1 Y 1 A VAL 204 ? A VAL 225 
226 1 Y 1 A ARG 205 ? A ARG 226 
227 1 Y 1 A ASP 206 ? A ASP 227 
228 1 Y 1 A LEU 207 ? A LEU 228 
229 1 Y 1 A ARG 208 ? A ARG 229 
230 1 Y 1 A ALA 209 ? A ALA 230 
231 1 Y 1 A GLU 210 ? A GLU 231 
232 1 Y 1 A THR 211 ? A THR 232 
233 1 Y 1 A ASP 212 ? A ASP 233 
234 1 Y 1 A VAL 213 ? A VAL 234 
235 1 Y 1 A PRO 214 ? A PRO 235 
236 1 Y 1 A VAL 215 ? A VAL 236 
237 1 Y 1 A LEU 216 ? A LEU 237 
238 1 Y 1 A LYS 217 ? A LYS 238 
239 1 Y 1 A LEU 218 ? A LEU 239 
240 1 Y 1 A VAL 219 ? A VAL 240 
241 1 Y 1 A ALA 220 ? A ALA 241 
242 1 Y 1 A ALA 221 ? A ALA 242 
243 1 Y 1 A GLN 222 ? A GLN 243 
244 1 Y 1 A GLY 223 ? A GLY 244 
245 1 Y 1 A ASP 224 ? A ASP 245 
246 1 Y 1 A GLY 225 ? A GLY 246 
247 1 Y 1 A LEU 226 ? A LEU 247 
248 1 Y 1 A HIS 227 ? A HIS 248 
249 1 Y 1 A GLU 228 ? A GLU 249 
250 1 Y 1 A LEU 229 ? A LEU 250 
251 1 Y 1 A ILE 230 ? A ILE 251 
252 1 Y 1 A GLU 231 ? A GLU 252 
253 1 Y 1 A ALA 232 ? A ALA 253 
254 1 Y 1 A ILE 233 ? A ILE 254 
255 1 Y 1 A GLU 234 ? A GLU 255 
256 1 Y 1 A ALA 235 ? A ALA 256 
257 1 Y 1 A HIS 236 ? A HIS 257 
258 1 Y 1 A GLN 237 ? A GLN 258 
259 1 Y 1 A ARG 238 ? A ARG 259 
260 1 Y 1 A ALA 239 ? A ALA 260 
261 1 Y 1 A GLY 291 ? A GLY 312 
262 1 Y 1 A SER 292 ? A SER 313 
263 1 Y 1 A VAL 293 ? A VAL 314 
264 1 Y 1 A ASP 294 ? A ASP 315 
# 
loop_
_chem_comp_atom.comp_id 
_chem_comp_atom.atom_id 
_chem_comp_atom.type_symbol 
_chem_comp_atom.pdbx_aromatic_flag 
_chem_comp_atom.pdbx_stereo_config 
_chem_comp_atom.pdbx_ordinal 
ALA N    N N N 1   
ALA CA   C N S 2   
ALA C    C N N 3   
ALA O    O N N 4   
ALA CB   C N N 5   
ALA OXT  O N N 6   
ALA H    H N N 7   
ALA H2   H N N 8   
ALA HA   H N N 9   
ALA HB1  H N N 10  
ALA HB2  H N N 11  
ALA HB3  H N N 12  
ALA HXT  H N N 13  
ARG N    N N N 14  
ARG CA   C N S 15  
ARG C    C N N 16  
ARG O    O N N 17  
ARG CB   C N N 18  
ARG CG   C N N 19  
ARG CD   C N N 20  
ARG NE   N N N 21  
ARG CZ   C N N 22  
ARG NH1  N N N 23  
ARG NH2  N N N 24  
ARG OXT  O N N 25  
ARG H    H N N 26  
ARG H2   H N N 27  
ARG HA   H N N 28  
ARG HB2  H N N 29  
ARG HB3  H N N 30  
ARG HG2  H N N 31  
ARG HG3  H N N 32  
ARG HD2  H N N 33  
ARG HD3  H N N 34  
ARG HE   H N N 35  
ARG HH11 H N N 36  
ARG HH12 H N N 37  
ARG HH21 H N N 38  
ARG HH22 H N N 39  
ARG HXT  H N N 40  
ASN N    N N N 41  
ASN CA   C N S 42  
ASN C    C N N 43  
ASN O    O N N 44  
ASN CB   C N N 45  
ASN CG   C N N 46  
ASN OD1  O N N 47  
ASN ND2  N N N 48  
ASN OXT  O N N 49  
ASN H    H N N 50  
ASN H2   H N N 51  
ASN HA   H N N 52  
ASN HB2  H N N 53  
ASN HB3  H N N 54  
ASN HD21 H N N 55  
ASN HD22 H N N 56  
ASN HXT  H N N 57  
ASP N    N N N 58  
ASP CA   C N S 59  
ASP C    C N N 60  
ASP O    O N N 61  
ASP CB   C N N 62  
ASP CG   C N N 63  
ASP OD1  O N N 64  
ASP OD2  O N N 65  
ASP OXT  O N N 66  
ASP H    H N N 67  
ASP H2   H N N 68  
ASP HA   H N N 69  
ASP HB2  H N N 70  
ASP HB3  H N N 71  
ASP HD2  H N N 72  
ASP HXT  H N N 73  
EDO C1   C N N 74  
EDO O1   O N N 75  
EDO C2   C N N 76  
EDO O2   O N N 77  
EDO H11  H N N 78  
EDO H12  H N N 79  
EDO HO1  H N N 80  
EDO H21  H N N 81  
EDO H22  H N N 82  
EDO HO2  H N N 83  
GLN N    N N N 84  
GLN CA   C N S 85  
GLN C    C N N 86  
GLN O    O N N 87  
GLN CB   C N N 88  
GLN CG   C N N 89  
GLN CD   C N N 90  
GLN OE1  O N N 91  
GLN NE2  N N N 92  
GLN OXT  O N N 93  
GLN H    H N N 94  
GLN H2   H N N 95  
GLN HA   H N N 96  
GLN HB2  H N N 97  
GLN HB3  H N N 98  
GLN HG2  H N N 99  
GLN HG3  H N N 100 
GLN HE21 H N N 101 
GLN HE22 H N N 102 
GLN HXT  H N N 103 
GLU N    N N N 104 
GLU CA   C N S 105 
GLU C    C N N 106 
GLU O    O N N 107 
GLU CB   C N N 108 
GLU CG   C N N 109 
GLU CD   C N N 110 
GLU OE1  O N N 111 
GLU OE2  O N N 112 
GLU OXT  O N N 113 
GLU H    H N N 114 
GLU H2   H N N 115 
GLU HA   H N N 116 
GLU HB2  H N N 117 
GLU HB3  H N N 118 
GLU HG2  H N N 119 
GLU HG3  H N N 120 
GLU HE2  H N N 121 
GLU HXT  H N N 122 
GLY N    N N N 123 
GLY CA   C N N 124 
GLY C    C N N 125 
GLY O    O N N 126 
GLY OXT  O N N 127 
GLY H    H N N 128 
GLY H2   H N N 129 
GLY HA2  H N N 130 
GLY HA3  H N N 131 
GLY HXT  H N N 132 
HIS N    N N N 133 
HIS CA   C N S 134 
HIS C    C N N 135 
HIS O    O N N 136 
HIS CB   C N N 137 
HIS CG   C Y N 138 
HIS ND1  N Y N 139 
HIS CD2  C Y N 140 
HIS CE1  C Y N 141 
HIS NE2  N Y N 142 
HIS OXT  O N N 143 
HIS H    H N N 144 
HIS H2   H N N 145 
HIS HA   H N N 146 
HIS HB2  H N N 147 
HIS HB3  H N N 148 
HIS HD1  H N N 149 
HIS HD2  H N N 150 
HIS HE1  H N N 151 
HIS HE2  H N N 152 
HIS HXT  H N N 153 
HOH O    O N N 154 
HOH H1   H N N 155 
HOH H2   H N N 156 
ILE N    N N N 157 
ILE CA   C N S 158 
ILE C    C N N 159 
ILE O    O N N 160 
ILE CB   C N S 161 
ILE CG1  C N N 162 
ILE CG2  C N N 163 
ILE CD1  C N N 164 
ILE OXT  O N N 165 
ILE H    H N N 166 
ILE H2   H N N 167 
ILE HA   H N N 168 
ILE HB   H N N 169 
ILE HG12 H N N 170 
ILE HG13 H N N 171 
ILE HG21 H N N 172 
ILE HG22 H N N 173 
ILE HG23 H N N 174 
ILE HD11 H N N 175 
ILE HD12 H N N 176 
ILE HD13 H N N 177 
ILE HXT  H N N 178 
LEU N    N N N 179 
LEU CA   C N S 180 
LEU C    C N N 181 
LEU O    O N N 182 
LEU CB   C N N 183 
LEU CG   C N N 184 
LEU CD1  C N N 185 
LEU CD2  C N N 186 
LEU OXT  O N N 187 
LEU H    H N N 188 
LEU H2   H N N 189 
LEU HA   H N N 190 
LEU HB2  H N N 191 
LEU HB3  H N N 192 
LEU HG   H N N 193 
LEU HD11 H N N 194 
LEU HD12 H N N 195 
LEU HD13 H N N 196 
LEU HD21 H N N 197 
LEU HD22 H N N 198 
LEU HD23 H N N 199 
LEU HXT  H N N 200 
LYS N    N N N 201 
LYS CA   C N S 202 
LYS C    C N N 203 
LYS O    O N N 204 
LYS CB   C N N 205 
LYS CG   C N N 206 
LYS CD   C N N 207 
LYS CE   C N N 208 
LYS NZ   N N N 209 
LYS OXT  O N N 210 
LYS H    H N N 211 
LYS H2   H N N 212 
LYS HA   H N N 213 
LYS HB2  H N N 214 
LYS HB3  H N N 215 
LYS HG2  H N N 216 
LYS HG3  H N N 217 
LYS HD2  H N N 218 
LYS HD3  H N N 219 
LYS HE2  H N N 220 
LYS HE3  H N N 221 
LYS HZ1  H N N 222 
LYS HZ2  H N N 223 
LYS HZ3  H N N 224 
LYS HXT  H N N 225 
MET N    N N N 226 
MET CA   C N S 227 
MET C    C N N 228 
MET O    O N N 229 
MET CB   C N N 230 
MET CG   C N N 231 
MET SD   S N N 232 
MET CE   C N N 233 
MET OXT  O N N 234 
MET H    H N N 235 
MET H2   H N N 236 
MET HA   H N N 237 
MET HB2  H N N 238 
MET HB3  H N N 239 
MET HG2  H N N 240 
MET HG3  H N N 241 
MET HE1  H N N 242 
MET HE2  H N N 243 
MET HE3  H N N 244 
MET HXT  H N N 245 
PHE N    N N N 246 
PHE CA   C N S 247 
PHE C    C N N 248 
PHE O    O N N 249 
PHE CB   C N N 250 
PHE CG   C Y N 251 
PHE CD1  C Y N 252 
PHE CD2  C Y N 253 
PHE CE1  C Y N 254 
PHE CE2  C Y N 255 
PHE CZ   C Y N 256 
PHE OXT  O N N 257 
PHE H    H N N 258 
PHE H2   H N N 259 
PHE HA   H N N 260 
PHE HB2  H N N 261 
PHE HB3  H N N 262 
PHE HD1  H N N 263 
PHE HD2  H N N 264 
PHE HE1  H N N 265 
PHE HE2  H N N 266 
PHE HZ   H N N 267 
PHE HXT  H N N 268 
PRO N    N N N 269 
PRO CA   C N S 270 
PRO C    C N N 271 
PRO O    O N N 272 
PRO CB   C N N 273 
PRO CG   C N N 274 
PRO CD   C N N 275 
PRO OXT  O N N 276 
PRO H    H N N 277 
PRO HA   H N N 278 
PRO HB2  H N N 279 
PRO HB3  H N N 280 
PRO HG2  H N N 281 
PRO HG3  H N N 282 
PRO HD2  H N N 283 
PRO HD3  H N N 284 
PRO HXT  H N N 285 
SER N    N N N 286 
SER CA   C N S 287 
SER C    C N N 288 
SER O    O N N 289 
SER CB   C N N 290 
SER OG   O N N 291 
SER OXT  O N N 292 
SER H    H N N 293 
SER H2   H N N 294 
SER HA   H N N 295 
SER HB2  H N N 296 
SER HB3  H N N 297 
SER HG   H N N 298 
SER HXT  H N N 299 
THR N    N N N 300 
THR CA   C N S 301 
THR C    C N N 302 
THR O    O N N 303 
THR CB   C N R 304 
THR OG1  O N N 305 
THR CG2  C N N 306 
THR OXT  O N N 307 
THR H    H N N 308 
THR H2   H N N 309 
THR HA   H N N 310 
THR HB   H N N 311 
THR HG1  H N N 312 
THR HG21 H N N 313 
THR HG22 H N N 314 
THR HG23 H N N 315 
THR HXT  H N N 316 
TYR N    N N N 317 
TYR CA   C N S 318 
TYR C    C N N 319 
TYR O    O N N 320 
TYR CB   C N N 321 
TYR CG   C Y N 322 
TYR CD1  C Y N 323 
TYR CD2  C Y N 324 
TYR CE1  C Y N 325 
TYR CE2  C Y N 326 
TYR CZ   C Y N 327 
TYR OH   O N N 328 
TYR OXT  O N N 329 
TYR H    H N N 330 
TYR H2   H N N 331 
TYR HA   H N N 332 
TYR HB2  H N N 333 
TYR HB3  H N N 334 
TYR HD1  H N N 335 
TYR HD2  H N N 336 
TYR HE1  H N N 337 
TYR HE2  H N N 338 
TYR HH   H N N 339 
TYR HXT  H N N 340 
VAL N    N N N 341 
VAL CA   C N S 342 
VAL C    C N N 343 
VAL O    O N N 344 
VAL CB   C N N 345 
VAL CG1  C N N 346 
VAL CG2  C N N 347 
VAL OXT  O N N 348 
VAL H    H N N 349 
VAL H2   H N N 350 
VAL HA   H N N 351 
VAL HB   H N N 352 
VAL HG11 H N N 353 
VAL HG12 H N N 354 
VAL HG13 H N N 355 
VAL HG21 H N N 356 
VAL HG22 H N N 357 
VAL HG23 H N N 358 
VAL HXT  H N N 359 
# 
loop_
_chem_comp_bond.comp_id 
_chem_comp_bond.atom_id_1 
_chem_comp_bond.atom_id_2 
_chem_comp_bond.value_order 
_chem_comp_bond.pdbx_aromatic_flag 
_chem_comp_bond.pdbx_stereo_config 
_chem_comp_bond.pdbx_ordinal 
ALA N   CA   sing N N 1   
ALA N   H    sing N N 2   
ALA N   H2   sing N N 3   
ALA CA  C    sing N N 4   
ALA CA  CB   sing N N 5   
ALA CA  HA   sing N N 6   
ALA C   O    doub N N 7   
ALA C   OXT  sing N N 8   
ALA CB  HB1  sing N N 9   
ALA CB  HB2  sing N N 10  
ALA CB  HB3  sing N N 11  
ALA OXT HXT  sing N N 12  
ARG N   CA   sing N N 13  
ARG N   H    sing N N 14  
ARG N   H2   sing N N 15  
ARG CA  C    sing N N 16  
ARG CA  CB   sing N N 17  
ARG CA  HA   sing N N 18  
ARG C   O    doub N N 19  
ARG C   OXT  sing N N 20  
ARG CB  CG   sing N N 21  
ARG CB  HB2  sing N N 22  
ARG CB  HB3  sing N N 23  
ARG CG  CD   sing N N 24  
ARG CG  HG2  sing N N 25  
ARG CG  HG3  sing N N 26  
ARG CD  NE   sing N N 27  
ARG CD  HD2  sing N N 28  
ARG CD  HD3  sing N N 29  
ARG NE  CZ   sing N N 30  
ARG NE  HE   sing N N 31  
ARG CZ  NH1  sing N N 32  
ARG CZ  NH2  doub N N 33  
ARG NH1 HH11 sing N N 34  
ARG NH1 HH12 sing N N 35  
ARG NH2 HH21 sing N N 36  
ARG NH2 HH22 sing N N 37  
ARG OXT HXT  sing N N 38  
ASN N   CA   sing N N 39  
ASN N   H    sing N N 40  
ASN N   H2   sing N N 41  
ASN CA  C    sing N N 42  
ASN CA  CB   sing N N 43  
ASN CA  HA   sing N N 44  
ASN C   O    doub N N 45  
ASN C   OXT  sing N N 46  
ASN CB  CG   sing N N 47  
ASN CB  HB2  sing N N 48  
ASN CB  HB3  sing N N 49  
ASN CG  OD1  doub N N 50  
ASN CG  ND2  sing N N 51  
ASN ND2 HD21 sing N N 52  
ASN ND2 HD22 sing N N 53  
ASN OXT HXT  sing N N 54  
ASP N   CA   sing N N 55  
ASP N   H    sing N N 56  
ASP N   H2   sing N N 57  
ASP CA  C    sing N N 58  
ASP CA  CB   sing N N 59  
ASP CA  HA   sing N N 60  
ASP C   O    doub N N 61  
ASP C   OXT  sing N N 62  
ASP CB  CG   sing N N 63  
ASP CB  HB2  sing N N 64  
ASP CB  HB3  sing N N 65  
ASP CG  OD1  doub N N 66  
ASP CG  OD2  sing N N 67  
ASP OD2 HD2  sing N N 68  
ASP OXT HXT  sing N N 69  
EDO C1  O1   sing N N 70  
EDO C1  C2   sing N N 71  
EDO C1  H11  sing N N 72  
EDO C1  H12  sing N N 73  
EDO O1  HO1  sing N N 74  
EDO C2  O2   sing N N 75  
EDO C2  H21  sing N N 76  
EDO C2  H22  sing N N 77  
EDO O2  HO2  sing N N 78  
GLN N   CA   sing N N 79  
GLN N   H    sing N N 80  
GLN N   H2   sing N N 81  
GLN CA  C    sing N N 82  
GLN CA  CB   sing N N 83  
GLN CA  HA   sing N N 84  
GLN C   O    doub N N 85  
GLN C   OXT  sing N N 86  
GLN CB  CG   sing N N 87  
GLN CB  HB2  sing N N 88  
GLN CB  HB3  sing N N 89  
GLN CG  CD   sing N N 90  
GLN CG  HG2  sing N N 91  
GLN CG  HG3  sing N N 92  
GLN CD  OE1  doub N N 93  
GLN CD  NE2  sing N N 94  
GLN NE2 HE21 sing N N 95  
GLN NE2 HE22 sing N N 96  
GLN OXT HXT  sing N N 97  
GLU N   CA   sing N N 98  
GLU N   H    sing N N 99  
GLU N   H2   sing N N 100 
GLU CA  C    sing N N 101 
GLU CA  CB   sing N N 102 
GLU CA  HA   sing N N 103 
GLU C   O    doub N N 104 
GLU C   OXT  sing N N 105 
GLU CB  CG   sing N N 106 
GLU CB  HB2  sing N N 107 
GLU CB  HB3  sing N N 108 
GLU CG  CD   sing N N 109 
GLU CG  HG2  sing N N 110 
GLU CG  HG3  sing N N 111 
GLU CD  OE1  doub N N 112 
GLU CD  OE2  sing N N 113 
GLU OE2 HE2  sing N N 114 
GLU OXT HXT  sing N N 115 
GLY N   CA   sing N N 116 
GLY N   H    sing N N 117 
GLY N   H2   sing N N 118 
GLY CA  C    sing N N 119 
GLY CA  HA2  sing N N 120 
GLY CA  HA3  sing N N 121 
GLY C   O    doub N N 122 
GLY C   OXT  sing N N 123 
GLY OXT HXT  sing N N 124 
HIS N   CA   sing N N 125 
HIS N   H    sing N N 126 
HIS N   H2   sing N N 127 
HIS CA  C    sing N N 128 
HIS CA  CB   sing N N 129 
HIS CA  HA   sing N N 130 
HIS C   O    doub N N 131 
HIS C   OXT  sing N N 132 
HIS CB  CG   sing N N 133 
HIS CB  HB2  sing N N 134 
HIS CB  HB3  sing N N 135 
HIS CG  ND1  sing Y N 136 
HIS CG  CD2  doub Y N 137 
HIS ND1 CE1  doub Y N 138 
HIS ND1 HD1  sing N N 139 
HIS CD2 NE2  sing Y N 140 
HIS CD2 HD2  sing N N 141 
HIS CE1 NE2  sing Y N 142 
HIS CE1 HE1  sing N N 143 
HIS NE2 HE2  sing N N 144 
HIS OXT HXT  sing N N 145 
HOH O   H1   sing N N 146 
HOH O   H2   sing N N 147 
ILE N   CA   sing N N 148 
ILE N   H    sing N N 149 
ILE N   H2   sing N N 150 
ILE CA  C    sing N N 151 
ILE CA  CB   sing N N 152 
ILE CA  HA   sing N N 153 
ILE C   O    doub N N 154 
ILE C   OXT  sing N N 155 
ILE CB  CG1  sing N N 156 
ILE CB  CG2  sing N N 157 
ILE CB  HB   sing N N 158 
ILE CG1 CD1  sing N N 159 
ILE CG1 HG12 sing N N 160 
ILE CG1 HG13 sing N N 161 
ILE CG2 HG21 sing N N 162 
ILE CG2 HG22 sing N N 163 
ILE CG2 HG23 sing N N 164 
ILE CD1 HD11 sing N N 165 
ILE CD1 HD12 sing N N 166 
ILE CD1 HD13 sing N N 167 
ILE OXT HXT  sing N N 168 
LEU N   CA   sing N N 169 
LEU N   H    sing N N 170 
LEU N   H2   sing N N 171 
LEU CA  C    sing N N 172 
LEU CA  CB   sing N N 173 
LEU CA  HA   sing N N 174 
LEU C   O    doub N N 175 
LEU C   OXT  sing N N 176 
LEU CB  CG   sing N N 177 
LEU CB  HB2  sing N N 178 
LEU CB  HB3  sing N N 179 
LEU CG  CD1  sing N N 180 
LEU CG  CD2  sing N N 181 
LEU CG  HG   sing N N 182 
LEU CD1 HD11 sing N N 183 
LEU CD1 HD12 sing N N 184 
LEU CD1 HD13 sing N N 185 
LEU CD2 HD21 sing N N 186 
LEU CD2 HD22 sing N N 187 
LEU CD2 HD23 sing N N 188 
LEU OXT HXT  sing N N 189 
LYS N   CA   sing N N 190 
LYS N   H    sing N N 191 
LYS N   H2   sing N N 192 
LYS CA  C    sing N N 193 
LYS CA  CB   sing N N 194 
LYS CA  HA   sing N N 195 
LYS C   O    doub N N 196 
LYS C   OXT  sing N N 197 
LYS CB  CG   sing N N 198 
LYS CB  HB2  sing N N 199 
LYS CB  HB3  sing N N 200 
LYS CG  CD   sing N N 201 
LYS CG  HG2  sing N N 202 
LYS CG  HG3  sing N N 203 
LYS CD  CE   sing N N 204 
LYS CD  HD2  sing N N 205 
LYS CD  HD3  sing N N 206 
LYS CE  NZ   sing N N 207 
LYS CE  HE2  sing N N 208 
LYS CE  HE3  sing N N 209 
LYS NZ  HZ1  sing N N 210 
LYS NZ  HZ2  sing N N 211 
LYS NZ  HZ3  sing N N 212 
LYS OXT HXT  sing N N 213 
MET N   CA   sing N N 214 
MET N   H    sing N N 215 
MET N   H2   sing N N 216 
MET CA  C    sing N N 217 
MET CA  CB   sing N N 218 
MET CA  HA   sing N N 219 
MET C   O    doub N N 220 
MET C   OXT  sing N N 221 
MET CB  CG   sing N N 222 
MET CB  HB2  sing N N 223 
MET CB  HB3  sing N N 224 
MET CG  SD   sing N N 225 
MET CG  HG2  sing N N 226 
MET CG  HG3  sing N N 227 
MET SD  CE   sing N N 228 
MET CE  HE1  sing N N 229 
MET CE  HE2  sing N N 230 
MET CE  HE3  sing N N 231 
MET OXT HXT  sing N N 232 
PHE N   CA   sing N N 233 
PHE N   H    sing N N 234 
PHE N   H2   sing N N 235 
PHE CA  C    sing N N 236 
PHE CA  CB   sing N N 237 
PHE CA  HA   sing N N 238 
PHE C   O    doub N N 239 
PHE C   OXT  sing N N 240 
PHE CB  CG   sing N N 241 
PHE CB  HB2  sing N N 242 
PHE CB  HB3  sing N N 243 
PHE CG  CD1  doub Y N 244 
PHE CG  CD2  sing Y N 245 
PHE CD1 CE1  sing Y N 246 
PHE CD1 HD1  sing N N 247 
PHE CD2 CE2  doub Y N 248 
PHE CD2 HD2  sing N N 249 
PHE CE1 CZ   doub Y N 250 
PHE CE1 HE1  sing N N 251 
PHE CE2 CZ   sing Y N 252 
PHE CE2 HE2  sing N N 253 
PHE CZ  HZ   sing N N 254 
PHE OXT HXT  sing N N 255 
PRO N   CA   sing N N 256 
PRO N   CD   sing N N 257 
PRO N   H    sing N N 258 
PRO CA  C    sing N N 259 
PRO CA  CB   sing N N 260 
PRO CA  HA   sing N N 261 
PRO C   O    doub N N 262 
PRO C   OXT  sing N N 263 
PRO CB  CG   sing N N 264 
PRO CB  HB2  sing N N 265 
PRO CB  HB3  sing N N 266 
PRO CG  CD   sing N N 267 
PRO CG  HG2  sing N N 268 
PRO CG  HG3  sing N N 269 
PRO CD  HD2  sing N N 270 
PRO CD  HD3  sing N N 271 
PRO OXT HXT  sing N N 272 
SER N   CA   sing N N 273 
SER N   H    sing N N 274 
SER N   H2   sing N N 275 
SER CA  C    sing N N 276 
SER CA  CB   sing N N 277 
SER CA  HA   sing N N 278 
SER C   O    doub N N 279 
SER C   OXT  sing N N 280 
SER CB  OG   sing N N 281 
SER CB  HB2  sing N N 282 
SER CB  HB3  sing N N 283 
SER OG  HG   sing N N 284 
SER OXT HXT  sing N N 285 
THR N   CA   sing N N 286 
THR N   H    sing N N 287 
THR N   H2   sing N N 288 
THR CA  C    sing N N 289 
THR CA  CB   sing N N 290 
THR CA  HA   sing N N 291 
THR C   O    doub N N 292 
THR C   OXT  sing N N 293 
THR CB  OG1  sing N N 294 
THR CB  CG2  sing N N 295 
THR CB  HB   sing N N 296 
THR OG1 HG1  sing N N 297 
THR CG2 HG21 sing N N 298 
THR CG2 HG22 sing N N 299 
THR CG2 HG23 sing N N 300 
THR OXT HXT  sing N N 301 
TYR N   CA   sing N N 302 
TYR N   H    sing N N 303 
TYR N   H2   sing N N 304 
TYR CA  C    sing N N 305 
TYR CA  CB   sing N N 306 
TYR CA  HA   sing N N 307 
TYR C   O    doub N N 308 
TYR C   OXT  sing N N 309 
TYR CB  CG   sing N N 310 
TYR CB  HB2  sing N N 311 
TYR CB  HB3  sing N N 312 
TYR CG  CD1  doub Y N 313 
TYR CG  CD2  sing Y N 314 
TYR CD1 CE1  sing Y N 315 
TYR CD1 HD1  sing N N 316 
TYR CD2 CE2  doub Y N 317 
TYR CD2 HD2  sing N N 318 
TYR CE1 CZ   doub Y N 319 
TYR CE1 HE1  sing N N 320 
TYR CE2 CZ   sing Y N 321 
TYR CE2 HE2  sing N N 322 
TYR CZ  OH   sing N N 323 
TYR OH  HH   sing N N 324 
TYR OXT HXT  sing N N 325 
VAL N   CA   sing N N 326 
VAL N   H    sing N N 327 
VAL N   H2   sing N N 328 
VAL CA  C    sing N N 329 
VAL CA  CB   sing N N 330 
VAL CA  HA   sing N N 331 
VAL C   O    doub N N 332 
VAL C   OXT  sing N N 333 
VAL CB  CG1  sing N N 334 
VAL CB  CG2  sing N N 335 
VAL CB  HB   sing N N 336 
VAL CG1 HG11 sing N N 337 
VAL CG1 HG12 sing N N 338 
VAL CG1 HG13 sing N N 339 
VAL CG2 HG21 sing N N 340 
VAL CG2 HG22 sing N N 341 
VAL CG2 HG23 sing N N 342 
VAL OXT HXT  sing N N 343 
# 
_pdbx_initial_refinement_model.accession_code   ? 
_pdbx_initial_refinement_model.id               1 
_pdbx_initial_refinement_model.entity_id_list   ? 
_pdbx_initial_refinement_model.type             'in silico model' 
_pdbx_initial_refinement_model.source_name      Other 
_pdbx_initial_refinement_model.details          'two 10-residue helices via ARCIMBOLDO' 
# 
_atom_sites.entry_id                    6CUM 
_atom_sites.fract_transf_matrix[1][1]   0.01479717 
_atom_sites.fract_transf_matrix[1][2]   0.00808150 
_atom_sites.fract_transf_matrix[1][3]   -0.01678925 
_atom_sites.fract_transf_matrix[2][1]   0.02350075 
_atom_sites.fract_transf_matrix[2][2]   -0.00272234 
_atom_sites.fract_transf_matrix[2][3]   0.00254131 
_atom_sites.fract_transf_matrix[3][1]   -0.00093642 
_atom_sites.fract_transf_matrix[3][2]   -0.01607904 
_atom_sites.fract_transf_matrix[3][3]   -0.00856495 
_atom_sites.fract_transf_vector[1]      0.499724 
_atom_sites.fract_transf_vector[2]      0.513732 
_atom_sites.fract_transf_vector[3]      0.002441 
# 
loop_
_atom_type.symbol 
C 
N 
O 
# 
loop_
_atom_site.group_PDB 
_atom_site.id 
_atom_site.type_symbol 
_atom_site.label_atom_id 
_atom_site.label_alt_id 
_atom_site.label_comp_id 
_atom_site.label_asym_id 
_atom_site.label_entity_id 
_atom_site.label_seq_id 
_atom_site.pdbx_PDB_ins_code 
_atom_site.Cartn_x 
_atom_site.Cartn_y 
_atom_site.Cartn_z 
_atom_site.occupancy 
_atom_site.B_iso_or_equiv 
_atom_site.pdbx_formal_charge 
_atom_site.auth_seq_id 
_atom_site.auth_comp_id 
_atom_site.auth_asym_id 
_atom_site.auth_atom_id 
_atom_site.pdbx_PDB_model_num 
ATOM   1   N N   . ASP A 1 261 ? -2.624  10.682  -25.056 1.00 63.29 ? 240 ASP A N   1 
ATOM   2   C CA  . ASP A 1 261 ? -3.753  10.882  -25.963 1.00 61.90 ? 240 ASP A CA  1 
ATOM   3   C C   . ASP A 1 261 ? -4.704  9.683   -25.945 1.00 62.91 ? 240 ASP A C   1 
ATOM   4   O O   . ASP A 1 261 ? -5.892  9.833   -25.660 1.00 70.11 ? 240 ASP A O   1 
ATOM   5   C CB  . ASP A 1 261 ? -3.265  11.136  -27.388 1.00 65.98 ? 240 ASP A CB  1 
ATOM   6   N N   . THR A 1 262 ? -4.171  8.498   -26.249 1.00 53.17 ? 241 THR A N   1 
ATOM   7   C CA  . THR A 1 262 ? -4.972  7.281   -26.292 1.00 46.43 ? 241 THR A CA  1 
ATOM   8   C C   . THR A 1 262 ? -5.471  6.918   -24.896 1.00 46.98 ? 241 THR A C   1 
ATOM   9   O O   . THR A 1 262 ? -4.934  7.399   -23.892 1.00 45.01 ? 241 THR A O   1 
ATOM   10  C CB  . THR A 1 262 ? -4.147  6.129   -26.857 1.00 48.27 ? 241 THR A CB  1 
ATOM   11  O OG1 . THR A 1 262 ? -3.075  5.822   -25.952 1.00 45.92 ? 241 THR A OG1 1 
ATOM   12  C CG2 . THR A 1 262 ? -3.581  6.506   -28.214 1.00 49.02 ? 241 THR A CG2 1 
ATOM   13  N N   . PRO A 1 263 ? -6.499  6.060   -24.797 1.00 38.26 ? 242 PRO A N   1 
ATOM   14  C CA  . PRO A 1 263 ? -6.930  5.632   -23.454 1.00 36.34 ? 242 PRO A CA  1 
ATOM   15  C C   . PRO A 1 263 ? -5.836  4.897   -22.718 1.00 31.57 ? 242 PRO A C   1 
ATOM   16  O O   . PRO A 1 263 ? -5.647  5.120   -21.516 1.00 35.23 ? 242 PRO A O   1 
ATOM   17  C CB  . PRO A 1 263 ? -8.138  4.721   -23.729 1.00 42.78 ? 242 PRO A CB  1 
ATOM   18  C CG  . PRO A 1 263 ? -8.534  4.992   -25.143 1.00 46.73 ? 242 PRO A CG  1 
ATOM   19  C CD  . PRO A 1 263 ? -7.299  5.418   -25.860 1.00 43.83 ? 242 PRO A CD  1 
ATOM   20  N N   . GLU A 1 264 ? -5.095  4.031   -23.415 1.00 41.47 ? 243 GLU A N   1 
ATOM   21  C CA  . GLU A 1 264 ? -4.011  3.312   -22.759 1.00 35.70 ? 243 GLU A CA  1 
ATOM   22  C C   . GLU A 1 264 ? -3.007  4.282   -22.146 1.00 32.39 ? 243 GLU A C   1 
ATOM   23  O O   . GLU A 1 264 ? -2.635  4.145   -20.978 1.00 33.55 ? 243 GLU A O   1 
ATOM   24  C CB  . GLU A 1 264 ? -3.319  2.380   -23.749 1.00 40.56 ? 243 GLU A CB  1 
ATOM   25  C CG  . GLU A 1 264 ? -4.147  1.176   -24.192 1.00 43.91 ? 243 GLU A CG  1 
ATOM   26  C CD  . GLU A 1 264 ? -5.023  1.465   -25.396 1.00 51.58 ? 243 GLU A CD  1 
ATOM   27  O OE1 . GLU A 1 264 ? -5.145  2.642   -25.794 1.00 48.75 ? 243 GLU A OE1 1 
ATOM   28  O OE2 . GLU A 1 264 ? -5.591  0.508   -25.958 1.00 55.92 ? 243 GLU A OE2 1 
ATOM   29  N N   . ARG A 1 265 ? -2.566  5.278   -22.922 1.00 36.44 ? 244 ARG A N   1 
ATOM   30  C CA  . ARG A 1 265 ? -1.531  6.187   -22.441 1.00 36.96 ? 244 ARG A CA  1 
ATOM   31  C C   . ARG A 1 265 ? -2.037  7.051   -21.290 1.00 34.43 ? 244 ARG A C   1 
ATOM   32  O O   . ARG A 1 265 ? -1.344  7.223   -20.281 1.00 31.17 ? 244 ARG A O   1 
ATOM   33  C CB  . ARG A 1 265 ? -1.024  7.062   -23.591 1.00 44.18 ? 244 ARG A CB  1 
ATOM   34  N N   . ARG A 1 266 ? -3.243  7.603   -21.419 1.00 34.12 ? 245 ARG A N   1 
ATOM   35  C CA  A ARG A 1 266 ? -3.746  8.463   -20.351 0.50 35.58 ? 245 ARG A CA  1 
ATOM   36  C CA  B ARG A 1 266 ? -3.783  8.455   -20.361 0.50 35.60 ? 245 ARG A CA  1 
ATOM   37  C C   . ARG A 1 266 ? -3.964  7.676   -19.066 1.00 31.33 ? 245 ARG A C   1 
ATOM   38  O O   . ARG A 1 266 ? -3.717  8.194   -17.968 1.00 27.73 ? 245 ARG A O   1 
ATOM   39  C CB  A ARG A 1 266 ? -5.029  9.166   -20.792 0.50 42.49 ? 245 ARG A CB  1 
ATOM   40  C CB  B ARG A 1 266 ? -5.115  9.059   -20.806 0.50 41.71 ? 245 ARG A CB  1 
ATOM   41  C CG  A ARG A 1 266 ? -4.773  10.352  -21.728 0.50 50.62 ? 245 ARG A CG  1 
ATOM   42  C CG  B ARG A 1 266 ? -5.022  9.998   -22.010 0.50 51.15 ? 245 ARG A CG  1 
ATOM   43  C CD  A ARG A 1 266 ? -6.064  10.933  -22.279 0.50 55.40 ? 245 ARG A CD  1 
ATOM   44  C CD  B ARG A 1 266 ? -6.305  10.806  -22.143 0.50 55.00 ? 245 ARG A CD  1 
ATOM   45  N NE  A ARG A 1 266 ? -6.989  9.872   -22.665 0.50 54.23 ? 245 ARG A NE  1 
ATOM   46  N NE  B ARG A 1 266 ? -6.843  11.100  -20.819 0.50 51.27 ? 245 ARG A NE  1 
ATOM   47  C CZ  A ARG A 1 266 ? -8.139  9.622   -22.050 0.50 54.97 ? 245 ARG A CZ  1 
ATOM   48  C CZ  B ARG A 1 266 ? -6.497  12.152  -20.086 0.50 50.47 ? 245 ARG A CZ  1 
ATOM   49  N NH1 A ARG A 1 266 ? -8.528  10.373  -21.028 0.50 54.45 ? 245 ARG A NH1 1 
ATOM   50  N NH1 B ARG A 1 266 ? -5.628  13.035  -20.559 0.50 51.53 ? 245 ARG A NH1 1 
ATOM   51  N NH2 A ARG A 1 266 ? -8.907  8.625   -22.469 0.50 57.14 ? 245 ARG A NH2 1 
ATOM   52  N NH2 B ARG A 1 266 ? -7.027  12.321  -18.882 0.50 45.37 ? 245 ARG A NH2 1 
ATOM   53  N N   . ARG A 1 267 ? -4.399  6.426   -19.176 1.00 26.59 ? 246 ARG A N   1 
ATOM   54  C CA  . ARG A 1 267 ? -4.611  5.623   -17.989 1.00 22.65 ? 246 ARG A CA  1 
ATOM   55  C C   . ARG A 1 267 ? -3.302  5.122   -17.410 1.00 24.80 ? 246 ARG A C   1 
ATOM   56  O O   . ARG A 1 267 ? -3.211  4.918   -16.196 1.00 26.16 ? 246 ARG A O   1 
ATOM   57  C CB  . ARG A 1 267 ? -5.546  4.469   -18.329 1.00 22.73 ? 246 ARG A CB  1 
ATOM   58  C CG  . ARG A 1 267 ? -6.976  4.968   -18.479 1.00 24.14 ? 246 ARG A CG  1 
ATOM   59  C CD  . ARG A 1 267 ? -7.881  3.957   -19.150 1.00 24.63 ? 246 ARG A CD  1 
ATOM   60  N NE  . ARG A 1 267 ? -9.240  4.486   -19.211 1.00 27.41 ? 246 ARG A NE  1 
ATOM   61  C CZ  . ARG A 1 267 ? -10.221 3.961   -19.928 1.00 27.61 ? 246 ARG A CZ  1 
ATOM   62  N NH1 . ARG A 1 267 ? -10.005 2.859   -20.669 1.00 28.49 ? 246 ARG A NH1 1 
ATOM   63  N NH2 . ARG A 1 267 ? -11.427 4.512   -19.906 1.00 29.02 ? 246 ARG A NH2 1 
ATOM   64  N N   . ALA A 1 268 ? -2.279  4.954   -18.250 1.00 25.30 ? 247 ALA A N   1 
ATOM   65  C CA  . ALA A 1 268 ? -0.964  4.604   -17.728 1.00 23.17 ? 247 ALA A CA  1 
ATOM   66  C C   . ALA A 1 268 ? -0.360  5.763   -16.943 1.00 23.49 ? 247 ALA A C   1 
ATOM   67  O O   . ALA A 1 268 ? 0.253   5.542   -15.897 1.00 25.98 ? 247 ALA A O   1 
ATOM   68  C CB  . ALA A 1 268 ? -0.032  4.194   -18.865 1.00 28.04 ? 247 ALA A CB  1 
ATOM   69  N N   . ARG A 1 269 ? -0.507  6.995   -17.447 1.00 27.51 ? 248 ARG A N   1 
ATOM   70  C CA  . ARG A 1 269 ? -0.035  8.165   -16.694 1.00 27.04 ? 248 ARG A CA  1 
ATOM   71  C C   . ARG A 1 269 ? -0.755  8.279   -15.361 1.00 29.07 ? 248 ARG A C   1 
ATOM   72  O O   . ARG A 1 269 ? -0.146  8.651   -14.344 1.00 27.03 ? 248 ARG A O   1 
ATOM   73  C CB  . ARG A 1 269 ? -0.236  9.460   -17.495 1.00 30.60 ? 248 ARG A CB  1 
ATOM   74  C CG  . ARG A 1 269 ? 0.637   9.620   -18.729 1.00 35.54 ? 248 ARG A CG  1 
ATOM   75  C CD  . ARG A 1 269 ? 0.749   11.086  -19.148 1.00 49.24 ? 248 ARG A CD  1 
ATOM   76  N NE  . ARG A 1 269 ? -0.560  11.717  -19.314 1.00 55.90 ? 248 ARG A NE  1 
ATOM   77  C CZ  . ARG A 1 269 ? -1.255  11.721  -20.449 1.00 63.47 ? 248 ARG A CZ  1 
ATOM   78  N NH1 . ARG A 1 269 ? -0.774  11.124  -21.535 1.00 65.13 ? 248 ARG A NH1 1 
ATOM   79  N NH2 . ARG A 1 269 ? -2.436  12.325  -20.503 1.00 67.46 ? 248 ARG A NH2 1 
ATOM   80  N N   . ALA A 1 270 ? -2.069  8.043   -15.359 1.00 23.12 ? 249 ALA A N   1 
ATOM   81  C CA  . ALA A 1 270 ? -2.822  8.129   -14.114 1.00 24.67 ? 249 ALA A CA  1 
ATOM   82  C C   . ALA A 1 270 ? -2.377  7.054   -13.148 1.00 23.19 ? 249 ALA A C   1 
ATOM   83  O O   . ALA A 1 270 ? -2.234  7.315   -11.944 1.00 21.86 ? 249 ALA A O   1 
ATOM   84  C CB  . ALA A 1 270 ? -4.329  8.027   -14.379 1.00 21.93 ? 249 ALA A CB  1 
ATOM   85  N N   . ARG A 1 271 ? -2.140  5.829   -13.658 1.00 19.70 ? 250 ARG A N   1 
ATOM   86  C CA  . ARG A 1 271 ? -1.713  4.755   -12.780 1.00 19.16 ? 250 ARG A CA  1 
ATOM   87  C C   . ARG A 1 271 ? -0.393  5.103   -12.109 1.00 21.34 ? 250 ARG A C   1 
ATOM   88  O O   . ARG A 1 271 ? -0.195  4.823   -10.918 1.00 20.52 ? 250 ARG A O   1 
ATOM   89  C CB  . ARG A 1 271 ? -1.554  3.460   -13.585 1.00 18.98 ? 250 ARG A CB  1 
ATOM   90  C CG  . ARG A 1 271 ? -1.504  2.193   -12.736 1.00 21.21 ? 250 ARG A CG  1 
ATOM   91  C CD  . ARG A 1 271 ? -1.168  1.002   -13.626 1.00 24.45 ? 250 ARG A CD  1 
ATOM   92  N NE  . ARG A 1 271 ? -1.500  -0.284  -13.024 1.00 26.99 ? 250 ARG A NE  1 
ATOM   93  C CZ  . ARG A 1 271 ? -2.696  -0.855  -13.137 1.00 32.17 ? 250 ARG A CZ  1 
ATOM   94  N NH1 . ARG A 1 271 ? -3.652  -0.234  -13.817 1.00 29.23 ? 250 ARG A NH1 1 
ATOM   95  N NH2 . ARG A 1 271 ? -2.936  -2.055  -12.594 1.00 29.39 ? 250 ARG A NH2 1 
ATOM   96  N N   . SER A 1 272 ? 0.541   5.664   -12.877 1.00 21.67 ? 251 SER A N   1 
ATOM   97  C CA  A SER A 1 272 ? 1.846   5.996   -12.319 0.31 21.49 ? 251 SER A CA  1 
ATOM   98  C CA  B SER A 1 272 ? 1.847   6.001   -12.324 0.55 21.22 ? 251 SER A CA  1 
ATOM   99  C CA  C SER A 1 272 ? 1.845   5.990   -12.314 0.14 21.77 ? 251 SER A CA  1 
ATOM   100 C C   . SER A 1 272 ? 1.719   7.074   -11.252 1.00 21.06 ? 251 SER A C   1 
ATOM   101 O O   . SER A 1 272 ? 2.409   7.018   -10.230 1.00 24.04 ? 251 SER A O   1 
ATOM   102 C CB  A SER A 1 272 ? 2.800   6.448   -13.426 0.31 24.83 ? 251 SER A CB  1 
ATOM   103 C CB  B SER A 1 272 ? 2.789   6.468   -13.435 0.55 25.02 ? 251 SER A CB  1 
ATOM   104 C CB  C SER A 1 272 ? 2.814   6.425   -13.417 0.14 24.71 ? 251 SER A CB  1 
ATOM   105 O OG  A SER A 1 272 ? 3.008   5.418   -14.377 0.31 23.71 ? 251 SER A OG  1 
ATOM   106 O OG  B SER A 1 272 ? 4.076   6.764   -12.926 0.55 27.97 ? 251 SER A OG  1 
ATOM   107 O OG  C SER A 1 272 ? 2.402   7.632   -14.036 0.14 26.25 ? 251 SER A OG  1 
ATOM   108 N N   . GLN A 1 273 ? 0.850   8.057   -11.488 1.00 21.59 ? 252 GLN A N   1 
ATOM   109 C CA  . GLN A 1 273 ? 0.628   9.119   -10.507 1.00 20.21 ? 252 GLN A CA  1 
ATOM   110 C C   . GLN A 1 273 ? -0.025  8.564   -9.246  1.00 21.86 ? 252 GLN A C   1 
ATOM   111 O O   . GLN A 1 273 ? 0.401   8.877   -8.123  1.00 24.30 ? 252 GLN A O   1 
ATOM   112 C CB  . GLN A 1 273 ? -0.228  10.216  -11.124 1.00 21.87 ? 252 GLN A CB  1 
ATOM   113 C CG  . GLN A 1 273 ? -0.538  11.379  -10.153 1.00 24.49 ? 252 GLN A CG  1 
ATOM   114 C CD  . GLN A 1 273 ? 0.660   12.255  -9.803  1.00 33.20 ? 252 GLN A CD  1 
ATOM   115 O OE1 . GLN A 1 273 ? 1.800   11.943  -10.143 1.00 32.80 ? 252 GLN A OE1 1 
ATOM   116 N NE2 . GLN A 1 273 ? 0.398   13.392  -9.134  1.00 31.01 ? 252 GLN A NE2 1 
ATOM   117 N N   . ILE A 1 274 ? -1.062  7.746   -9.405  1.00 21.37 ? 253 ILE A N   1 
ATOM   118 C CA  . ILE A 1 274 ? -1.687  7.123   -8.241  1.00 21.13 ? 253 ILE A CA  1 
ATOM   119 C C   . ILE A 1 274 ? -0.660  6.321   -7.454  1.00 24.68 ? 253 ILE A C   1 
ATOM   120 O O   . ILE A 1 274 ? -0.582  6.414   -6.223  1.00 24.03 ? 253 ILE A O   1 
ATOM   121 C CB  . ILE A 1 274 ? -2.859  6.223   -8.667  1.00 19.11 ? 253 ILE A CB  1 
ATOM   122 C CG1 . ILE A 1 274 ? -3.994  7.073   -9.243  1.00 20.62 ? 253 ILE A CG1 1 
ATOM   123 C CG2 . ILE A 1 274 ? -3.295  5.398   -7.487  1.00 21.32 ? 253 ILE A CG2 1 
ATOM   124 C CD1 . ILE A 1 274 ? -5.084  6.221   -9.906  1.00 20.20 ? 253 ILE A CD1 1 
ATOM   125 N N   . LEU A 1 275 ? 0.128   5.504   -8.153  1.00 22.09 ? 254 LEU A N   1 
ATOM   126 C CA  . LEU A 1 275 ? 1.089   4.664   -7.450  1.00 24.28 ? 254 LEU A CA  1 
ATOM   127 C C   . LEU A 1 275 ? 2.139   5.502   -6.740  1.00 24.52 ? 254 LEU A C   1 
ATOM   128 O O   . LEU A 1 275 ? 2.567   5.161   -5.631  1.00 25.77 ? 254 LEU A O   1 
ATOM   129 C CB  . LEU A 1 275 ? 1.744   3.687   -8.412  1.00 23.25 ? 254 LEU A CB  1 
ATOM   130 C CG  . LEU A 1 275 ? 0.896   2.462   -8.687  1.00 25.76 ? 254 LEU A CG  1 
ATOM   131 C CD1 . LEU A 1 275 ? 1.552   1.685   -9.804  1.00 26.28 ? 254 LEU A CD1 1 
ATOM   132 C CD2 . LEU A 1 275 ? 0.802   1.599   -7.413  1.00 27.98 ? 254 LEU A CD2 1 
ATOM   133 N N   . SER A 1 276 ? 2.557   6.611   -7.354  1.00 20.89 ? 255 SER A N   1 
ATOM   134 C CA  . SER A 1 276 ? 3.546   7.458   -6.714  1.00 23.95 ? 255 SER A CA  1 
ATOM   135 C C   . SER A 1 276 ? 3.004   8.038   -5.413  1.00 26.13 ? 255 SER A C   1 
ATOM   136 O O   . SER A 1 276 ? 3.696   8.047   -4.386  1.00 27.85 ? 255 SER A O   1 
ATOM   137 C CB  . SER A 1 276 ? 3.966   8.559   -7.681  1.00 24.22 ? 255 SER A CB  1 
ATOM   138 O OG  . SER A 1 276 ? 4.812   9.499   -7.041  1.00 36.34 ? 255 SER A OG  1 
ATOM   139 N N   . LEU A 1 277 ? 1.776   8.552   -5.445  1.00 23.76 ? 256 LEU A N   1 
ATOM   140 C CA  . LEU A 1 277 ? 1.163   9.089   -4.224  1.00 24.18 ? 256 LEU A CA  1 
ATOM   141 C C   . LEU A 1 277 ? 0.925   7.981   -3.205  1.00 24.19 ? 256 LEU A C   1 
ATOM   142 O O   . LEU A 1 277 ? 1.130   8.173   -2.001  1.00 28.05 ? 256 LEU A O   1 
ATOM   143 C CB  . LEU A 1 277 ? -0.148  9.783   -4.578  1.00 25.63 ? 256 LEU A CB  1 
ATOM   144 C CG  . LEU A 1 277 ? -0.038  11.018  -5.469  1.00 24.03 ? 256 LEU A CG  1 
ATOM   145 C CD1 . LEU A 1 277 ? -1.422  11.488  -5.931  1.00 26.02 ? 256 LEU A CD1 1 
ATOM   146 C CD2 . LEU A 1 277 ? 0.665   12.147  -4.722  1.00 26.51 ? 256 LEU A CD2 1 
ATOM   147 N N   . ALA A 1 278 ? 0.506   6.808   -3.679  1.00 20.60 ? 257 ALA A N   1 
ATOM   148 C CA  . ALA A 1 278 ? 0.190   5.694   -2.793  1.00 20.63 ? 257 ALA A CA  1 
ATOM   149 C C   . ALA A 1 278 ? 1.423   5.188   -2.053  1.00 25.47 ? 257 ALA A C   1 
ATOM   150 O O   . ALA A 1 278 ? 1.296   4.675   -0.938  1.00 24.23 ? 257 ALA A O   1 
ATOM   151 C CB  . ALA A 1 278 ? -0.433  4.549   -3.601  1.00 21.36 ? 257 ALA A CB  1 
ATOM   152 N N   . GLN A 1 279 ? 2.607   5.270   -2.675  1.00 27.95 ? 258 GLN A N   1 
ATOM   153 C CA  . GLN A 1 279 ? 3.837   4.867   -1.993  1.00 30.21 ? 258 GLN A CA  1 
ATOM   154 C C   . GLN A 1 279 ? 3.995   5.601   -0.673  1.00 28.98 ? 258 GLN A C   1 
ATOM   155 O O   . GLN A 1 279 ? 4.374   5.010   0.346   1.00 30.60 ? 258 GLN A O   1 
ATOM   156 C CB  . GLN A 1 279 ? 5.059   5.165   -2.862  1.00 40.39 ? 258 GLN A CB  1 
ATOM   157 C CG  . GLN A 1 279 ? 5.082   4.491   -4.194  1.00 50.89 ? 258 GLN A CG  1 
ATOM   158 C CD  . GLN A 1 279 ? 5.166   3.004   -4.065  1.00 51.79 ? 258 GLN A CD  1 
ATOM   159 O OE1 . GLN A 1 279 ? 5.738   2.496   -3.103  1.00 52.58 ? 258 GLN A OE1 1 
ATOM   160 N NE2 . GLN A 1 279 ? 4.592   2.288   -5.025  1.00 56.84 ? 258 GLN A NE2 1 
ATOM   161 N N   . THR A 1 280 ? 3.737   6.906   -0.688  1.00 27.93 ? 259 THR A N   1 
ATOM   162 C CA  . THR A 1 280 ? 3.871   7.716   0.507   1.00 25.59 ? 259 THR A CA  1 
ATOM   163 C C   . THR A 1 280 ? 2.781   7.395   1.514   1.00 26.60 ? 259 THR A C   1 
ATOM   164 O O   . THR A 1 280 ? 3.051   7.307   2.719   1.00 27.79 ? 259 THR A O   1 
ATOM   165 C CB  . THR A 1 280 ? 3.832   9.188   0.100   1.00 30.37 ? 259 THR A CB  1 
ATOM   166 O OG1 . THR A 1 280 ? 4.897   9.425   -0.823  1.00 37.18 ? 259 THR A OG1 1 
ATOM   167 C CG2 . THR A 1 280 ? 3.965   10.092  1.303   1.00 32.59 ? 259 THR A CG2 1 
ATOM   168 N N   . LEU A 1 281 ? 1.541   7.242   1.038   1.00 21.98 ? 260 LEU A N   1 
ATOM   169 C CA  . LEU A 1 281 ? 0.440   6.864   1.919   1.00 23.09 ? 260 LEU A CA  1 
ATOM   170 C C   . LEU A 1 281 ? 0.707   5.524   2.583   1.00 24.12 ? 260 LEU A C   1 
ATOM   171 O O   . LEU A 1 281 ? 0.362   5.314   3.751   1.00 26.23 ? 260 LEU A O   1 
ATOM   172 C CB  . LEU A 1 281 ? -0.871  6.817   1.130   1.00 23.95 ? 260 LEU A CB  1 
ATOM   173 C CG  . LEU A 1 281 ? -1.433  8.158   0.649   1.00 27.78 ? 260 LEU A CG  1 
ATOM   174 C CD1 . LEU A 1 281 ? -2.635  7.923   -0.257  1.00 30.16 ? 260 LEU A CD1 1 
ATOM   175 C CD2 . LEU A 1 281 ? -1.837  9.044   1.799   1.00 27.48 ? 260 LEU A CD2 1 
ATOM   176 N N   . LEU A 1 282 ? 1.295   4.586   1.842   1.00 21.96 ? 261 LEU A N   1 
ATOM   177 C CA  . LEU A 1 282 ? 1.647   3.297   2.419   1.00 21.34 ? 261 LEU A CA  1 
ATOM   178 C C   . LEU A 1 282 ? 2.709   3.437   3.506   1.00 24.37 ? 261 LEU A C   1 
ATOM   179 O O   . LEU A 1 282 ? 2.563   2.896   4.613   1.00 24.49 ? 261 LEU A O   1 
ATOM   180 C CB  . LEU A 1 282 ? 2.117   2.355   1.297   1.00 24.04 ? 261 LEU A CB  1 
ATOM   181 C CG  . LEU A 1 282 ? 2.769   1.048   1.708   1.00 24.41 ? 261 LEU A CG  1 
ATOM   182 C CD1 . LEU A 1 282 ? 1.774   0.177   2.466   1.00 24.51 ? 261 LEU A CD1 1 
ATOM   183 C CD2 . LEU A 1 282 ? 3.264   0.275   0.459   1.00 25.52 ? 261 LEU A CD2 1 
ATOM   184 N N   . ARG A 1 283 ? 3.805   4.146   3.204   1.00 25.17 ? 262 ARG A N   1 
ATOM   185 C CA  . ARG A 1 283 ? 4.872   4.310   4.181   1.00 29.87 ? 262 ARG A CA  1 
ATOM   186 C C   . ARG A 1 283 ? 4.357   4.964   5.460   1.00 29.15 ? 262 ARG A C   1 
ATOM   187 O O   . ARG A 1 283 ? 4.832   4.645   6.558   1.00 28.41 ? 262 ARG A O   1 
ATOM   188 C CB  . ARG A 1 283 ? 5.996   5.131   3.547   1.00 35.49 ? 262 ARG A CB  1 
ATOM   189 C CG  . ARG A 1 283 ? 7.350   4.996   4.200   1.00 55.81 ? 262 ARG A CG  1 
ATOM   190 C CD  . ARG A 1 283 ? 8.454   5.588   3.315   1.00 64.73 ? 262 ARG A CD  1 
ATOM   191 N NE  . ARG A 1 283 ? 8.186   6.974   2.922   1.00 69.62 ? 262 ARG A NE  1 
ATOM   192 C CZ  . ARG A 1 283 ? 7.873   7.358   1.686   1.00 66.77 ? 262 ARG A CZ  1 
ATOM   193 N NH1 . ARG A 1 283 ? 7.791   6.464   0.707   1.00 65.88 ? 262 ARG A NH1 1 
ATOM   194 N NH2 . ARG A 1 283 ? 7.646   8.641   1.429   1.00 59.53 ? 262 ARG A NH2 1 
ATOM   195 N N   . ASN A 1 284 ? 3.357   5.836   5.339   1.00 29.47 ? 263 ASN A N   1 
ATOM   196 C CA  . ASN A 1 284 ? 2.804   6.602   6.449   1.00 28.43 ? 263 ASN A CA  1 
ATOM   197 C C   . ASN A 1 284 ? 1.516   6.001   6.994   1.00 28.96 ? 263 ASN A C   1 
ATOM   198 O O   . ASN A 1 284 ? 0.798   6.670   7.736   1.00 31.04 ? 263 ASN A O   1 
ATOM   199 C CB  . ASN A 1 284 ? 2.545   8.058   6.013   1.00 30.58 ? 263 ASN A CB  1 
ATOM   200 C CG  . ASN A 1 284 ? 3.823   8.834   5.715   1.00 33.62 ? 263 ASN A CG  1 
ATOM   201 O OD1 . ASN A 1 284 ? 4.883   8.555   6.280   1.00 41.39 ? 263 ASN A OD1 1 
ATOM   202 N ND2 . ASN A 1 284 ? 3.714   9.853   4.857   1.00 41.80 ? 263 ASN A ND2 1 
ATOM   203 N N   . HIS A 1 285 ? 1.197   4.758   6.633   1.00 24.89 ? 264 HIS A N   1 
ATOM   204 C CA  . HIS A 1 285 ? -0.097  4.179   6.984   1.00 22.03 ? 264 HIS A CA  1 
ATOM   205 C C   . HIS A 1 285 ? -0.267  4.099   8.498   1.00 26.63 ? 264 HIS A C   1 
ATOM   206 O O   . HIS A 1 285 ? 0.627   3.632   9.210   1.00 26.68 ? 264 HIS A O   1 
ATOM   207 C CB  . HIS A 1 285 ? -0.198  2.795   6.359   1.00 21.47 ? 264 HIS A CB  1 
ATOM   208 C CG  . HIS A 1 285 ? -1.582  2.245   6.315   1.00 25.39 ? 264 HIS A CG  1 
ATOM   209 N ND1 . HIS A 1 285 ? -2.316  1.972   7.446   1.00 25.45 ? 264 HIS A ND1 1 
ATOM   210 C CD2 . HIS A 1 285 ? -2.341  1.833   5.269   1.00 34.05 ? 264 HIS A CD2 1 
ATOM   211 C CE1 . HIS A 1 285 ? -3.488  1.469   7.103   1.00 31.88 ? 264 HIS A CE1 1 
ATOM   212 N NE2 . HIS A 1 285 ? -3.528  1.373   5.786   1.00 37.78 ? 264 HIS A NE2 1 
ATOM   213 N N   . ALA A 1 286 ? -1.433  4.550   8.986   1.00 26.55 ? 265 ALA A N   1 
ATOM   214 C CA  . ALA A 1 286 ? -1.660  4.643   10.423  1.00 29.99 ? 265 ALA A CA  1 
ATOM   215 C C   . ALA A 1 286 ? -1.761  3.287   11.106  1.00 29.52 ? 265 ALA A C   1 
ATOM   216 O O   . ALA A 1 286 ? -1.680  3.238   12.336  1.00 28.42 ? 265 ALA A O   1 
ATOM   217 C CB  . ALA A 1 286 ? -2.930  5.449   10.704  1.00 35.00 ? 265 ALA A CB  1 
ATOM   218 N N   . ASP A 1 287 ? -1.961  2.195   10.357  1.00 26.36 ? 266 ASP A N   1 
ATOM   219 C CA  . ASP A 1 287 ? -2.043  0.882   10.988  1.00 22.88 ? 266 ASP A CA  1 
ATOM   220 C C   . ASP A 1 287 ? -0.721  0.128   10.999  1.00 24.81 ? 266 ASP A C   1 
ATOM   221 O O   . ASP A 1 287 ? -0.654  -0.956  11.578  1.00 22.27 ? 266 ASP A O   1 
ATOM   222 C CB  . ASP A 1 287 ? -3.091  -0.007  10.290  1.00 24.11 ? 266 ASP A CB  1 
ATOM   223 C CG  . ASP A 1 287 ? -4.472  0.582   10.345  1.00 37.49 ? 266 ASP A CG  1 
ATOM   224 O OD1 . ASP A 1 287 ? -5.223  0.427   9.362   1.00 39.90 ? 266 ASP A OD1 1 
ATOM   225 O OD2 . ASP A 1 287 ? -4.807  1.221   11.368  1.00 39.17 ? 266 ASP A OD2 1 
ATOM   226 N N   . LEU A 1 288 ? 0.325   0.662   10.377  1.00 24.62 ? 267 LEU A N   1 
ATOM   227 C CA  A LEU A 1 288 ? 1.592   -0.066  10.305  0.63 23.36 ? 267 LEU A CA  1 
ATOM   228 C CA  B LEU A 1 288 ? 1.595   -0.052  10.299  0.37 23.92 ? 267 LEU A CA  1 
ATOM   229 C C   . LEU A 1 288 ? 2.179   -0.323  11.684  1.00 23.06 ? 267 LEU A C   1 
ATOM   230 O O   . LEU A 1 288 ? 2.755   -1.385  11.925  1.00 26.01 ? 267 LEU A O   1 
ATOM   231 C CB  A LEU A 1 288 ? 2.614   0.695   9.467   0.63 27.71 ? 267 LEU A CB  1 
ATOM   232 C CB  B LEU A 1 288 ? 2.560   0.767   9.447   0.37 27.85 ? 267 LEU A CB  1 
ATOM   233 C CG  A LEU A 1 288 ? 2.809   0.397   7.994   0.63 21.99 ? 267 LEU A CG  1 
ATOM   234 C CG  B LEU A 1 288 ? 3.694   0.131   8.664   0.37 24.85 ? 267 LEU A CG  1 
ATOM   235 C CD1 A LEU A 1 288 ? 3.953   1.264   7.489   0.63 28.56 ? 267 LEU A CD1 1 
ATOM   236 C CD1 B LEU A 1 288 ? 3.282   -1.233  8.086   0.37 20.36 ? 267 LEU A CD1 1 
ATOM   237 C CD2 A LEU A 1 288 ? 3.078   -1.109  7.740   0.63 23.95 ? 267 LEU A CD2 1 
ATOM   238 C CD2 B LEU A 1 288 ? 4.107   1.093   7.560   0.37 28.29 ? 267 LEU A CD2 1 
ATOM   239 N N   . ASP A 1 289 ? 2.062   0.644   12.603  1.00 21.60 ? 268 ASP A N   1 
ATOM   240 C CA  . ASP A 1 289 ? 2.629   0.458   13.940  1.00 23.37 ? 268 ASP A CA  1 
ATOM   241 C C   . ASP A 1 289 ? 2.040   -0.770  14.626  1.00 23.02 ? 268 ASP A C   1 
ATOM   242 O O   . ASP A 1 289 ? 2.767   -1.583  15.207  1.00 24.70 ? 268 ASP A O   1 
ATOM   243 C CB  . ASP A 1 289 ? 2.376   1.690   14.809  1.00 25.25 ? 268 ASP A CB  1 
ATOM   244 C CG  . ASP A 1 289 ? 3.168   2.894   14.362  1.00 34.25 ? 268 ASP A CG  1 
ATOM   245 O OD1 . ASP A 1 289 ? 4.336   2.738   13.952  1.00 31.48 ? 268 ASP A OD1 1 
ATOM   246 O OD2 . ASP A 1 289 ? 2.630   4.017   14.437  1.00 29.77 ? 268 ASP A OD2 1 
ATOM   247 N N   . ARG A 1 290 ? 0.717   -0.862  14.647  1.00 22.66 ? 269 ARG A N   1 
ATOM   248 C CA  . ARG A 1 290 ? 0.059   -1.971  15.335  1.00 22.19 ? 269 ARG A CA  1 
ATOM   249 C C   . ARG A 1 290 ? 0.272   -3.289  14.598  1.00 21.11 ? 269 ARG A C   1 
ATOM   250 O O   . ARG A 1 290 ? 0.554   -4.319  15.225  1.00 22.43 ? 269 ARG A O   1 
ATOM   251 C CB  . ARG A 1 290 ? -1.439  -1.667  15.486  1.00 25.86 ? 269 ARG A CB  1 
ATOM   252 C CG  . ARG A 1 290 ? -2.227  -2.810  16.168  1.00 30.36 ? 269 ARG A CG  1 
ATOM   253 C CD  . ARG A 1 290 ? -3.733  -2.531  16.204  1.00 41.12 ? 269 ARG A CD  1 
ATOM   254 N NE  . ARG A 1 290 ? -4.222  -2.008  14.929  1.00 50.68 ? 269 ARG A NE  1 
ATOM   255 C CZ  . ARG A 1 290 ? -4.551  -2.758  13.878  1.00 54.19 ? 269 ARG A CZ  1 
ATOM   256 N NH1 . ARG A 1 290 ? -4.451  -4.083  13.931  1.00 45.21 ? 269 ARG A NH1 1 
ATOM   257 N NH2 . ARG A 1 290 ? -4.983  -2.178  12.765  1.00 62.83 ? 269 ARG A NH2 1 
ATOM   258 N N   . LEU A 1 291 ? 0.161   -3.279  13.270  1.00 19.85 ? 270 LEU A N   1 
ATOM   259 C CA  . LEU A 1 291 ? 0.393   -4.505  12.515  1.00 20.18 ? 270 LEU A CA  1 
ATOM   260 C C   . LEU A 1 291 ? 1.818   -5.012  12.700  1.00 24.51 ? 270 LEU A C   1 
ATOM   261 O O   . LEU A 1 291 ? 2.046   -6.228  12.769  1.00 22.72 ? 270 LEU A O   1 
ATOM   262 C CB  . LEU A 1 291 ? 0.087   -4.268  11.040  1.00 19.71 ? 270 LEU A CB  1 
ATOM   263 C CG  . LEU A 1 291 ? -1.406  -4.109  10.817  1.00 22.33 ? 270 LEU A CG  1 
ATOM   264 C CD1 . LEU A 1 291 ? -1.624  -3.567  9.405   1.00 23.03 ? 270 LEU A CD1 1 
ATOM   265 C CD2 . LEU A 1 291 ? -2.134  -5.467  10.998  1.00 24.94 ? 270 LEU A CD2 1 
ATOM   266 N N   . SER A 1 292 ? 2.793   -4.099  12.754  1.00 21.62 ? 271 SER A N   1 
ATOM   267 C CA  . SER A 1 292 ? 4.180   -4.507  12.967  1.00 20.48 ? 271 SER A CA  1 
ATOM   268 C C   . SER A 1 292 ? 4.350   -5.168  14.323  1.00 24.37 ? 271 SER A C   1 
ATOM   269 O O   . SER A 1 292 ? 5.103   -6.140  14.457  1.00 24.06 ? 271 SER A O   1 
ATOM   270 C CB  . SER A 1 292 ? 5.109   -3.292  12.846  1.00 23.28 ? 271 SER A CB  1 
ATOM   271 O OG  . SER A 1 292 ? 5.080   -2.776  11.527  1.00 25.28 ? 271 SER A OG  1 
ATOM   272 N N   . ALA A 1 293 ? 3.672   -4.640  15.352  1.00 21.20 ? 272 ALA A N   1 
ATOM   273 C CA  . ALA A 1 293 ? 3.749   -5.246  16.680  1.00 19.32 ? 272 ALA A CA  1 
ATOM   274 C C   . ALA A 1 293 ? 3.117   -6.635  16.675  1.00 24.61 ? 272 ALA A C   1 
ATOM   275 O O   . ALA A 1 293 ? 3.597   -7.538  17.368  1.00 26.82 ? 272 ALA A O   1 
ATOM   276 C CB  . ALA A 1 293 ? 3.072   -4.344  17.711  1.00 22.92 ? 272 ALA A CB  1 
ATOM   277 N N   . ALA A 1 294 ? 2.027   -6.802  15.926  1.00 22.31 ? 273 ALA A N   1 
ATOM   278 C CA  . ALA A 1 294 ? 1.377   -8.115  15.800  1.00 22.11 ? 273 ALA A CA  1 
ATOM   279 C C   . ALA A 1 294 ? 2.268   -9.142  15.113  1.00 27.40 ? 273 ALA A C   1 
ATOM   280 O O   . ALA A 1 294 ? 2.247   -10.321 15.488  1.00 25.99 ? 273 ALA A O   1 
ATOM   281 C CB  . ALA A 1 294 ? 0.061   -7.970  15.034  1.00 23.44 ? 273 ALA A CB  1 
ATOM   282 N N   . VAL A 1 295 ? 3.008   -8.741  14.072  1.00 21.99 ? 274 VAL A N   1 
ATOM   283 C CA  . VAL A 1 295 ? 3.967   -9.651  13.437  1.00 22.20 ? 274 VAL A CA  1 
ATOM   284 C C   . VAL A 1 295 ? 5.115   -9.964  14.393  1.00 23.97 ? 274 VAL A C   1 
ATOM   285 O O   . VAL A 1 295 ? 5.503   -11.125 14.575  1.00 24.80 ? 274 VAL A O   1 
ATOM   286 C CB  . VAL A 1 295 ? 4.487   -9.042  12.120  1.00 22.93 ? 274 VAL A CB  1 
ATOM   287 C CG1 . VAL A 1 295 ? 5.623   -9.898  11.526  1.00 24.45 ? 274 VAL A CG1 1 
ATOM   288 C CG2 . VAL A 1 295 ? 3.366   -8.902  11.100  1.00 21.72 ? 274 VAL A CG2 1 
ATOM   289 N N   . ALA A 1 296 ? 5.663   -8.930  15.037  1.00 22.42 ? 275 ALA A N   1 
ATOM   290 C CA  . ALA A 1 296 ? 6.795   -9.150  15.939  1.00 24.38 ? 275 ALA A CA  1 
ATOM   291 C C   . ALA A 1 296 ? 6.426   -9.998  17.152  1.00 27.79 ? 275 ALA A C   1 
ATOM   292 O O   . ALA A 1 296 ? 7.302   -10.662 17.719  1.00 30.68 ? 275 ALA A O   1 
ATOM   293 C CB  . ALA A 1 296 ? 7.383   -7.813  16.411  1.00 25.33 ? 275 ALA A CB  1 
ATOM   294 N N   . ASP A 1 297 ? 5.165   -9.975  17.602  1.00 26.67 ? 276 ASP A N   1 
ATOM   295 C CA  . ASP A 1 297 ? 4.818   -10.747 18.795  1.00 26.59 ? 276 ASP A CA  1 
ATOM   296 C C   . ASP A 1 297 ? 4.183   -12.091 18.460  1.00 33.22 ? 276 ASP A C   1 
ATOM   297 O O   . ASP A 1 297 ? 3.839   -12.846 19.379  1.00 32.94 ? 276 ASP A O   1 
ATOM   298 C CB  . ASP A 1 297 ? 3.935   -9.930  19.764  1.00 37.21 ? 276 ASP A CB  1 
ATOM   299 C CG  . ASP A 1 297 ? 2.481   -9.758  19.319  1.00 40.37 ? 276 ASP A CG  1 
ATOM   300 O OD1 . ASP A 1 297 ? 1.958   -10.509 18.473  1.00 35.35 ? 276 ASP A OD1 1 
ATOM   301 O OD2 . ASP A 1 297 ? 1.832   -8.838  19.870  1.00 37.01 ? 276 ASP A OD2 1 
ATOM   302 N N   . GLY A 1 298 ? 4.050   -12.414 17.174  1.00 28.30 ? 277 GLY A N   1 
ATOM   303 C CA  . GLY A 1 298 ? 3.632   -13.739 16.753  1.00 27.99 ? 277 GLY A CA  1 
ATOM   304 C C   . GLY A 1 298 ? 2.148   -13.913 16.537  1.00 31.73 ? 277 GLY A C   1 
ATOM   305 O O   . GLY A 1 298 ? 1.704   -15.044 16.269  1.00 32.89 ? 277 GLY A O   1 
ATOM   306 N N   . SER A 1 299 ? 1.360   -12.848 16.639  1.00 28.84 ? 278 SER A N   1 
ATOM   307 C CA  A SER A 1 299 ? -0.081  -12.928 16.440  0.41 28.43 ? 278 SER A CA  1 
ATOM   308 C CA  B SER A 1 299 ? -0.068  -13.019 16.433  0.59 27.74 ? 278 SER A CA  1 
ATOM   309 C C   . SER A 1 299 ? -0.467  -12.922 14.970  1.00 31.06 ? 278 SER A C   1 
ATOM   310 O O   . SER A 1 299 ? -1.618  -13.233 14.638  1.00 32.80 ? 278 SER A O   1 
ATOM   311 C CB  A SER A 1 299 ? -0.777  -11.758 17.141  0.41 31.25 ? 278 SER A CB  1 
ATOM   312 C CB  B SER A 1 299 ? -0.861  -12.001 17.253  0.59 32.26 ? 278 SER A CB  1 
ATOM   313 O OG  A SER A 1 299 ? -0.359  -11.634 18.489  0.41 30.45 ? 278 SER A OG  1 
ATOM   314 O OG  B SER A 1 299 ? -0.394  -10.690 17.025  0.59 29.02 ? 278 SER A OG  1 
ATOM   315 N N   . SER A 1 300 ? 0.445   -12.526 14.090  1.00 27.98 ? 279 SER A N   1 
ATOM   316 C CA  . SER A 1 300 ? 0.120   -12.493 12.677  1.00 27.91 ? 279 SER A CA  1 
ATOM   317 C C   . SER A 1 300 ? 1.388   -12.724 11.880  1.00 25.64 ? 279 SER A C   1 
ATOM   318 O O   . SER A 1 300 ? 2.492   -12.434 12.344  1.00 25.62 ? 279 SER A O   1 
ATOM   319 C CB  . SER A 1 300 ? -0.507  -11.162 12.263  1.00 28.83 ? 279 SER A CB  1 
ATOM   320 O OG  . SER A 1 300 ? -0.860  -11.213 10.885  1.00 32.78 ? 279 SER A OG  1 
ATOM   321 N N   . ASP A 1 301 ? 1.226   -13.275 10.691  1.00 25.98 ? 280 ASP A N   1 
ATOM   322 C CA  . ASP A 1 301 ? 2.337   -13.258 9.760   1.00 24.44 ? 280 ASP A CA  1 
ATOM   323 C C   . ASP A 1 301 ? 2.331   -11.951 8.974   1.00 23.87 ? 280 ASP A C   1 
ATOM   324 O O   . ASP A 1 301 ? 1.312   -11.269 8.861   1.00 24.69 ? 280 ASP A O   1 
ATOM   325 C CB  . ASP A 1 301 ? 2.258   -14.443 8.805   1.00 21.86 ? 280 ASP A CB  1 
ATOM   326 C CG  . ASP A 1 301 ? 1.084   -14.339 7.887   1.00 26.21 ? 280 ASP A CG  1 
ATOM   327 O OD1 . ASP A 1 301 ? -0.044  -14.641 8.334   1.00 26.75 ? 280 ASP A OD1 1 
ATOM   328 O OD2 . ASP A 1 301 ? 1.275   -13.939 6.717   1.00 25.16 ? 280 ASP A OD2 1 
ATOM   329 N N   . ALA A 1 302 ? 3.484   -11.626 8.387   1.00 22.97 ? 281 ALA A N   1 
ATOM   330 C CA  . ALA A 1 302 ? 3.636   -10.352 7.694   1.00 21.84 ? 281 ALA A CA  1 
ATOM   331 C C   . ALA A 1 302 ? 2.826   -10.257 6.404   1.00 25.18 ? 281 ALA A C   1 
ATOM   332 O O   . ALA A 1 302 ? 2.536   -9.133  5.957   1.00 22.81 ? 281 ALA A O   1 
ATOM   333 C CB  . ALA A 1 302 ? 5.119   -10.101 7.397   1.00 22.27 ? 281 ALA A CB  1 
ATOM   334 N N   . TYR A 1 303 ? 2.503   -11.386 5.752   1.00 23.44 ? 282 TYR A N   1 
ATOM   335 C CA  . TYR A 1 303 ? 1.699   -11.318 4.535   1.00 21.69 ? 282 TYR A CA  1 
ATOM   336 C C   . TYR A 1 303 ? 0.262   -10.941 4.868   1.00 23.59 ? 282 TYR A C   1 
ATOM   337 O O   . TYR A 1 303 ? -0.325  -10.047 4.235   1.00 21.24 ? 282 TYR A O   1 
ATOM   338 C CB  . TYR A 1 303 ? 1.749   -12.651 3.757   1.00 20.26 ? 282 TYR A CB  1 
ATOM   339 C CG  . TYR A 1 303 ? 1.333   -12.498 2.295   1.00 21.22 ? 282 TYR A CG  1 
ATOM   340 C CD1 . TYR A 1 303 ? 2.280   -12.248 1.313   1.00 22.79 ? 282 TYR A CD1 1 
ATOM   341 C CD2 . TYR A 1 303 ? -0.014  -12.587 1.900   1.00 22.67 ? 282 TYR A CD2 1 
ATOM   342 C CE1 . TYR A 1 303 ? 1.907   -12.114 -0.030  1.00 23.65 ? 282 TYR A CE1 1 
ATOM   343 C CE2 . TYR A 1 303 ? -0.393  -12.456 0.563   1.00 26.37 ? 282 TYR A CE2 1 
ATOM   344 C CZ  . TYR A 1 303 ? 0.573   -12.224 -0.393  1.00 21.05 ? 282 TYR A CZ  1 
ATOM   345 O OH  . TYR A 1 303 ? 0.214   -12.058 -1.697  1.00 26.94 ? 282 TYR A OH  1 
ATOM   346 N N   . THR A 1 304 ? -0.328  -11.628 5.847   1.00 22.58 ? 283 THR A N   1 
ATOM   347 C CA  . THR A 1 304 ? -1.668  -11.255 6.282   1.00 24.21 ? 283 THR A CA  1 
ATOM   348 C C   . THR A 1 304 ? -1.695  -9.814  6.752   1.00 23.93 ? 283 THR A C   1 
ATOM   349 O O   . THR A 1 304 ? -2.634  -9.075  6.452   1.00 20.72 ? 283 THR A O   1 
ATOM   350 C CB  . THR A 1 304 ? -2.155  -12.186 7.396   1.00 21.99 ? 283 THR A CB  1 
ATOM   351 O OG1 . THR A 1 304 ? -2.113  -13.548 6.945   1.00 23.38 ? 283 THR A OG1 1 
ATOM   352 C CG2 . THR A 1 304 ? -3.588  -11.875 7.751   1.00 26.21 ? 283 THR A CG2 1 
ATOM   353 N N   . ALA A 1 305 ? -0.663  -9.398  7.477   1.00 22.26 ? 284 ALA A N   1 
ATOM   354 C CA  . ALA A 1 305 ? -0.623  -8.024  7.973   1.00 20.64 ? 284 ALA A CA  1 
ATOM   355 C C   . ALA A 1 305 ? -0.590  -7.035  6.819   1.00 22.66 ? 284 ALA A C   1 
ATOM   356 O O   . ALA A 1 305 ? -1.306  -6.019  6.831   1.00 20.99 ? 284 ALA A O   1 
ATOM   357 C CB  . ALA A 1 305 ? 0.588   -7.839  8.890   1.00 22.30 ? 284 ALA A CB  1 
ATOM   358 N N   . ALA A 1 306 ? 0.270   -7.288  5.829   1.00 20.35 ? 285 ALA A N   1 
ATOM   359 C CA  . ALA A 1 306 ? 0.353   -6.389  4.682   1.00 20.52 ? 285 ALA A CA  1 
ATOM   360 C C   . ALA A 1 306 ? -0.992  -6.304  3.966   1.00 25.09 ? 285 ALA A C   1 
ATOM   361 O O   . ALA A 1 306 ? -1.419  -5.220  3.567   1.00 22.38 ? 285 ALA A O   1 
ATOM   362 C CB  . ALA A 1 306 ? 1.466   -6.854  3.727   1.00 22.19 ? 285 ALA A CB  1 
ATOM   363 N N   . GLU A 1 307 ? -1.688  -7.440  3.805   1.00 20.89 ? 286 GLU A N   1 
ATOM   364 C CA  . GLU A 1 307 ? -3.005  -7.396  3.177   1.00 20.21 ? 286 GLU A CA  1 
ATOM   365 C C   . GLU A 1 307 ? -3.963  -6.473  3.920   1.00 23.71 ? 286 GLU A C   1 
ATOM   366 O O   . GLU A 1 307 ? -4.824  -5.840  3.299   1.00 24.23 ? 286 GLU A O   1 
ATOM   367 C CB  . GLU A 1 307 ? -3.614  -8.794  3.104   1.00 21.80 ? 286 GLU A CB  1 
ATOM   368 C CG  . GLU A 1 307 ? -3.041  -9.691  2.057   1.00 25.48 ? 286 GLU A CG  1 
ATOM   369 C CD  . GLU A 1 307 ? -3.690  -11.075 2.110   1.00 32.45 ? 286 GLU A CD  1 
ATOM   370 O OE1 . GLU A 1 307 ? -4.114  -11.504 3.213   1.00 31.10 ? 286 GLU A OE1 1 
ATOM   371 O OE2 . GLU A 1 307 ? -3.810  -11.700 1.045   1.00 29.98 ? 286 GLU A OE2 1 
ATOM   372 N N   . ARG A 1 308 ? -3.871  -6.427  5.250   1.00 21.13 ? 287 ARG A N   1 
ATOM   373 C CA  . ARG A 1 308 ? -4.816  -5.639  6.025   1.00 23.06 ? 287 ARG A CA  1 
ATOM   374 C C   . ARG A 1 308 ? -4.622  -4.150  5.834   1.00 23.33 ? 287 ARG A C   1 
ATOM   375 O O   . ARG A 1 308 ? -5.499  -3.378  6.234   1.00 25.70 ? 287 ARG A O   1 
ATOM   376 C CB  . ARG A 1 308 ? -4.713  -5.995  7.510   1.00 22.31 ? 287 ARG A CB  1 
ATOM   377 C CG  . ARG A 1 308 ? -5.142  -7.429  7.786   1.00 26.36 ? 287 ARG A CG  1 
ATOM   378 C CD  . ARG A 1 308 ? -5.369  -7.643  9.263   1.00 34.89 ? 287 ARG A CD  1 
ATOM   379 N NE  . ARG A 1 308 ? -5.588  -9.052  9.569   1.00 36.24 ? 287 ARG A NE  1 
ATOM   380 C CZ  . ARG A 1 308 ? -6.765  -9.662  9.478   1.00 42.76 ? 287 ARG A CZ  1 
ATOM   381 N NH1 . ARG A 1 308 ? -7.832  -8.982  9.076   1.00 41.00 ? 287 ARG A NH1 1 
ATOM   382 N NH2 . ARG A 1 308 ? -6.875  -10.952 9.783   1.00 43.49 ? 287 ARG A NH2 1 
ATOM   383 N N   . LEU A 1 309 ? -3.520  -3.730  5.214   1.00 21.73 ? 288 LEU A N   1 
ATOM   384 C CA  . LEU A 1 309 ? -3.362  -2.311  4.908   1.00 20.80 ? 288 LEU A CA  1 
ATOM   385 C C   . LEU A 1 309 ? -4.267  -1.844  3.770   1.00 21.16 ? 288 LEU A C   1 
ATOM   386 O O   . LEU A 1 309 ? -4.469  -0.636  3.601   1.00 21.21 ? 288 LEU A O   1 
ATOM   387 C CB  . LEU A 1 309 ? -1.906  -2.023  4.542   1.00 21.00 ? 288 LEU A CB  1 
ATOM   388 C CG  . LEU A 1 309 ? -0.831  -2.304  5.584   1.00 19.69 ? 288 LEU A CG  1 
ATOM   389 C CD1 . LEU A 1 309 ? 0.543   -2.295  4.918   1.00 22.50 ? 288 LEU A CD1 1 
ATOM   390 C CD2 . LEU A 1 309 ? -0.921  -1.275  6.719   1.00 24.79 ? 288 LEU A CD2 1 
ATOM   391 N N   . PHE A 1 310 ? -4.806  -2.756  2.973   1.00 22.67 ? 289 PHE A N   1 
ATOM   392 C CA  . PHE A 1 310 ? -5.457  -2.393  1.722   1.00 22.74 ? 289 PHE A CA  1 
ATOM   393 C C   . PHE A 1 310 ? -6.963  -2.568  1.815   1.00 25.35 ? 289 PHE A C   1 
ATOM   394 O O   . PHE A 1 310 ? -7.474  -3.371  2.602   1.00 32.49 ? 289 PHE A O   1 
ATOM   395 C CB  . PHE A 1 310 ? -4.891  -3.244  0.567   1.00 21.66 ? 289 PHE A CB  1 
ATOM   396 C CG  . PHE A 1 310 ? -3.461  -2.968  0.308   1.00 21.58 ? 289 PHE A CG  1 
ATOM   397 C CD1 . PHE A 1 310 ? -3.091  -1.806  -0.368  1.00 21.73 ? 289 PHE A CD1 1 
ATOM   398 C CD2 . PHE A 1 310 ? -2.470  -3.810  0.799   1.00 22.31 ? 289 PHE A CD2 1 
ATOM   399 C CE1 . PHE A 1 310 ? -1.758  -1.503  -0.576  1.00 25.15 ? 289 PHE A CE1 1 
ATOM   400 C CE2 . PHE A 1 310 ? -1.125  -3.505  0.599   1.00 22.29 ? 289 PHE A CE2 1 
ATOM   401 C CZ  . PHE A 1 310 ? -0.773  -2.353  -0.094  1.00 24.00 ? 289 PHE A CZ  1 
ATOM   402 N N   . ALA A 1 311 ? -7.666  -1.836  0.954   1.00 24.22 ? 290 ALA A N   1 
ATOM   403 C CA  . ALA A 1 311 ? -9.116  -1.917  0.862   1.00 33.95 ? 290 ALA A CA  1 
ATOM   404 C C   . ALA A 1 311 ? -9.493  -3.167  0.088   1.00 43.89 ? 290 ALA A C   1 
ATOM   405 O O   . ALA A 1 311 ? -8.656  -3.712  -0.635  1.00 43.35 ? 290 ALA A O   1 
ATOM   406 C CB  . ALA A 1 311 ? -9.679  -0.680  0.189   1.00 40.82 ? 290 ALA A CB  1 
HETATM 407 C C1  . EDO B 2 .   ? 6.080   5.569   13.347  1.00 43.25 ? 301 EDO A C1  1 
HETATM 408 O O1  . EDO B 2 .   ? 5.982   4.662   14.451  1.00 28.96 ? 301 EDO A O1  1 
HETATM 409 C C2  . EDO B 2 .   ? 5.101   6.720   13.539  1.00 43.55 ? 301 EDO A C2  1 
HETATM 410 O O2  . EDO B 2 .   ? 3.747   6.262   13.421  1.00 42.17 ? 301 EDO A O2  1 
HETATM 411 C C1  . EDO C 2 .   ? -0.713  -5.541  18.296  1.00 36.71 ? 302 EDO A C1  1 
HETATM 412 O O1  . EDO C 2 .   ? -2.048  -5.989  18.027  1.00 48.73 ? 302 EDO A O1  1 
HETATM 413 C C2  . EDO C 2 .   ? -0.094  -6.455  19.345  1.00 38.75 ? 302 EDO A C2  1 
HETATM 414 O O2  . EDO C 2 .   ? -0.314  -7.826  18.959  1.00 42.93 ? 302 EDO A O2  1 
HETATM 415 O O   . HOH D 3 .   ? -8.188  8.433   -24.705 1.00 61.33 ? 401 HOH A O   1 
HETATM 416 O O   . HOH D 3 .   ? -3.959  -10.598 -1.128  1.00 42.35 ? 402 HOH A O   1 
HETATM 417 O O   . HOH D 3 .   ? -6.396  3.082   11.760  1.00 52.48 ? 403 HOH A O   1 
HETATM 418 O O   . HOH D 3 .   ? -2.152  -12.456 -2.389  1.00 41.46 ? 404 HOH A O   1 
HETATM 419 O O   . HOH D 3 .   ? -5.279  -1.924  8.494   1.00 37.48 ? 405 HOH A O   1 
HETATM 420 O O   . HOH D 3 .   ? -2.936  -9.670  10.674  1.00 45.09 ? 406 HOH A O   1 
HETATM 421 O O   . HOH D 3 .   ? 8.440   3.940   0.490   1.00 60.52 ? 407 HOH A O   1 
HETATM 422 O O   . HOH D 3 .   ? -1.370  4.066   -26.884 1.00 46.47 ? 408 HOH A O   1 
HETATM 423 O O   . HOH D 3 .   ? 3.340   6.450   10.815  1.00 51.93 ? 409 HOH A O   1 
HETATM 424 O O   . HOH D 3 .   ? 3.232   11.191  -12.243 1.00 47.95 ? 410 HOH A O   1 
HETATM 425 O O   . HOH D 3 .   ? -10.558 8.879   -20.160 1.00 46.36 ? 411 HOH A O   1 
HETATM 426 O O   . HOH D 3 .   ? -6.324  -12.991 3.072   1.00 46.14 ? 412 HOH A O   1 
HETATM 427 O O   . HOH D 3 .   ? 1.856   3.384   -15.663 1.00 30.60 ? 413 HOH A O   1 
HETATM 428 O O   . HOH D 3 .   ? 4.940   -13.431 13.348  1.00 38.41 ? 414 HOH A O   1 
HETATM 429 O O   . HOH D 3 .   ? 6.969   3.542   7.745   1.00 33.67 ? 415 HOH A O   1 
HETATM 430 O O   . HOH D 3 .   ? -0.979  1.353   14.115  1.00 23.47 ? 416 HOH A O   1 
HETATM 431 O O   . HOH D 3 .   ? -2.871  1.675   -19.899 1.00 29.17 ? 417 HOH A O   1 
HETATM 432 O O   . HOH D 3 .   ? 2.021   10.294  -14.364 1.00 37.18 ? 418 HOH A O   1 
HETATM 433 O O   . HOH D 3 .   ? 2.189   -16.067 5.292   1.00 23.19 ? 419 HOH A O   1 
HETATM 434 O O   . HOH D 3 .   ? 2.635   -6.724  21.414  1.00 36.32 ? 420 HOH A O   1 
HETATM 435 O O   . HOH D 3 .   ? 5.521   -6.817  19.212  1.00 28.56 ? 421 HOH A O   1 
HETATM 436 O O   . HOH D 3 .   ? 1.708   3.404   11.742  1.00 27.68 ? 422 HOH A O   1 
HETATM 437 O O   . HOH D 3 .   ? -2.604  -3.660  -10.357 1.00 37.89 ? 423 HOH A O   1 
HETATM 438 O O   . HOH D 3 .   ? 6.635   3.005   -0.526  1.00 55.92 ? 424 HOH A O   1 
HETATM 439 O O   . HOH D 3 .   ? 1.992   -10.762 -3.413  1.00 30.58 ? 425 HOH A O   1 
HETATM 440 O O   . HOH D 3 .   ? 4.573   9.206   -11.554 1.00 49.32 ? 426 HOH A O   1 
HETATM 441 O O   . HOH D 3 .   ? -8.149  -4.300  6.778   1.00 39.24 ? 427 HOH A O   1 
HETATM 442 O O   . HOH D 3 .   ? -8.334  -6.174  8.878   1.00 66.12 ? 428 HOH A O   1 
HETATM 443 O O   . HOH D 3 .   ? -4.111  1.932   -15.637 1.00 24.32 ? 429 HOH A O   1 
HETATM 444 O O   . HOH D 3 .   ? 4.822   5.452   -10.061 1.00 32.96 ? 430 HOH A O   1 
HETATM 445 O O   . HOH D 3 .   ? -3.223  5.830   7.125   1.00 40.33 ? 431 HOH A O   1 
HETATM 446 O O   . HOH D 3 .   ? 1.154   10.616  3.778   1.00 36.62 ? 432 HOH A O   1 
HETATM 447 O O   . HOH D 3 .   ? 3.448   -17.355 16.203  1.00 50.19 ? 433 HOH A O   1 
HETATM 448 O O   . HOH D 3 .   ? -1.950  6.638   4.911   1.00 30.62 ? 434 HOH A O   1 
HETATM 449 O O   . HOH D 3 .   ? 4.128   12.236  -8.349  1.00 44.01 ? 435 HOH A O   1 
HETATM 450 O O   . HOH D 3 .   ? -3.720  0.913   14.776  1.00 32.91 ? 436 HOH A O   1 
HETATM 451 O O   . HOH D 3 .   ? 1.121   11.031  -1.123  1.00 23.39 ? 437 HOH A O   1 
HETATM 452 O O   . HOH D 3 .   ? -5.839  -6.772  0.625   1.00 47.39 ? 438 HOH A O   1 
HETATM 453 O O   . HOH D 3 .   ? 3.997   -12.652 22.395  1.00 64.83 ? 439 HOH A O   1 
HETATM 454 O O   . HOH D 3 .   ? -7.256  0.301   12.926  1.00 58.85 ? 440 HOH A O   1 
HETATM 455 O O   . HOH D 3 .   ? 3.740   9.365   13.736  1.00 36.20 ? 441 HOH A O   1 
HETATM 456 O O   . HOH D 3 .   ? 8.550   3.566   12.985  1.00 41.30 ? 442 HOH A O   1 
HETATM 457 O O   . HOH D 3 .   ? 5.723   12.051  3.785   1.00 55.31 ? 443 HOH A O   1 
HETATM 458 O O   . HOH D 3 .   ? 6.849   8.102   -4.694  1.00 56.85 ? 444 HOH A O   1 
HETATM 459 O O   . HOH D 3 .   ? -7.987  -1.945  11.641  1.00 64.77 ? 445 HOH A O   1 
HETATM 460 O O   . HOH D 3 .   ? -5.865  -6.660  12.615  1.00 58.33 ? 446 HOH A O   1 
HETATM 461 O O   . HOH D 3 .   ? 2.314   2.468   -13.206 1.00 33.91 ? 447 HOH A O   1 
HETATM 462 O O   . HOH D 3 .   ? -3.157  -10.019 15.429  1.00 55.86 ? 448 HOH A O   1 
HETATM 463 O O   . HOH D 3 .   ? 5.467   7.530   9.365   1.00 56.08 ? 449 HOH A O   1 
HETATM 464 O O   . HOH D 3 .   ? 6.028   4.124   -13.646 1.00 62.90 ? 450 HOH A O   1 
HETATM 465 O O   . HOH D 3 .   ? 1.015   7.123   11.065  1.00 45.63 ? 451 HOH A O   1 
HETATM 466 O O   . HOH D 3 .   ? 3.470   12.184  -2.334  1.00 40.04 ? 452 HOH A O   1 
HETATM 467 O O   . HOH D 3 .   ? 0.378   -15.970 12.789  1.00 38.00 ? 453 HOH A O   1 
HETATM 468 O O   . HOH D 3 .   ? -4.639  3.329   14.264  1.00 59.59 ? 454 HOH A O   1 
HETATM 469 O O   . HOH D 3 .   ? 5.520   4.401   -7.722  1.00 46.91 ? 455 HOH A O   1 
HETATM 470 O O   . HOH D 3 .   ? -6.663  -1.162  17.400  1.00 45.46 ? 456 HOH A O   1 
HETATM 471 O O   . HOH D 3 .   ? 2.146   -0.120  -12.862 1.00 40.26 ? 457 HOH A O   1 
HETATM 472 O O   . HOH D 3 .   ? -4.846  -3.870  19.038  1.00 44.62 ? 458 HOH A O   1 
HETATM 473 O O   . HOH D 3 .   ? 4.693   3.351   -11.758 1.00 46.40 ? 459 HOH A O   1 
HETATM 474 O O   . HOH D 3 .   ? -14.345 6.684   -20.464 1.00 57.49 ? 460 HOH A O   1 
HETATM 475 O O   . HOH D 3 .   ? -7.534  -11.398 1.221   1.00 69.73 ? 461 HOH A O   1 
HETATM 476 O O   . HOH D 3 .   ? -1.934  1.321   -17.359 1.00 28.73 ? 462 HOH A O   1 
HETATM 477 O O   . HOH D 3 .   ? -0.065  12.453  -14.339 1.00 50.82 ? 463 HOH A O   1 
HETATM 478 O O   . HOH D 3 .   ? -1.151  -7.368  22.863  1.00 65.63 ? 464 HOH A O   1 
HETATM 479 O O   . HOH D 3 .   ? -1.127  9.250   5.298   1.00 34.39 ? 465 HOH A O   1 
HETATM 480 O O   . HOH D 3 .   ? -3.423  -8.245  12.903  1.00 48.95 ? 466 HOH A O   1 
HETATM 481 O O   . HOH D 3 .   ? 1.745   -0.755  -15.618 1.00 52.19 ? 467 HOH A O   1 
HETATM 482 O O   A HOH D 3 .   ? -4.251  11.698  -15.434 0.54 31.50 ? 468 HOH A O   1 
HETATM 483 O O   B HOH D 3 .   ? -4.050  10.803  -17.339 0.46 33.01 ? 468 HOH A O   1 
HETATM 484 O O   . HOH D 3 .   ? 5.050   12.915  -12.805 1.00 49.05 ? 469 HOH A O   1 
HETATM 485 O O   . HOH D 3 .   ? 1.858   -18.894 14.114  1.00 51.54 ? 470 HOH A O   1 
HETATM 486 O O   . HOH D 3 .   ? -3.743  8.241   8.184   1.00 53.44 ? 471 HOH A O   1 
HETATM 487 O O   . HOH D 3 .   ? -8.976  -2.298  8.835   1.00 62.13 ? 472 HOH A O   1 
HETATM 488 O O   . HOH D 3 .   ? 0.705   1.172   -16.937 1.00 33.62 ? 473 HOH A O   1 
HETATM 489 O O   . HOH D 3 .   ? -3.956  -7.375  -1.305  1.00 41.24 ? 474 HOH A O   1 
# 
loop_
_atom_site_anisotrop.id 
_atom_site_anisotrop.type_symbol 
_atom_site_anisotrop.pdbx_label_atom_id 
_atom_site_anisotrop.pdbx_label_alt_id 
_atom_site_anisotrop.pdbx_label_comp_id 
_atom_site_anisotrop.pdbx_label_asym_id 
_atom_site_anisotrop.pdbx_label_seq_id 
_atom_site_anisotrop.pdbx_PDB_ins_code 
_atom_site_anisotrop.U[1][1] 
_atom_site_anisotrop.U[2][2] 
_atom_site_anisotrop.U[3][3] 
_atom_site_anisotrop.U[1][2] 
_atom_site_anisotrop.U[1][3] 
_atom_site_anisotrop.U[2][3] 
_atom_site_anisotrop.pdbx_auth_seq_id 
_atom_site_anisotrop.pdbx_auth_comp_id 
_atom_site_anisotrop.pdbx_auth_asym_id 
_atom_site_anisotrop.pdbx_auth_atom_id 
1   N N   . ASP A 261 ? 0.9401 0.9002 0.5645 -0.2104 -0.0022 0.1757  240 ASP A N   
2   C CA  . ASP A 261 ? 0.9401 0.8861 0.5257 -0.2053 -0.0298 0.1913  240 ASP A CA  
3   C C   . ASP A 261 ? 0.9402 0.9181 0.5321 -0.1903 -0.0346 0.1704  240 ASP A C   
4   O O   . ASP A 261 ? 1.0339 0.9980 0.6319 -0.1689 -0.0645 0.1795  240 ASP A O   
5   C CB  . ASP A 261 ? 1.0044 0.9604 0.5422 -0.2322 -0.0231 0.1997  240 ASP A CB  
6   N N   . THR A 262 ? 0.8014 0.8235 0.3952 -0.1999 -0.0061 0.1392  241 THR A N   
7   C CA  . THR A 262 ? 0.7061 0.7553 0.3026 -0.1906 -0.0081 0.1132  241 THR A CA  
8   C C   . THR A 262 ? 0.6951 0.7390 0.3508 -0.1638 -0.0127 0.1001  241 THR A C   
9   O O   . THR A 262 ? 0.6640 0.6900 0.3563 -0.1545 -0.0059 0.1047  241 THR A O   
10  C CB  . THR A 262 ? 0.7182 0.8043 0.3116 -0.2011 0.0254  0.0772  241 THR A CB  
11  O OG1 . THR A 262 ? 0.6714 0.7678 0.3057 -0.1959 0.0535  0.0604  241 THR A OG1 
12  C CG2 . THR A 262 ? 0.7384 0.8335 0.2908 -0.2222 0.0323  0.0852  241 THR A CG2 
13  N N   . PRO A 263 ? 0.5736 0.6336 0.2466 -0.1509 -0.0242 0.0803  242 PRO A N   
14  C CA  . PRO A 263 ? 0.5290 0.5867 0.2647 -0.1268 -0.0245 0.0645  242 PRO A CA  
15  C C   . PRO A 263 ? 0.4581 0.5181 0.2233 -0.1248 0.0072  0.0406  242 PRO A C   
16  O O   . PRO A 263 ? 0.4947 0.5413 0.3026 -0.1092 0.0098  0.0411  242 PRO A O   
17  C CB  . PRO A 263 ? 0.6020 0.6832 0.3403 -0.1252 -0.0391 0.0468  242 PRO A CB  
18  C CG  . PRO A 263 ? 0.6679 0.7598 0.3478 -0.1423 -0.0569 0.0604  242 PRO A CG  
19  C CD  . PRO A 263 ? 0.6493 0.7318 0.2842 -0.1619 -0.0371 0.0709  242 PRO A CD  
20  N N   . GLU A 264 ? 0.5852 0.6628 0.3274 -0.1381 0.0304  0.0183  243 GLU A N   
21  C CA  . GLU A 264 ? 0.5002 0.5829 0.2732 -0.1305 0.0580  -0.0053 243 GLU A CA  
22  C C   . GLU A 264 ? 0.4529 0.5314 0.2465 -0.1305 0.0664  0.0125  243 GLU A C   
23  O O   . GLU A 264 ? 0.4553 0.5265 0.2929 -0.1148 0.0713  0.0062  243 GLU A O   
24  C CB  . GLU A 264 ? 0.5647 0.6699 0.3066 -0.1416 0.0817  -0.0332 243 GLU A CB  
25  C CG  . GLU A 264 ? 0.6140 0.7158 0.3384 -0.1420 0.0764  -0.0604 243 GLU A CG  
26  C CD  . GLU A 264 ? 0.7258 0.8369 0.3970 -0.1618 0.0575  -0.0495 243 GLU A CD  
27  O OE1 . GLU A 264 ? 0.6966 0.8097 0.3460 -0.1712 0.0438  -0.0163 243 GLU A OE1 
28  O OE2 . GLU A 264 ? 0.7882 0.9009 0.4358 -0.1688 0.0541  -0.0740 243 GLU A OE2 
29  N N   . ARG A 265 ? 0.5152 0.5962 0.2731 -0.1516 0.0667  0.0364  244 ARG A N   
30  C CA  . ARG A 265 ? 0.5176 0.5960 0.2908 -0.1601 0.0759  0.0524  244 ARG A CA  
31  C C   . ARG A 265 ? 0.4884 0.5282 0.2916 -0.1447 0.0538  0.0709  244 ARG A C   
32  O O   . ARG A 265 ? 0.4355 0.4731 0.2760 -0.1384 0.0613  0.0671  244 ARG A O   
33  C CB  . ARG A 265 ? 0.6239 0.7064 0.3485 -0.1900 0.0787  0.0750  244 ARG A CB  
34  N N   . ARG A 266 ? 0.4987 0.5113 0.2866 -0.1365 0.0255  0.0890  245 ARG A N   
35  C CA  A ARG A 266 ? 0.5198 0.4970 0.3351 -0.1181 0.0058  0.1024  245 ARG A CA  
36  C CA  B ARG A 266 ? 0.5201 0.4974 0.3352 -0.1176 0.0052  0.1023  245 ARG A CA  
37  C C   . ARG A 266 ? 0.4460 0.4316 0.3129 -0.0948 0.0115  0.0781  245 ARG A C   
38  O O   . ARG A 266 ? 0.3974 0.3642 0.2921 -0.0849 0.0095  0.0802  245 ARG A O   
39  C CB  A ARG A 266 ? 0.6225 0.5763 0.4156 -0.1078 -0.0265 0.1234  245 ARG A CB  
40  C CB  B ARG A 266 ? 0.6112 0.5681 0.4054 -0.1065 -0.0267 0.1214  245 ARG A CB  
41  C CG  A ARG A 266 ? 0.7543 0.6752 0.4939 -0.1284 -0.0400 0.1580  245 ARG A CG  
42  C CG  B ARG A 266 ? 0.7580 0.6924 0.4928 -0.1278 -0.0405 0.1531  245 ARG A CG  
43  C CD  A ARG A 266 ? 0.8297 0.7300 0.5452 -0.1134 -0.0762 0.1788  245 ARG A CD  
44  C CD  B ARG A 266 ? 0.8199 0.7249 0.5449 -0.1065 -0.0787 0.1745  245 ARG A CD  
45  N NE  A ARG A 266 ? 0.7975 0.7419 0.5209 -0.1042 -0.0805 0.1593  245 ARG A NE  
46  N NE  B ARG A 266 ? 0.7606 0.6504 0.5373 -0.0749 -0.0879 0.1656  245 ARG A NE  
47  C CZ  A ARG A 266 ? 0.7887 0.7478 0.5520 -0.0761 -0.0968 0.1477  245 ARG A CZ  
48  C CZ  B ARG A 266 ? 0.7640 0.6060 0.5477 -0.0681 -0.0945 0.1779  245 ARG A CZ  
49  N NH1 A ARG A 266 ? 0.7791 0.7129 0.5769 -0.0497 -0.1095 0.1522  245 ARG A NH1 
50  N NH1 B ARG A 266 ? 0.8046 0.6058 0.5474 -0.0939 -0.0947 0.2029  245 ARG A NH1 
51  N NH2 A ARG A 266 ? 0.8009 0.8022 0.5680 -0.0764 -0.0999 0.1300  245 ARG A NH2 
52  N NH2 B ARG A 266 ? 0.6869 0.5215 0.5153 -0.0385 -0.1003 0.1642  245 ARG A NH2 
53  N N   . ARG A 267 ? 0.3751 0.3848 0.2503 -0.0889 0.0183  0.0554  246 ARG A N   
54  C CA  . ARG A 267 ? 0.3110 0.3232 0.2266 -0.0717 0.0234  0.0359  246 ARG A CA  
55  C C   . ARG A 267 ? 0.3291 0.3483 0.2650 -0.0717 0.0450  0.0219  246 ARG A C   
56  O O   . ARG A 267 ? 0.3387 0.3498 0.3056 -0.0583 0.0457  0.0153  246 ARG A O   
57  C CB  . ARG A 267 ? 0.3081 0.3353 0.2202 -0.0705 0.0208  0.0184  246 ARG A CB  
58  C CG  . ARG A 267 ? 0.3249 0.3560 0.2363 -0.0641 -0.0042 0.0301  246 ARG A CG  
59  C CD  . ARG A 267 ? 0.3277 0.3809 0.2274 -0.0727 -0.0096 0.0154  246 ARG A CD  
60  N NE  . ARG A 267 ? 0.3544 0.4238 0.2633 -0.0641 -0.0352 0.0262  246 ARG A NE  
61  C CZ  . ARG A 267 ? 0.3514 0.4480 0.2497 -0.0731 -0.0489 0.0197  246 ARG A CZ  
62  N NH1 . ARG A 267 ? 0.3699 0.4713 0.2413 -0.0931 -0.0386 0.0009  246 ARG A NH1 
63  N NH2 . ARG A 267 ? 0.3553 0.4762 0.2711 -0.0613 -0.0737 0.0294  246 ARG A NH2 
64  N N   . ALA A 268 ? 0.3345 0.3734 0.2533 -0.0862 0.0621  0.0174  247 ALA A N   
65  C CA  . ALA A 268 ? 0.2929 0.3494 0.2381 -0.0834 0.0808  0.0045  247 ALA A CA  
66  C C   . ALA A 268 ? 0.2945 0.3412 0.2570 -0.0882 0.0759  0.0219  247 ALA A C   
67  O O   . ALA A 268 ? 0.3134 0.3644 0.3093 -0.0775 0.0795  0.0133  247 ALA A O   
68  C CB  . ALA A 268 ? 0.3490 0.4413 0.2753 -0.0973 0.1028  -0.0076 247 ALA A CB  
69  N N   . ARG A 269 ? 0.3600 0.3892 0.2960 -0.1054 0.0657  0.0466  248 ARG A N   
70  C CA  . ARG A 269 ? 0.3582 0.3645 0.3047 -0.1127 0.0577  0.0627  248 ARG A CA  
71  C C   . ARG A 269 ? 0.3849 0.3629 0.3569 -0.0888 0.0426  0.0590  248 ARG A C   
72  O O   . ARG A 269 ? 0.3537 0.3251 0.3481 -0.0876 0.0419  0.0571  248 ARG A O   
73  C CB  . ARG A 269 ? 0.4277 0.4025 0.3324 -0.1344 0.0449  0.0921  248 ARG A CB  
74  C CG  . ARG A 269 ? 0.4921 0.4938 0.3643 -0.1676 0.0614  0.1014  248 ARG A CG  
75  C CD  . ARG A 269 ? 0.6910 0.6503 0.5295 -0.1885 0.0461  0.1308  248 ARG A CD  
76  N NE  . ARG A 269 ? 0.8031 0.7083 0.6125 -0.1760 0.0173  0.1514  248 ARG A NE  
77  C CZ  . ARG A 269 ? 0.9136 0.8151 0.6828 -0.1785 0.0073  0.1634  248 ARG A CZ  
78  N NH1 . ARG A 269 ? 0.9271 0.8719 0.6756 -0.1958 0.0256  0.1555  248 ARG A NH1 
79  N NH2 . ARG A 269 ? 0.9846 0.8418 0.7365 -0.1604 -0.0226 0.1806  248 ARG A NH2 
80  N N   . ALA A 270 ? 0.3153 0.2804 0.2828 -0.0721 0.0298  0.0580  249 ALA A N   
81  C CA  . ALA A 270 ? 0.3329 0.2806 0.3237 -0.0505 0.0189  0.0523  249 ALA A CA  
82  C C   . ALA A 270 ? 0.2991 0.2644 0.3178 -0.0416 0.0310  0.0329  249 ALA A C   
83  O O   . ALA A 270 ? 0.2802 0.2338 0.3165 -0.0330 0.0276  0.0296  249 ALA A O   
84  C CB  . ALA A 270 ? 0.3005 0.2467 0.2861 -0.0365 0.0049  0.0533  249 ALA A CB  
85  N N   . ARG A 271 ? 0.2469 0.2356 0.2657 -0.0426 0.0438  0.0193  250 ARG A N   
86  C CA  . ARG A 271 ? 0.2308 0.2262 0.2713 -0.0314 0.0517  0.0031  250 ARG A CA  
87  C C   . ARG A 271 ? 0.2488 0.2532 0.3089 -0.0328 0.0560  0.0029  250 ARG A C   
88  O O   . ARG A 271 ? 0.2346 0.2327 0.3122 -0.0219 0.0525  -0.0021 250 ARG A O   
89  C CB  . ARG A 271 ? 0.2263 0.2359 0.2589 -0.0311 0.0635  -0.0129 250 ARG A CB  
90  C CG  . ARG A 271 ? 0.2535 0.2527 0.2998 -0.0170 0.0659  -0.0278 250 ARG A CG  
91  C CD  . ARG A 271 ? 0.2963 0.3009 0.3319 -0.0149 0.0773  -0.0466 250 ARG A CD  
92  N NE  . ARG A 271 ? 0.3378 0.3147 0.3732 -0.0045 0.0751  -0.0588 250 ARG A NE  
93  C CZ  . ARG A 271 ? 0.4154 0.3729 0.4338 -0.0127 0.0694  -0.0613 250 ARG A CZ  
94  N NH1 . ARG A 271 ? 0.3779 0.3487 0.3838 -0.0265 0.0639  -0.0537 250 ARG A NH1 
95  N NH2 . ARG A 271 ? 0.3930 0.3177 0.4060 -0.0087 0.0674  -0.0706 250 ARG A NH2 
96  N N   . SER A 272 ? 0.2477 0.2716 0.3039 -0.0490 0.0638  0.0083  251 SER A N   
97  C CA  A SER A 272 ? 0.2307 0.2755 0.3103 -0.0549 0.0678  0.0071  251 SER A CA  
98  C CA  B SER A 272 ? 0.2272 0.2722 0.3068 -0.0550 0.0678  0.0072  251 SER A CA  
99  C CA  C SER A 272 ? 0.2343 0.2791 0.3140 -0.0548 0.0678  0.0070  251 SER A CA  
100 C C   . SER A 272 ? 0.2337 0.2497 0.3167 -0.0578 0.0527  0.0174  251 SER A C   
101 O O   . SER A 272 ? 0.2612 0.2858 0.3663 -0.0534 0.0495  0.0116  251 SER A O   
102 C CB  A SER A 272 ? 0.2639 0.3425 0.3369 -0.0787 0.0813  0.0116  251 SER A CB  
103 C CB  B SER A 272 ? 0.2667 0.3447 0.3392 -0.0790 0.0812  0.0120  251 SER A CB  
104 C CB  C SER A 272 ? 0.2620 0.3412 0.3356 -0.0783 0.0816  0.0112  251 SER A CB  
105 O OG  A SER A 272 ? 0.2408 0.3502 0.3099 -0.0738 0.0978  -0.0036 251 SER A OG  
106 O OG  B SER A 272 ? 0.2835 0.3945 0.3848 -0.0881 0.0855  0.0093  251 SER A OG  
107 O OG  C SER A 272 ? 0.3006 0.3537 0.3430 -0.1001 0.0743  0.0327  251 SER A OG  
108 N N   . GLN A 273 ? 0.2600 0.2404 0.3198 -0.0633 0.0417  0.0314  252 GLN A N   
109 C CA  . GLN A 273 ? 0.2550 0.1994 0.3135 -0.0625 0.0271  0.0370  252 GLN A CA  
110 C C   . GLN A 273 ? 0.2742 0.2110 0.3453 -0.0397 0.0222  0.0247  252 GLN A C   
111 O O   . GLN A 273 ? 0.3046 0.2339 0.3850 -0.0385 0.0165  0.0198  252 GLN A O   
112 C CB  . GLN A 273 ? 0.2990 0.2029 0.3291 -0.0662 0.0146  0.0530  252 GLN A CB  
113 C CG  . GLN A 273 ? 0.3495 0.2061 0.3748 -0.0608 -0.0015 0.0550  252 GLN A CG  
114 C CD  . GLN A 273 ? 0.4650 0.3077 0.4888 -0.0863 -0.0042 0.0597  252 GLN A CD  
115 O OE1 . GLN A 273 ? 0.4436 0.3244 0.4785 -0.1076 0.0074  0.0603  252 GLN A OE1 
116 N NE2 . GLN A 273 ? 0.4597 0.2484 0.4700 -0.0847 -0.0199 0.0610  252 GLN A NE2 
117 N N   . ILE A 274 ? 0.2677 0.2079 0.3364 -0.0254 0.0242  0.0197  253 ILE A N   
118 C CA  . ILE A 274 ? 0.2630 0.2003 0.3396 -0.0099 0.0225  0.0097  253 ILE A CA  
119 C C   . ILE A 274 ? 0.2984 0.2500 0.3892 -0.0082 0.0265  0.0023  253 ILE A C   
120 O O   . ILE A 274 ? 0.2923 0.2355 0.3855 -0.0030 0.0208  -0.0014 253 ILE A O   
121 C CB  . ILE A 274 ? 0.2361 0.1816 0.3085 -0.0029 0.0258  0.0059  253 ILE A CB  
122 C CG1 . ILE A 274 ? 0.2608 0.1983 0.3243 0.0010  0.0168  0.0127  253 ILE A CG1 
123 C CG2 . ILE A 274 ? 0.2624 0.2078 0.3397 0.0052  0.0276  -0.0025 253 ILE A CG2 
124 C CD1 . ILE A 274 ? 0.2499 0.2063 0.3113 0.0023  0.0181  0.0092  253 ILE A CD1 
125 N N   . LEU A 275 ? 0.2553 0.2297 0.3543 -0.0100 0.0352  -0.0011 254 LEU A N   
126 C CA  . LEU A 275 ? 0.2727 0.2616 0.3883 -0.0015 0.0356  -0.0085 254 LEU A CA  
127 C C   . LEU A 275 ? 0.2672 0.2676 0.3969 -0.0090 0.0283  -0.0065 254 LEU A C   
128 O O   . LEU A 275 ? 0.2799 0.2817 0.4175 -0.0006 0.0201  -0.0097 254 LEU A O   
129 C CB  . LEU A 275 ? 0.2485 0.2617 0.3732 0.0030  0.0468  -0.0169 254 LEU A CB  
130 C CG  . LEU A 275 ? 0.2912 0.2856 0.4021 0.0129  0.0503  -0.0236 254 LEU A CG  
131 C CD1 . LEU A 275 ? 0.2895 0.3046 0.4047 0.0173  0.0623  -0.0360 254 LEU A CD1 
132 C CD2 . LEU A 275 ? 0.3270 0.2988 0.4372 0.0261  0.0417  -0.0249 254 LEU A CD2 
133 N N   . SER A 276 ? 0.2193 0.2256 0.3487 -0.0278 0.0294  0.0001  255 SER A N   
134 C CA  . SER A 276 ? 0.2508 0.2669 0.3922 -0.0419 0.0215  0.0013  255 SER A CA  
135 C C   . SER A 276 ? 0.2948 0.2754 0.4228 -0.0378 0.0076  -0.0001 255 SER A C   
136 O O   . SER A 276 ? 0.3100 0.3007 0.4475 -0.0381 -0.0018 -0.0050 255 SER A O   
137 C CB  . SER A 276 ? 0.2556 0.2741 0.3904 -0.0692 0.0254  0.0113  255 SER A CB  
138 O OG  . SER A 276 ? 0.4063 0.4263 0.5483 -0.0894 0.0159  0.0127  255 SER A OG  
139 N N   . LEU A 277 ? 0.2846 0.2279 0.3906 -0.0328 0.0057  0.0024  256 LEU A N   
140 C CA  . LEU A 277 ? 0.3043 0.2177 0.3965 -0.0256 -0.0040 -0.0037 256 LEU A CA  
141 C C   . LEU A 277 ? 0.3009 0.2248 0.3935 -0.0107 -0.0036 -0.0104 256 LEU A C   
142 O O   . LEU A 277 ? 0.3547 0.2718 0.4395 -0.0101 -0.0120 -0.0163 256 LEU A O   
143 C CB  . LEU A 277 ? 0.3391 0.2204 0.4143 -0.0174 -0.0050 -0.0021 256 LEU A CB  
144 C CG  . LEU A 277 ? 0.3319 0.1850 0.3961 -0.0309 -0.0108 0.0081  256 LEU A CG  
145 C CD1 . LEU A 277 ? 0.3701 0.1970 0.4214 -0.0143 -0.0147 0.0107  256 LEU A CD1 
146 C CD2 . LEU A 277 ? 0.3760 0.1993 0.4318 -0.0455 -0.0223 0.0045  256 LEU A CD2 
147 N N   . ALA A 278 ? 0.2503 0.1861 0.3462 -0.0012 0.0050  -0.0088 257 ALA A N   
148 C CA  . ALA A 278 ? 0.2535 0.1883 0.3420 0.0091  0.0048  -0.0112 257 ALA A CA  
149 C C   . ALA A 278 ? 0.3072 0.2557 0.4047 0.0117  -0.0047 -0.0112 257 ALA A C   
150 O O   . ALA A 278 ? 0.2999 0.2387 0.3821 0.0169  -0.0114 -0.0108 257 ALA A O   
151 C CB  . ALA A 278 ? 0.2624 0.1991 0.3501 0.0142  0.0143  -0.0097 257 ALA A CB  
152 N N   . GLN A 279 ? 0.3214 0.2972 0.4436 0.0081  -0.0056 -0.0112 258 GLN A N   
153 C CA  . GLN A 279 ? 0.3361 0.3365 0.4753 0.0134  -0.0176 -0.0125 258 GLN A CA  
154 C C   . GLN A 279 ? 0.3282 0.3193 0.4534 0.0058  -0.0324 -0.0140 258 GLN A C   
155 O O   . GLN A 279 ? 0.3502 0.3435 0.4691 0.0145  -0.0457 -0.0126 258 GLN A O   
156 C CB  . GLN A 279 ? 0.4387 0.4838 0.6121 0.0056  -0.0142 -0.0151 258 GLN A CB  
157 C CG  . GLN A 279 ? 0.5622 0.6236 0.7477 0.0122  0.0018  -0.0176 258 GLN A CG  
158 C CD  . GLN A 279 ? 0.5733 0.6318 0.7626 0.0382  0.0003  -0.0217 258 GLN A CD  
159 O OE1 . GLN A 279 ? 0.5796 0.6424 0.7758 0.0521  -0.0149 -0.0212 258 GLN A OE1 
160 N NE2 . GLN A 279 ? 0.6443 0.6901 0.8252 0.0447  0.0134  -0.0254 258 GLN A NE2 
161 N N   . THR A 280 ? 0.3228 0.2994 0.4390 -0.0104 -0.0322 -0.0170 259 THR A N   
162 C CA  . THR A 280 ? 0.3039 0.2664 0.4021 -0.0193 -0.0458 -0.0231 259 THR A CA  
163 C C   . THR A 280 ? 0.3369 0.2722 0.4014 -0.0089 -0.0450 -0.0261 259 THR A C   
164 O O   . THR A 280 ? 0.3585 0.2927 0.4047 -0.0096 -0.0573 -0.0291 259 THR A O   
165 C CB  . THR A 280 ? 0.3729 0.3144 0.4667 -0.0382 -0.0457 -0.0268 259 THR A CB  
166 O OG1 . THR A 280 ? 0.4390 0.4119 0.5617 -0.0545 -0.0444 -0.0217 259 THR A OG1 
167 C CG2 . THR A 280 ? 0.4158 0.3353 0.4873 -0.0485 -0.0600 -0.0378 259 THR A CG2 
168 N N   . LEU A 281 ? 0.2872 0.2058 0.3421 -0.0017 -0.0306 -0.0256 260 LEU A N   
169 C CA  . LEU A 281 ? 0.3154 0.2202 0.3419 0.0048  -0.0254 -0.0290 260 LEU A CA  
170 C C   . LEU A 281 ? 0.3305 0.2403 0.3456 0.0094  -0.0305 -0.0198 260 LEU A C   
171 O O   . LEU A 281 ? 0.3704 0.2719 0.3542 0.0075  -0.0337 -0.0206 260 LEU A O   
172 C CB  . LEU A 281 ? 0.3270 0.2273 0.3555 0.0106  -0.0099 -0.0295 260 LEU A CB  
173 C CG  . LEU A 281 ? 0.3795 0.2653 0.4108 0.0122  -0.0079 -0.0377 260 LEU A CG  
174 C CD1 . LEU A 281 ? 0.4049 0.2970 0.4444 0.0202  0.0034  -0.0356 260 LEU A CD1 
175 C CD2 . LEU A 281 ? 0.3884 0.2582 0.3974 0.0149  -0.0108 -0.0534 260 LEU A CD2 
176 N N   . LEU A 282 ? 0.2929 0.2127 0.3288 0.0161  -0.0315 -0.0110 261 LEU A N   
177 C CA  . LEU A 282 ? 0.2913 0.2046 0.3151 0.0245  -0.0408 -0.0010 261 LEU A CA  
178 C C   . LEU A 282 ? 0.3283 0.2515 0.3461 0.0252  -0.0625 0.0006  261 LEU A C   
179 O O   . LEU A 282 ? 0.3468 0.2538 0.3300 0.0253  -0.0723 0.0080  261 LEU A O   
180 C CB  . LEU A 282 ? 0.3146 0.2340 0.3648 0.0364  -0.0377 0.0026  261 LEU A CB  
181 C CG  . LEU A 282 ? 0.3249 0.2325 0.3702 0.0522  -0.0519 0.0117  261 LEU A CG  
182 C CD1 . LEU A 282 ? 0.3549 0.2211 0.3552 0.0471  -0.0512 0.0225  261 LEU A CD1 
183 C CD2 . LEU A 282 ? 0.3264 0.2418 0.4016 0.0675  -0.0463 0.0078  261 LEU A CD2 
184 N N   . ARG A 283 ? 0.3182 0.2707 0.3675 0.0225  -0.0713 -0.0051 262 ARG A N   
185 C CA  . ARG A 283 ? 0.3714 0.3430 0.4206 0.0212  -0.0948 -0.0050 262 ARG A CA  
186 C C   . ARG A 283 ? 0.3839 0.3352 0.3885 0.0086  -0.1007 -0.0103 262 ARG A C   
187 O O   . ARG A 283 ? 0.3814 0.3348 0.3631 0.0095  -0.1208 -0.0054 262 ARG A O   
188 C CB  . ARG A 283 ? 0.4142 0.4270 0.5072 0.0120  -0.0993 -0.0125 262 ARG A CB  
189 C CG  . ARG A 283 ? 0.6511 0.7046 0.7647 0.0147  -0.1250 -0.0119 262 ARG A CG  
190 C CD  . ARG A 283 ? 0.7284 0.8360 0.8949 0.0037  -0.1238 -0.0187 262 ARG A CD  
191 N NE  . ARG A 283 ? 0.7966 0.8911 0.9578 -0.0253 -0.1131 -0.0264 262 ARG A NE  
192 C CZ  . ARG A 283 ? 0.7575 0.8478 0.9315 -0.0334 -0.0922 -0.0263 262 ARG A CZ  
193 N NH1 . ARG A 283 ? 0.7350 0.8391 0.9290 -0.0160 -0.0776 -0.0221 262 ARG A NH1 
194 N NH2 . ARG A 283 ? 0.6775 0.7445 0.8398 -0.0590 -0.0876 -0.0304 262 ARG A NH2 
195 N N   . ASN A 284 ? 0.4452 0.2860 0.3888 -0.0752 -0.0733 0.0069  263 ASN A N   
196 C CA  . ASN A 284 ? 0.4535 0.2524 0.3741 -0.0629 -0.0890 -0.0061 263 ASN A CA  
197 C C   . ASN A 284 ? 0.4603 0.2653 0.3746 -0.0354 -0.0781 -0.0212 263 ASN A C   
198 O O   . ASN A 284 ? 0.5045 0.2780 0.3970 -0.0187 -0.0867 -0.0329 263 ASN A O   
199 C CB  . ASN A 284 ? 0.5053 0.2534 0.4031 -0.0679 -0.1085 -0.0014 263 ASN A CB  
200 C CG  . ASN A 284 ? 0.5468 0.2815 0.4490 -0.0994 -0.1236 0.0154  263 ASN A CG  
201 O OD1 . ASN A 284 ? 0.6332 0.3868 0.5526 -0.1143 -0.1266 0.0183  263 ASN A OD1 
202 N ND2 . ASN A 284 ? 0.6669 0.3674 0.5540 -0.1106 -0.1355 0.0277  263 ASN A ND2 
203 N N   . HIS A 285 ? 0.3894 0.2344 0.3217 -0.0301 -0.0592 -0.0209 264 HIS A N   
204 C CA  . HIS A 285 ? 0.3495 0.2057 0.2819 -0.0089 -0.0486 -0.0307 264 HIS A CA  
205 C C   . HIS A 285 ? 0.4148 0.2629 0.3341 0.0037  -0.0485 -0.0423 264 HIS A C   
206 O O   . HIS A 285 ? 0.4133 0.2673 0.3332 -0.0039 -0.0493 -0.0421 264 HIS A O   
207 C CB  . HIS A 285 ? 0.3226 0.2175 0.2756 -0.0110 -0.0328 -0.0268 264 HIS A CB  
208 C CG  . HIS A 285 ? 0.3652 0.2745 0.3251 0.0041  -0.0242 -0.0319 264 HIS A CG  
209 N ND1 . HIS A 285 ? 0.3645 0.2798 0.3229 0.0176  -0.0178 -0.0397 264 HIS A ND1 
210 C CD2 . HIS A 285 ? 0.4667 0.3900 0.4371 0.0059  -0.0210 -0.0290 264 HIS A CD2 
211 C CE1 . HIS A 285 ? 0.4341 0.3701 0.4071 0.0257  -0.0105 -0.0401 264 HIS A CE1 
212 N NE2 . HIS A 285 ? 0.5050 0.4445 0.4858 0.0186  -0.0144 -0.0343 264 HIS A NE2 
213 N N   . ALA A 286 ? 0.4220 0.2584 0.3285 0.0249  -0.0472 -0.0521 265 ALA A N   
214 C CA  . ALA A 286 ? 0.4767 0.3014 0.3615 0.0402  -0.0460 -0.0637 265 ALA A CA  
215 C C   . ALA A 286 ? 0.4562 0.3150 0.3504 0.0413  -0.0285 -0.0627 265 ALA A C   
216 O O   . ALA A 286 ? 0.4530 0.3021 0.3249 0.0500  -0.0275 -0.0696 265 ALA A O   
217 C CB  . ALA A 286 ? 0.5497 0.3600 0.4200 0.0668  -0.0455 -0.0746 265 ALA A CB  
218 N N   . ASP A 287 ? 0.3956 0.2889 0.3173 0.0332  -0.0166 -0.0541 266 ASP A N   
219 C CA  . ASP A 287 ? 0.3410 0.2591 0.2692 0.0322  -0.0031 -0.0514 266 ASP A CA  
220 C C   . ASP A 287 ? 0.3627 0.2842 0.2958 0.0169  -0.0074 -0.0459 266 ASP A C   
221 O O   . ASP A 287 ? 0.3261 0.2602 0.2600 0.0161  -0.0001 -0.0431 266 ASP A O   
222 C CB  . ASP A 287 ? 0.3374 0.2872 0.2914 0.0325  0.0096  -0.0460 266 ASP A CB  
223 C CG  . ASP A 287 ? 0.5025 0.4611 0.4607 0.0493  0.0154  -0.0504 266 ASP A CG  
224 O OD1 . ASP A 287 ? 0.5197 0.4956 0.5008 0.0485  0.0159  -0.0468 266 ASP A OD1 
225 O OD2 . ASP A 287 ? 0.5341 0.4823 0.4719 0.0653  0.0183  -0.0582 266 ASP A OD2 
226 N N   . LEU A 288 ? 0.3619 0.2741 0.2996 0.0049  -0.0194 -0.0428 267 LEU A N   
227 C CA  A LEU A 288 ? 0.3376 0.2627 0.2873 -0.0071 -0.0224 -0.0373 267 LEU A CA  
228 C CA  B LEU A 288 ? 0.3448 0.2696 0.2945 -0.0071 -0.0225 -0.0373 267 LEU A CA  
229 C C   . LEU A 288 ? 0.3423 0.2579 0.2761 -0.0046 -0.0287 -0.0408 267 LEU A C   
230 O O   . LEU A 288 ? 0.3722 0.3021 0.3138 -0.0067 -0.0267 -0.0373 267 LEU A O   
231 C CB  A LEU A 288 ? 0.3897 0.3128 0.3501 -0.0215 -0.0326 -0.0314 267 LEU A CB  
232 C CB  B LEU A 288 ? 0.3923 0.3141 0.3520 -0.0213 -0.0328 -0.0316 267 LEU A CB  
233 C CG  A LEU A 288 ? 0.3041 0.2480 0.2835 -0.0290 -0.0254 -0.0235 267 LEU A CG  
234 C CG  B LEU A 288 ? 0.3372 0.2862 0.3206 -0.0326 -0.0302 -0.0232 267 LEU A CG  
235 C CD1 A LEU A 288 ? 0.3848 0.3282 0.3724 -0.0455 -0.0348 -0.0149 267 LEU A CD1 
236 C CD1 B LEU A 288 ? 0.2697 0.2408 0.2632 -0.0258 -0.0159 -0.0229 267 LEU A CD1 
237 C CD2 A LEU A 288 ? 0.3153 0.2860 0.3088 -0.0260 -0.0145 -0.0223 267 LEU A CD2 
238 C CD2 B LEU A 288 ? 0.3790 0.3267 0.3691 -0.0458 -0.0342 -0.0148 267 LEU A CD2 
239 N N   . ASP A 289 ? 0.3423 0.2293 0.2493 0.0015  -0.0387 -0.0483 268 ASP A N   
240 C CA  . ASP A 289 ? 0.3770 0.2498 0.2611 0.0046  -0.0477 -0.0523 268 ASP A CA  
241 C C   . ASP A 289 ? 0.3710 0.2571 0.2468 0.0137  -0.0325 -0.0505 268 ASP A C   
242 O O   . ASP A 289 ? 0.3922 0.2812 0.2651 0.0109  -0.0372 -0.0471 268 ASP A O   
243 C CB  . ASP A 289 ? 0.4262 0.2598 0.2734 0.0141  -0.0604 -0.0636 268 ASP A CB  
244 C CG  . ASP A 289 ? 0.5470 0.3570 0.3971 0.0008  -0.0824 -0.0638 268 ASP A CG  
245 O OD1 . ASP A 289 ? 0.4987 0.3231 0.3742 -0.0177 -0.0926 -0.0552 268 ASP A OD1 
246 O OD2 . ASP A 289 ? 0.5090 0.2858 0.3364 0.0090  -0.0904 -0.0719 268 ASP A OD2 
247 N N   . ARG A 290 ? 0.3656 0.2587 0.2364 0.0243  -0.0157 -0.0518 269 ARG A N   
248 C CA  . ARG A 290 ? 0.3579 0.2641 0.2209 0.0294  -0.0001 -0.0468 269 ARG A CA  
249 C C   . ARG A 290 ? 0.3278 0.2555 0.2190 0.0186  0.0046  -0.0367 269 ARG A C   
250 O O   . ARG A 290 ? 0.3476 0.2744 0.2303 0.0169  0.0055  -0.0309 269 ARG A O   
251 C CB  . ARG A 290 ? 0.4023 0.3194 0.2609 0.0425  0.0175  -0.0491 269 ARG A CB  
252 C CG  . ARG A 290 ? 0.4540 0.3907 0.3087 0.0436  0.0361  -0.0398 269 ARG A CG  
253 C CD  . ARG A 290 ? 0.5797 0.5405 0.4422 0.0552  0.0556  -0.0398 269 ARG A CD  
254 N NE  . ARG A 290 ? 0.6856 0.6591 0.5809 0.0547  0.0528  -0.0424 269 ARG A NE  
255 C CZ  . ARG A 290 ? 0.7110 0.7060 0.6416 0.0421  0.0545  -0.0340 269 ARG A CZ  
256 N NH1 . ARG A 290 ? 0.5914 0.5957 0.5306 0.0285  0.0584  -0.0231 269 ARG A NH1 
257 N NH2 . ARG A 290 ? 0.8107 0.8127 0.7639 0.0435  0.0497  -0.0370 269 ARG A NH2 
258 N N   . LEU A 291 ? 0.2976 0.2392 0.2175 0.0125  0.0059  -0.0350 270 LEU A N   
259 C CA  . LEU A 291 ? 0.2902 0.2458 0.2308 0.0052  0.0081  -0.0285 270 LEU A CA  
260 C C   . LEU A 291 ? 0.3459 0.2979 0.2875 0.0020  -0.0032 -0.0273 270 LEU A C   
261 O O   . LEU A 291 ? 0.3219 0.2754 0.2659 0.0016  -0.0029 -0.0227 270 LEU A O   
262 C CB  . LEU A 291 ? 0.2729 0.2400 0.2359 0.0014  0.0096  -0.0287 270 LEU A CB  
263 C CG  . LEU A 291 ? 0.3009 0.2774 0.2701 0.0050  0.0193  -0.0283 270 LEU A CG  
264 C CD1 . LEU A 291 ? 0.3033 0.2843 0.2875 0.0028  0.0159  -0.0295 270 LEU A CD1 
265 C CD2 . LEU A 291 ? 0.3281 0.3152 0.3045 0.0007  0.0273  -0.0211 270 LEU A CD2 
266 N N   . SER A 292 ? 0.3107 0.2581 0.2527 -0.0004 -0.0153 -0.0307 271 SER A N   
267 C CA  . SER A 292 ? 0.2918 0.2440 0.2421 -0.0029 -0.0274 -0.0290 271 SER A CA  
268 C C   . SER A 292 ? 0.3542 0.2914 0.2803 0.0026  -0.0332 -0.0280 271 SER A C   
269 O O   . SER A 292 ? 0.3465 0.2883 0.2793 0.0047  -0.0394 -0.0246 271 SER A O   
270 C CB  . SER A 292 ? 0.3247 0.2766 0.2832 -0.0107 -0.0410 -0.0307 271 SER A CB  
271 O OG  . SER A 292 ? 0.3387 0.3043 0.3177 -0.0175 -0.0354 -0.0283 271 SER A OG  
272 N N   . ALA A 293 ? 0.3311 0.2489 0.2256 0.0073  -0.0319 -0.0311 272 ALA A N   
273 C CA  . ALA A 293 ? 0.3236 0.2242 0.1862 0.0130  -0.0360 -0.0287 272 ALA A CA  
274 C C   . ALA A 293 ? 0.3893 0.2942 0.2516 0.0131  -0.0234 -0.0194 272 ALA A C   
275 O O   . ALA A 293 ? 0.4261 0.3193 0.2736 0.0150  -0.0310 -0.0137 272 ALA A O   
276 C CB  . ALA A 293 ? 0.3892 0.2689 0.2126 0.0206  -0.0337 -0.0350 272 ALA A CB  
277 N N   . ALA A 294 ? 0.3508 0.2690 0.2281 0.0103  -0.0071 -0.0170 273 ALA A N   
278 C CA  . ALA A 294 ? 0.3465 0.2665 0.2273 0.0061  0.0017  -0.0070 273 ALA A CA  
279 C C   . ALA A 294 ? 0.4081 0.3265 0.3064 0.0050  -0.0090 -0.0053 273 ALA A C   
280 O O   . ALA A 294 ? 0.3987 0.3025 0.2861 0.0039  -0.0116 0.0028  273 ALA A O   
281 C CB  . ALA A 294 ? 0.3511 0.2888 0.2506 0.0019  0.0170  -0.0056 273 ALA A CB  
282 N N   . VAL A 295 ? 0.3265 0.2587 0.2502 0.0060  -0.0142 -0.0122 274 VAL A N   
283 C CA  . VAL A 295 ? 0.3232 0.2580 0.2623 0.0104  -0.0229 -0.0128 274 VAL A CA  
284 C C   . VAL A 295 ? 0.3517 0.2781 0.2809 0.0171  -0.0384 -0.0117 274 VAL A C   
285 O O   . VAL A 295 ? 0.3682 0.2815 0.2922 0.0234  -0.0462 -0.0082 274 VAL A O   
286 C CB  . VAL A 295 ? 0.3156 0.2734 0.2822 0.0105  -0.0211 -0.0190 274 VAL A CB  
287 C CG1 . VAL A 295 ? 0.3265 0.2936 0.3089 0.0200  -0.0279 -0.0212 274 VAL A CG1 
288 C CG2 . VAL A 295 ? 0.2968 0.2588 0.2699 0.0055  -0.0096 -0.0199 274 VAL A CG2 
289 N N   . ALA A 296 ? 0.3327 0.2620 0.2571 0.0163  -0.0463 -0.0148 275 ALA A N   
290 C CA  . ALA A 296 ? 0.3620 0.2850 0.2793 0.0221  -0.0653 -0.0140 275 ALA A CA  
291 C C   . ALA A 296 ? 0.4283 0.3207 0.3069 0.0256  -0.0693 -0.0068 275 ALA A C   
292 O O   . ALA A 296 ? 0.4702 0.3529 0.3427 0.0331  -0.0864 -0.0041 275 ALA A O   
293 C CB  . ALA A 296 ? 0.3728 0.2999 0.2898 0.0175  -0.0768 -0.0189 275 ALA A CB  
294 N N   . ASP A 297 ? 0.4277 0.3061 0.2796 0.0208  -0.0545 -0.0021 276 ASP A N   
295 C CA  . ASP A 297 ? 0.4493 0.3000 0.2608 0.0220  -0.0561 0.0080  276 ASP A CA  
296 C C   . ASP A 297 ? 0.5368 0.3764 0.3487 0.0176  -0.0491 0.0189  276 ASP A C   
297 O O   . ASP A 297 ? 0.5529 0.3675 0.3312 0.0153  -0.0496 0.0312  276 ASP A O   
298 C CB  . ASP A 297 ? 0.5986 0.4412 0.3737 0.0207  -0.0442 0.0086  276 ASP A CB  
299 C CG  . ASP A 297 ? 0.6311 0.4889 0.4140 0.0144  -0.0189 0.0116  276 ASP A CG  
300 O OD1 . ASP A 297 ? 0.5562 0.4232 0.3637 0.0073  -0.0111 0.0173  276 ASP A OD1 
301 O OD2 . ASP A 297 ? 0.5945 0.4546 0.3571 0.0180  -0.0081 0.0076  276 ASP A OD2 
302 N N   . GLY A 298 ? 0.4588 0.3123 0.3041 0.0156  -0.0446 0.0152  277 GLY A N   
303 C CA  . GLY A 298 ? 0.4608 0.2964 0.3065 0.0120  -0.0451 0.0231  277 GLY A CA  
304 C C   . GLY A 298 ? 0.5072 0.3452 0.3532 -0.0029 -0.0279 0.0316  277 GLY A C   
305 O O   . GLY A 298 ? 0.5292 0.3473 0.3733 -0.0103 -0.0310 0.0402  277 GLY A O   
306 N N   . SER A 299 ? 0.4615 0.3227 0.3115 -0.0073 -0.0118 0.0295  278 SER A N   
307 C CA  A SER A 299 ? 0.4493 0.3233 0.3077 -0.0202 0.0050  0.0379  278 SER A CA  
308 C CA  B SER A 299 ? 0.4412 0.3136 0.2993 -0.0206 0.0043  0.0385  278 SER A CA  
309 C C   . SER A 299 ? 0.4660 0.3549 0.3593 -0.0241 0.0056  0.0308  278 SER A C   
310 O O   . SER A 299 ? 0.4805 0.3788 0.3870 -0.0365 0.0139  0.0385  278 SER A O   
311 C CB  A SER A 299 ? 0.4813 0.3761 0.3299 -0.0178 0.0218  0.0367  278 SER A CB  
312 C CB  B SER A 299 ? 0.4962 0.3877 0.3418 -0.0199 0.0221  0.0401  278 SER A CB  
313 O OG  A SER A 299 ? 0.4900 0.3682 0.2987 -0.0116 0.0201  0.0404  278 SER A OG  
314 O OG  B SER A 299 ? 0.4489 0.3531 0.3006 -0.0089 0.0207  0.0245  278 SER A OG  
315 N N   . SER A 300 ? 0.4200 0.3144 0.3285 -0.0143 -0.0028 0.0173  279 SER A N   
316 C CA  . SER A 300 ? 0.4072 0.3126 0.3405 -0.0163 -0.0024 0.0105  279 SER A CA  
317 C C   . SER A 300 ? 0.3776 0.2789 0.3175 -0.0043 -0.0136 0.0001  279 SER A C   
318 O O   . SER A 300 ? 0.3778 0.2814 0.3141 0.0050  -0.0194 -0.0033 279 SER A O   
319 C CB  . SER A 300 ? 0.4048 0.3373 0.3532 -0.0168 0.0086  0.0048  279 SER A CB  
320 O OG  . SER A 300 ? 0.4462 0.3856 0.4138 -0.0191 0.0070  -0.0004 279 SER A OG  
321 N N   . ASP A 301 ? 0.3802 0.2769 0.3299 -0.0039 -0.0171 -0.0048 280 ASP A N   
322 C CA  . ASP A 301 ? 0.3559 0.2593 0.3135 0.0100  -0.0218 -0.0159 280 ASP A CA  
323 C C   . ASP A 301 ? 0.3338 0.2660 0.3070 0.0091  -0.0126 -0.0216 280 ASP A C   
324 O O   . ASP A 301 ? 0.3400 0.2805 0.3176 -0.0003 -0.0057 -0.0192 280 ASP A O   
325 C CB  . ASP A 301 ? 0.3329 0.2128 0.2848 0.0149  -0.0305 -0.0208 280 ASP A CB  
326 C CG  . ASP A 301 ? 0.3862 0.2664 0.3433 0.0037  -0.0280 -0.0216 280 ASP A CG  
327 O OD1 . ASP A 301 ? 0.3959 0.2675 0.3530 -0.0120 -0.0284 -0.0118 280 ASP A OD1 
328 O OD2 . ASP A 301 ? 0.3674 0.2591 0.3293 0.0102  -0.0257 -0.0309 280 ASP A OD2 
329 N N   . ALA A 302 ? 0.3140 0.2625 0.2964 0.0194  -0.0128 -0.0281 281 ALA A N   
330 C CA  . ALA A 302 ? 0.2873 0.2605 0.2821 0.0163  -0.0052 -0.0303 281 ALA A CA  
331 C C   . ALA A 302 ? 0.3302 0.3026 0.3240 0.0135  -0.0010 -0.0334 281 ALA A C   
332 O O   . ALA A 302 ? 0.2943 0.2793 0.2933 0.0077  0.0040  -0.0325 281 ALA A O   
333 C CB  . ALA A 302 ? 0.2804 0.2768 0.2890 0.0253  -0.0053 -0.0330 281 ALA A CB  
334 N N   . TYR A 303 ? 0.3175 0.2714 0.3018 0.0180  -0.0060 -0.0375 282 TYR A N   
335 C CA  . TYR A 303 ? 0.2984 0.2480 0.2778 0.0151  -0.0061 -0.0411 282 TYR A CA  
336 C C   . TYR A 303 ? 0.3211 0.2688 0.3065 0.0007  -0.0067 -0.0351 282 TYR A C   
337 O O   . TYR A 303 ? 0.2862 0.2446 0.2762 -0.0032 -0.0041 -0.0350 282 TYR A O   
338 C CB  . TYR A 303 ? 0.2945 0.2181 0.2573 0.0247  -0.0152 -0.0492 282 TYR A CB  
339 C CG  . TYR A 303 ? 0.3117 0.2319 0.2628 0.0268  -0.0161 -0.0560 282 TYR A CG  
340 C CD1 . TYR A 303 ? 0.3300 0.2637 0.2721 0.0410  -0.0082 -0.0626 282 TYR A CD1 
341 C CD2 . TYR A 303 ? 0.3353 0.2414 0.2845 0.0144  -0.0251 -0.0545 282 TYR A CD2 
342 C CE1 . TYR A 303 ? 0.3495 0.2766 0.2726 0.0439  -0.0092 -0.0683 282 TYR A CE1 
343 C CE2 . TYR A 303 ? 0.3895 0.2887 0.3236 0.0171  -0.0298 -0.0610 282 TYR A CE2 
344 C CZ  . TYR A 303 ? 0.3255 0.2320 0.2425 0.0324  -0.0217 -0.0681 282 TYR A CZ  
345 O OH  . TYR A 303 ? 0.4103 0.3079 0.3053 0.0356  -0.0257 -0.0737 282 TYR A OH  
346 N N   . THR A 304 ? 0.3120 0.2479 0.2978 -0.0065 -0.0100 -0.0287 283 THR A N   
347 C CA  . THR A 304 ? 0.3259 0.2707 0.3231 -0.0189 -0.0070 -0.0212 283 THR A CA  
348 C C   . THR A 304 ? 0.3130 0.2794 0.3170 -0.0172 0.0028  -0.0202 283 THR A C   
349 O O   . THR A 304 ? 0.2645 0.2438 0.2789 -0.0202 0.0052  -0.0193 283 THR A O   
350 C CB  . THR A 304 ? 0.3026 0.2356 0.2975 -0.0281 -0.0085 -0.0112 283 THR A CB  
351 O OG1 . THR A 304 ? 0.3333 0.2364 0.3184 -0.0304 -0.0217 -0.0120 283 THR A OG1 
352 C CG2 . THR A 304 ? 0.3441 0.2957 0.3559 -0.0406 -0.0025 -0.0022 283 THR A CG2 
353 N N   . ALA A 305 ? 0.2933 0.2616 0.2910 -0.0114 0.0056  -0.0211 284 ALA A N   
354 C CA  . ALA A 305 ? 0.2686 0.2483 0.2674 -0.0099 0.0108  -0.0215 284 ALA A CA  
355 C C   . ALA A 305 ? 0.2901 0.2769 0.2942 -0.0090 0.0103  -0.0252 284 ALA A C   
356 O O   . ALA A 305 ? 0.2664 0.2578 0.2734 -0.0090 0.0121  -0.0252 284 ALA A O   
357 C CB  . ALA A 305 ? 0.2934 0.2699 0.2840 -0.0059 0.0084  -0.0219 284 ALA A CB  
358 N N   . ALA A 306 ? 0.2610 0.2484 0.2638 -0.0065 0.0082  -0.0281 285 ALA A N   
359 C CA  . ALA A 306 ? 0.2615 0.2543 0.2638 -0.0072 0.0088  -0.0288 285 ALA A CA  
360 C C   . ALA A 306 ? 0.3203 0.3095 0.3237 -0.0091 0.0056  -0.0291 285 ALA A C   
361 O O   . ALA A 306 ? 0.2855 0.2759 0.2889 -0.0098 0.0043  -0.0278 285 ALA A O   
362 C CB  . ALA A 306 ? 0.2822 0.2806 0.2805 -0.0023 0.0106  -0.0311 285 ALA A CB  
363 N N   . GLU A 307 ? 0.2686 0.2517 0.2734 -0.0107 0.0013  -0.0302 286 GLU A N   
364 C CA  . GLU A 307 ? 0.2576 0.2414 0.2690 -0.0143 -0.0050 -0.0296 286 GLU A CA  
365 C C   . GLU A 307 ? 0.2922 0.2900 0.3187 -0.0148 -0.0015 -0.0258 286 GLU A C   
366 O O   . GLU A 307 ? 0.2945 0.2979 0.3282 -0.0136 -0.0066 -0.0257 286 GLU A O   
367 C CB  . GLU A 307 ? 0.2800 0.2539 0.2943 -0.0201 -0.0129 -0.0295 286 GLU A CB  
368 C CG  . GLU A 307 ? 0.3399 0.2935 0.3347 -0.0159 -0.0208 -0.0366 286 GLU A CG  
369 C CD  . GLU A 307 ? 0.4345 0.3689 0.4298 -0.0237 -0.0331 -0.0362 286 GLU A CD  
370 O OE1 . GLU A 307 ? 0.4116 0.3495 0.4204 -0.0325 -0.0310 -0.0283 286 GLU A OE1 
371 O OE2 . GLU A 307 ? 0.4152 0.3290 0.3947 -0.0219 -0.0458 -0.0432 286 GLU A OE2 
372 N N   . ARG A 308 ? 0.2568 0.2599 0.2861 -0.0143 0.0063  -0.0233 287 ARG A N   
373 C CA  . ARG A 308 ? 0.2729 0.2903 0.3128 -0.0104 0.0120  -0.0213 287 ARG A CA  
374 C C   . ARG A 308 ? 0.2806 0.2929 0.3131 -0.0021 0.0104  -0.0252 287 ARG A C   
375 O O   . ARG A 308 ? 0.3051 0.3266 0.3448 0.0059  0.0127  -0.0261 287 ARG A O   
376 C CB  . ARG A 308 ? 0.2641 0.2845 0.2993 -0.0104 0.0215  -0.0180 287 ARG A CB  
377 C CG  . ARG A 308 ? 0.3122 0.3349 0.3547 -0.0209 0.0221  -0.0106 287 ARG A CG  
378 C CD  . ARG A 308 ? 0.4198 0.4491 0.4566 -0.0212 0.0337  -0.0040 287 ARG A CD  
379 N NE  . ARG A 308 ? 0.4381 0.4621 0.4769 -0.0341 0.0325  0.0059  287 ARG A NE  
380 C CZ  . ARG A 308 ? 0.5076 0.5487 0.5684 -0.0461 0.0338  0.0155  287 ARG A CZ  
381 N NH1 . ARG A 308 ? 0.4670 0.5374 0.5534 -0.0441 0.0369  0.0153  287 ARG A NH1 
382 N NH2 . ARG A 308 ? 0.5216 0.5503 0.5806 -0.0609 0.0301  0.0262  287 ARG A NH2 
383 N N   . LEU A 309 ? 0.2692 0.2679 0.2884 -0.0035 0.0063  -0.0267 288 LEU A N   
384 C CA  . LEU A 309 ? 0.2639 0.2518 0.2747 0.0004  0.0016  -0.0277 288 LEU A CA  
385 C C   . LEU A 309 ? 0.2674 0.2548 0.2819 0.0032  -0.0061 -0.0269 288 LEU A C   
386 O O   . LEU A 309 ? 0.2743 0.2497 0.2820 0.0088  -0.0121 -0.0272 288 LEU A O   
387 C CB  . LEU A 309 ? 0.2734 0.2519 0.2726 -0.0061 0.0000  -0.0256 288 LEU A CB  
388 C CG  . LEU A 309 ? 0.2574 0.2363 0.2545 -0.0086 0.0029  -0.0261 288 LEU A CG  
389 C CD1 . LEU A 309 ? 0.2917 0.2748 0.2884 -0.0158 0.0024  -0.0223 288 LEU A CD1 
390 C CD2 . LEU A 309 ? 0.3294 0.2952 0.3175 -0.0044 -0.0004 -0.0291 288 LEU A CD2 
391 N N   . PHE A 310 ? 0.2813 0.2766 0.3035 -0.0002 -0.0095 -0.0262 289 PHE A N   
392 C CA  . PHE A 310 ? 0.2843 0.2752 0.3044 0.0014  -0.0205 -0.0254 289 PHE A CA  
393 C C   . PHE A 310 ? 0.3027 0.3124 0.3481 0.0056  -0.0258 -0.0255 289 PHE A C   
394 O O   . PHE A 310 ? 0.3803 0.4088 0.4452 0.0025  -0.0196 -0.0246 289 PHE A O   
395 C CB  . PHE A 310 ? 0.2786 0.2610 0.2834 -0.0045 -0.0240 -0.0255 289 PHE A CB  
396 C CG  . PHE A 310 ? 0.2870 0.2607 0.2723 -0.0072 -0.0172 -0.0237 289 PHE A CG  
397 C CD1 . PHE A 310 ? 0.2981 0.2601 0.2674 -0.0081 -0.0200 -0.0184 289 PHE A CD1 
398 C CD2 . PHE A 310 ? 0.2945 0.2735 0.2798 -0.0092 -0.0085 -0.0255 289 PHE A CD2 
399 C CE1 . PHE A 310 ? 0.3456 0.3067 0.3032 -0.0139 -0.0124 -0.0135 289 PHE A CE1 
400 C CE2 . PHE A 310 ? 0.2971 0.2774 0.2727 -0.0114 -0.0017 -0.0224 289 PHE A CE2 
401 C CZ  . PHE A 310 ? 0.3246 0.2990 0.2884 -0.0153 -0.0027 -0.0157 289 PHE A CZ  
402 N N   . ALA A 311 ? 0.2895 0.2956 0.3353 0.0116  -0.0382 -0.0250 290 ALA A N   
403 C CA  . ALA A 311 ? 0.3949 0.4246 0.4704 0.0165  -0.0465 -0.0245 290 ALA A CA  
404 C C   . ALA A 311 ? 0.5168 0.5511 0.5999 0.0047  -0.0567 -0.0235 290 ALA A C   
405 O O   . ALA A 311 ? 0.5263 0.5382 0.5824 -0.0020 -0.0594 -0.0251 290 ALA A O   
406 C CB  . ALA A 311 ? 0.4863 0.5067 0.5579 0.0292  -0.0600 -0.0246 290 ALA A CB  
# 
